data_6D92
#
_entry.id   6D92
#
_cell.length_a   68.237
_cell.length_b   118.942
_cell.length_c   118.559
_cell.angle_alpha   90.000
_cell.angle_beta   95.720
_cell.angle_gamma   90.000
#
_symmetry.space_group_name_H-M   'P 1 21 1'
#
loop_
_entity.id
_entity.type
_entity.pdbx_description
1 polymer 'Uncharacterized protein'
2 polymer "RNA (5'-R(P*UP*UP*AP*CP*UP*GP*CP*AP*CP*AP*GP*GP*UP*GP*AP*CP*GP*A)-3')"
3 polymer "DNA (5'-D(P*TP*CP*GP*TP*CP*AP*CP*CP*TP*GP*TP*GP*CP*AP*GP*AP*AP*AP*C)-3')"
4 polymer "DNA (5'-D(P*TP*GP*TP*CP*GP*TP*CP*AP*CP*CP*TP*GP*TP*GP*CP*AP*GP*AP*AP*AP*C)-3')"
5 non-polymer 'ACETATE ION'
6 non-polymer 'MAGNESIUM ION'
7 non-polymer (4S)-2-METHYL-2,4-PENTANEDIOL
8 water water
#
loop_
_entity_poly.entity_id
_entity_poly.type
_entity_poly.pdbx_seq_one_letter_code
_entity_poly.pdbx_strand_id
1 'polypeptide(L)'
;MHHHHHHDYKDDDDKAPVQAADEMYDSNPHPDRRQLVSNGFEVNLPDQVEVIVRDLPDPSKVKEERTRLMGYWFVHWFDG
KLFHLRIKAGGPNVDGEHRAIRTAEHPWLLRARLDDALEEALPKYAAVKKRPFTFLAQKDELIDAAATAAGLSHRLLNSF
KVIPRFALSPKIYEPVDGTTRVGVFVTIGMRYDIEASLRDLLEAGIDLRGMYVVRRKRQPGERGLLGRVRAISDDMVQLF
EETDLASVNVNDAKLEGSKENFTRCLSALLGHNYKKLLNALDDQEAGYRTGPRFDDAVRRMGEFLAKKPIRLADNINAQV
GDRIVFSNEGQARNVRLAPKVEYVFDRTGAKSAEYAWRGLSQFGPFDRPSFANRSPRILVVYPSSTQGKVENFLSAFRDG
MGSNYSGFSKGFVDLMGLTKVEFVMCPVEVSSADRNGAHTKYNSAIEDKLAGAGEVHAGIVVLFEDHARLPDDRNPYIHT
KSLLLTLGVPTQQVRMPTVLLEPKSLQYTLQNFSIATYAKLNGTPWTVNHDKAINDELVVGMGLAELSGSRTEKRQRFVG
ITTVFAGDGSYLLGNVSKECEYEGYSDAIRESMTGILRELKKRNNWRPGDTVRVVFHAHRPLKRVDVASIVFECTREIGS
DQNIQMAFVTVSHDHPFVLIDRSERGLEAYKGSTARKGVFAPPRGAISRVGRLTRLLAVNSPQLIKRANTPLPTPLLVSL
HPDSTFKDVDYLAEQALKFTSLSWRSTLPAATPVTIFYSERIAELLGRLKSIPNWSSANLNIKLKWSRWFL
;
A,F
2 'polyribonucleotide' UUACUGCACAGGUGACGA C,H
3 'polydeoxyribonucleotide' (DT)(DC)(DG)(DT)(DC)(DA)(DC)(DC)(DT)(DG)(DT)(DG)(DC)(DA)(DG)(DA)(DA)(DA)(DC) G
4 'polydeoxyribonucleotide'
;(DT)(DG)(DT)(DC)(DG)(DT)(DC)(DA)(DC)(DC)(DT)(DG)(DT)(DG)(DC)(DA)(DG)(DA)(DA)(DA)
(DC)
;
J
#
loop_
_chem_comp.id
_chem_comp.type
_chem_comp.name
_chem_comp.formula
A RNA linking ADENOSINE-5'-MONOPHOSPHATE 'C10 H14 N5 O7 P'
ACT non-polymer 'ACETATE ION' 'C2 H3 O2 -1'
C RNA linking CYTIDINE-5'-MONOPHOSPHATE 'C9 H14 N3 O8 P'
DA DNA linking 2'-DEOXYADENOSINE-5'-MONOPHOSPHATE 'C10 H14 N5 O6 P'
DC DNA linking 2'-DEOXYCYTIDINE-5'-MONOPHOSPHATE 'C9 H14 N3 O7 P'
DG DNA linking 2'-DEOXYGUANOSINE-5'-MONOPHOSPHATE 'C10 H14 N5 O7 P'
DT DNA linking THYMIDINE-5'-MONOPHOSPHATE 'C10 H15 N2 O8 P'
G RNA linking GUANOSINE-5'-MONOPHOSPHATE 'C10 H14 N5 O8 P'
MG non-polymer 'MAGNESIUM ION' 'Mg 2'
MPD non-polymer (4S)-2-METHYL-2,4-PENTANEDIOL 'C6 H14 O2'
U RNA linking URIDINE-5'-MONOPHOSPHATE 'C9 H13 N2 O9 P'
#
# COMPACT_ATOMS: atom_id res chain seq x y z
N ARG A 34 -20.73 -46.01 17.88
CA ARG A 34 -20.94 -46.25 16.42
C ARG A 34 -20.76 -44.98 15.57
N GLN A 35 -21.16 -43.81 16.08
CA GLN A 35 -21.09 -42.57 15.29
C GLN A 35 -20.73 -41.30 16.07
N LEU A 36 -20.17 -40.36 15.34
CA LEU A 36 -19.97 -39.00 15.85
C LEU A 36 -20.82 -37.99 15.08
N VAL A 37 -21.52 -37.14 15.81
CA VAL A 37 -22.37 -36.14 15.22
C VAL A 37 -21.61 -34.81 15.04
N SER A 38 -21.79 -34.23 13.87
CA SER A 38 -21.21 -32.91 13.56
C SER A 38 -22.10 -31.74 13.98
N ASN A 39 -21.58 -30.53 13.82
CA ASN A 39 -22.33 -29.31 13.99
C ASN A 39 -22.85 -28.80 12.66
N GLY A 40 -22.98 -29.69 11.67
CA GLY A 40 -23.40 -29.26 10.37
C GLY A 40 -24.63 -30.01 9.85
N PHE A 41 -25.28 -29.40 8.86
CA PHE A 41 -26.46 -29.97 8.19
C PHE A 41 -26.22 -30.10 6.71
N GLU A 42 -26.72 -31.21 6.14
CA GLU A 42 -26.74 -31.38 4.70
C GLU A 42 -27.53 -30.28 4.07
N VAL A 43 -27.07 -29.80 2.92
CA VAL A 43 -27.84 -28.88 2.12
C VAL A 43 -28.20 -29.56 0.80
N ASN A 44 -29.50 -29.81 0.62
CA ASN A 44 -29.98 -30.40 -0.63
C ASN A 44 -30.03 -29.32 -1.70
N LEU A 45 -29.24 -29.53 -2.76
CA LEU A 45 -29.09 -28.57 -3.84
C LEU A 45 -29.67 -29.13 -5.15
N PRO A 46 -29.98 -28.23 -6.11
CA PRO A 46 -30.34 -28.79 -7.41
C PRO A 46 -29.17 -29.60 -7.98
N ASP A 47 -29.49 -30.63 -8.76
CA ASP A 47 -28.47 -31.39 -9.50
C ASP A 47 -27.65 -30.48 -10.42
N GLN A 48 -28.26 -29.41 -10.93
CA GLN A 48 -27.65 -28.61 -11.96
C GLN A 48 -28.14 -27.16 -11.92
N VAL A 49 -27.29 -26.24 -12.37
CA VAL A 49 -27.72 -24.86 -12.56
C VAL A 49 -27.14 -24.32 -13.87
N GLU A 50 -27.92 -23.51 -14.58
CA GLU A 50 -27.45 -22.88 -15.81
C GLU A 50 -26.75 -21.55 -15.52
N VAL A 51 -25.65 -21.33 -16.23
CA VAL A 51 -24.75 -20.23 -15.97
C VAL A 51 -24.29 -19.66 -17.30
N ILE A 52 -23.81 -18.43 -17.29
CA ILE A 52 -23.15 -17.82 -18.44
C ILE A 52 -21.70 -17.55 -18.09
N VAL A 53 -20.81 -17.86 -19.03
CA VAL A 53 -19.38 -17.83 -18.78
C VAL A 53 -18.68 -16.89 -19.74
N ARG A 54 -17.88 -15.97 -19.21
CA ARG A 54 -17.03 -15.10 -20.01
C ARG A 54 -15.58 -15.34 -19.65
N ASP A 55 -14.70 -15.37 -20.65
CA ASP A 55 -13.27 -15.36 -20.38
C ASP A 55 -12.96 -14.01 -19.75
N LEU A 56 -12.20 -14.01 -18.67
CA LEU A 56 -11.92 -12.80 -17.91
C LEU A 56 -10.52 -12.98 -17.29
N PRO A 57 -9.48 -12.89 -18.13
CA PRO A 57 -8.12 -13.18 -17.68
C PRO A 57 -7.62 -12.24 -16.59
N ASP A 58 -8.14 -11.02 -16.53
CA ASP A 58 -7.77 -10.06 -15.51
C ASP A 58 -8.87 -9.91 -14.45
N PRO A 59 -8.62 -10.40 -13.22
CA PRO A 59 -9.59 -10.30 -12.14
C PRO A 59 -9.91 -8.88 -11.66
N SER A 60 -9.12 -7.89 -12.09
CA SER A 60 -9.37 -6.50 -11.72
C SER A 60 -10.72 -5.99 -12.20
N LYS A 61 -11.19 -6.53 -13.32
CA LYS A 61 -12.49 -6.13 -13.87
C LYS A 61 -13.68 -6.61 -13.02
N VAL A 62 -13.44 -7.61 -12.16
CA VAL A 62 -14.53 -8.32 -11.48
C VAL A 62 -15.41 -7.43 -10.58
N LYS A 63 -14.81 -6.46 -9.90
CA LYS A 63 -15.57 -5.62 -8.96
C LYS A 63 -16.59 -4.74 -9.69
N GLU A 64 -16.19 -4.16 -10.82
CA GLU A 64 -17.08 -3.31 -11.62
C GLU A 64 -18.24 -4.11 -12.17
N GLU A 65 -17.97 -5.35 -12.58
CA GLU A 65 -19.01 -6.20 -13.16
C GLU A 65 -20.00 -6.71 -12.13
N ARG A 66 -19.53 -6.95 -10.91
CA ARG A 66 -20.40 -7.37 -9.82
C ARG A 66 -21.30 -6.22 -9.39
N THR A 67 -20.74 -5.01 -9.38
CA THR A 67 -21.52 -3.79 -9.11
C THR A 67 -22.63 -3.59 -10.15
N ARG A 68 -22.27 -3.61 -11.43
CA ARG A 68 -23.21 -3.41 -12.53
C ARG A 68 -24.38 -4.40 -12.55
N LEU A 69 -24.16 -5.64 -12.12
CA LEU A 69 -25.18 -6.67 -12.21
C LEU A 69 -25.82 -6.99 -10.86
N MET A 70 -25.51 -6.15 -9.87
CA MET A 70 -26.04 -6.30 -8.52
C MET A 70 -27.55 -6.46 -8.53
N GLY A 71 -28.05 -7.52 -7.92
CA GLY A 71 -29.48 -7.75 -7.80
C GLY A 71 -30.05 -8.78 -8.76
N TYR A 72 -29.55 -8.80 -9.99
CA TYR A 72 -30.06 -9.72 -11.03
C TYR A 72 -29.17 -10.94 -11.25
N TRP A 73 -27.89 -10.81 -10.90
CA TRP A 73 -26.90 -11.87 -11.14
C TRP A 73 -25.98 -12.09 -9.93
N PHE A 74 -25.70 -13.35 -9.64
CA PHE A 74 -24.58 -13.73 -8.81
C PHE A 74 -23.39 -13.98 -9.73
N VAL A 75 -22.23 -13.43 -9.33
CA VAL A 75 -21.05 -13.42 -10.14
C VAL A 75 -19.91 -14.06 -9.33
N HIS A 76 -19.04 -14.84 -9.98
CA HIS A 76 -17.98 -15.60 -9.28
C HIS A 76 -16.83 -15.88 -10.23
N TRP A 77 -15.63 -15.44 -9.86
CA TRP A 77 -14.44 -15.62 -10.68
C TRP A 77 -13.67 -16.87 -10.24
N PHE A 78 -13.35 -17.75 -11.18
CA PHE A 78 -12.61 -18.99 -10.89
C PHE A 78 -11.88 -19.46 -12.14
N ASP A 79 -10.56 -19.64 -12.02
CA ASP A 79 -9.72 -20.20 -13.10
C ASP A 79 -9.78 -19.35 -14.38
N GLY A 80 -9.72 -18.03 -14.22
CA GLY A 80 -9.66 -17.09 -15.34
C GLY A 80 -10.97 -16.87 -16.09
N LYS A 81 -12.10 -17.27 -15.48
CA LYS A 81 -13.41 -17.11 -16.12
C LYS A 81 -14.46 -16.63 -15.14
N LEU A 82 -15.28 -15.68 -15.58
CA LEU A 82 -16.35 -15.15 -14.74
C LEU A 82 -17.62 -15.95 -14.97
N PHE A 83 -18.18 -16.46 -13.87
CA PHE A 83 -19.41 -17.24 -13.94
C PHE A 83 -20.58 -16.36 -13.47
N HIS A 84 -21.69 -16.43 -14.19
CA HIS A 84 -22.86 -15.60 -13.93
C HIS A 84 -24.08 -16.48 -13.72
N LEU A 85 -24.68 -16.39 -12.54
CA LEU A 85 -25.90 -17.12 -12.23
C LEU A 85 -27.02 -16.08 -12.05
N ARG A 86 -28.01 -16.11 -12.95
CA ARG A 86 -29.12 -15.17 -12.87
C ARG A 86 -29.91 -15.49 -11.61
N ILE A 87 -30.17 -14.47 -10.80
CA ILE A 87 -30.97 -14.63 -9.59
C ILE A 87 -32.35 -13.99 -9.70
N LYS A 88 -32.43 -12.84 -10.33
CA LYS A 88 -33.68 -12.08 -10.49
C LYS A 88 -33.92 -11.81 -11.97
N ALA A 89 -35.17 -11.92 -12.42
CA ALA A 89 -35.52 -11.68 -13.83
C ALA A 89 -35.34 -10.21 -14.23
N GLY A 90 -34.90 -9.98 -15.47
CA GLY A 90 -34.75 -8.63 -16.01
C GLY A 90 -33.30 -8.21 -16.18
N GLY A 91 -33.07 -7.18 -17.00
CA GLY A 91 -31.72 -6.72 -17.31
C GLY A 91 -30.98 -6.20 -16.09
N PRO A 92 -29.67 -5.91 -16.23
CA PRO A 92 -28.88 -5.93 -17.46
C PRO A 92 -28.64 -7.33 -18.06
N ASN A 93 -28.20 -7.34 -19.30
CA ASN A 93 -27.89 -8.57 -20.01
C ASN A 93 -26.43 -8.93 -19.85
N VAL A 94 -26.12 -10.19 -20.20
CA VAL A 94 -24.77 -10.72 -20.12
C VAL A 94 -24.49 -11.60 -21.34
N ASP A 95 -23.32 -11.41 -21.95
CA ASP A 95 -22.89 -12.22 -23.09
C ASP A 95 -22.03 -13.38 -22.59
N GLY A 96 -21.82 -14.37 -23.44
CA GLY A 96 -21.01 -15.55 -23.10
C GLY A 96 -21.75 -16.86 -23.28
N GLU A 97 -21.01 -17.96 -23.18
CA GLU A 97 -21.55 -19.29 -23.41
C GLU A 97 -22.46 -19.74 -22.27
N HIS A 98 -23.55 -20.43 -22.62
CA HIS A 98 -24.55 -20.90 -21.67
C HIS A 98 -24.29 -22.35 -21.24
N ARG A 99 -23.59 -22.52 -20.12
CA ARG A 99 -23.14 -23.82 -19.65
C ARG A 99 -23.95 -24.31 -18.45
N ALA A 100 -24.09 -25.63 -18.34
CA ALA A 100 -24.72 -26.24 -17.18
C ALA A 100 -23.62 -26.63 -16.20
N ILE A 101 -23.77 -26.21 -14.95
CA ILE A 101 -22.84 -26.57 -13.90
C ILE A 101 -23.48 -27.62 -13.02
N ARG A 102 -22.94 -28.84 -13.05
CA ARG A 102 -23.47 -29.93 -12.25
C ARG A 102 -22.86 -29.84 -10.85
N THR A 103 -23.75 -29.93 -9.88
CA THR A 103 -23.40 -29.67 -8.49
C THR A 103 -22.48 -30.75 -7.95
N ALA A 104 -22.76 -32.00 -8.29
CA ALA A 104 -21.88 -33.12 -7.89
C ALA A 104 -20.44 -32.94 -8.38
N GLU A 105 -20.25 -32.28 -9.52
CA GLU A 105 -18.93 -32.09 -10.13
C GLU A 105 -18.23 -30.80 -9.69
N HIS A 106 -19.00 -29.72 -9.52
CA HIS A 106 -18.44 -28.41 -9.26
C HIS A 106 -19.20 -27.71 -8.14
N PRO A 107 -19.09 -28.24 -6.92
CA PRO A 107 -19.88 -27.70 -5.81
C PRO A 107 -19.44 -26.30 -5.34
N TRP A 108 -18.30 -25.83 -5.82
CA TRP A 108 -17.78 -24.50 -5.45
C TRP A 108 -18.70 -23.35 -5.84
N LEU A 109 -19.46 -23.50 -6.92
CA LEU A 109 -20.30 -22.40 -7.39
C LEU A 109 -21.47 -22.19 -6.42
N LEU A 110 -22.20 -23.25 -6.13
CA LEU A 110 -23.33 -23.11 -5.22
C LEU A 110 -22.86 -22.94 -3.76
N ARG A 111 -21.68 -23.45 -3.40
CA ARG A 111 -21.10 -23.20 -2.07
C ARG A 111 -20.96 -21.69 -1.84
N ALA A 112 -20.44 -21.01 -2.86
CA ALA A 112 -20.23 -19.58 -2.79
C ALA A 112 -21.56 -18.83 -2.78
N ARG A 113 -22.49 -19.22 -3.63
CA ARG A 113 -23.80 -18.57 -3.65
C ARG A 113 -24.52 -18.74 -2.30
N LEU A 114 -24.30 -19.88 -1.67
CA LEU A 114 -24.91 -20.20 -0.39
C LEU A 114 -24.48 -19.20 0.71
N ASP A 115 -23.24 -18.71 0.63
CA ASP A 115 -22.79 -17.66 1.55
C ASP A 115 -23.75 -16.45 1.53
N ASP A 116 -24.02 -15.91 0.34
CA ASP A 116 -24.95 -14.77 0.21
C ASP A 116 -26.41 -15.15 0.53
N ALA A 117 -26.83 -16.35 0.10
CA ALA A 117 -28.21 -16.80 0.29
C ALA A 117 -28.58 -16.92 1.76
N LEU A 118 -27.65 -17.43 2.57
CA LEU A 118 -27.92 -17.59 3.99
C LEU A 118 -28.16 -16.26 4.68
N GLU A 119 -27.39 -15.24 4.31
CA GLU A 119 -27.61 -13.88 4.81
C GLU A 119 -29.01 -13.39 4.41
N GLU A 120 -29.29 -13.48 3.12
CA GLU A 120 -30.58 -13.08 2.55
C GLU A 120 -31.74 -13.77 3.21
N ALA A 121 -31.56 -15.04 3.57
CA ALA A 121 -32.64 -15.83 4.17
C ALA A 121 -32.92 -15.48 5.62
N LEU A 122 -32.05 -14.68 6.24
CA LEU A 122 -32.18 -14.29 7.64
C LEU A 122 -32.13 -12.77 7.78
N PRO A 123 -33.05 -12.07 7.08
CA PRO A 123 -32.95 -10.61 6.95
C PRO A 123 -33.04 -9.86 8.28
N LYS A 124 -33.69 -10.44 9.29
CA LYS A 124 -33.80 -9.78 10.59
C LYS A 124 -32.54 -9.95 11.42
N TYR A 125 -31.59 -10.76 10.94
CA TYR A 125 -30.36 -11.03 11.71
C TYR A 125 -29.23 -10.40 10.96
N ALA A 126 -28.77 -9.25 11.44
CA ALA A 126 -27.77 -8.49 10.72
C ALA A 126 -26.39 -9.16 10.78
N ALA A 127 -25.70 -9.11 9.64
CA ALA A 127 -24.36 -9.64 9.53
C ALA A 127 -23.41 -8.73 10.27
N VAL A 128 -22.69 -9.29 11.22
CA VAL A 128 -21.52 -8.61 11.77
C VAL A 128 -20.28 -8.99 10.95
N LYS A 129 -20.31 -10.16 10.28
CA LYS A 129 -19.32 -10.53 9.26
C LYS A 129 -19.94 -11.35 8.13
N LYS A 130 -19.27 -11.37 6.98
CA LYS A 130 -19.70 -12.21 5.85
C LYS A 130 -18.66 -13.27 5.53
N ARG A 131 -19.10 -14.29 4.80
CA ARG A 131 -18.21 -15.36 4.30
C ARG A 131 -17.21 -15.82 5.37
N PRO A 132 -17.69 -16.47 6.47
CA PRO A 132 -19.05 -16.89 6.73
C PRO A 132 -19.92 -15.85 7.40
N PHE A 133 -21.21 -15.94 7.11
CA PHE A 133 -22.24 -15.10 7.71
C PHE A 133 -22.23 -15.26 9.22
N THR A 134 -22.03 -14.15 9.93
CA THR A 134 -21.92 -14.14 11.38
C THR A 134 -22.88 -13.08 11.93
N PHE A 135 -23.66 -13.41 12.97
CA PHE A 135 -24.70 -12.51 13.51
C PHE A 135 -24.94 -12.73 14.98
N LEU A 136 -25.63 -11.78 15.61
CA LEU A 136 -25.87 -11.84 17.04
C LEU A 136 -27.25 -12.37 17.41
N ALA A 137 -27.35 -13.01 18.57
CA ALA A 137 -28.64 -13.28 19.19
C ALA A 137 -29.43 -11.95 19.28
N GLN A 138 -30.74 -12.03 19.04
CA GLN A 138 -31.56 -10.82 18.99
C GLN A 138 -31.85 -10.24 20.39
N LYS A 139 -32.08 -11.12 21.38
CA LYS A 139 -32.49 -10.73 22.73
C LYS A 139 -31.56 -11.15 23.87
N ASP A 140 -30.75 -12.20 23.70
CA ASP A 140 -29.93 -12.72 24.78
C ASP A 140 -28.78 -11.76 25.12
N GLU A 141 -28.58 -11.50 26.41
CA GLU A 141 -27.45 -10.69 26.89
C GLU A 141 -27.03 -11.16 28.29
N LEU A 142 -25.81 -11.68 28.38
CA LEU A 142 -25.47 -12.60 29.46
C LEU A 142 -25.00 -11.89 30.71
N ILE A 143 -24.50 -10.67 30.56
CA ILE A 143 -24.09 -9.87 31.70
C ILE A 143 -25.31 -9.57 32.57
N ASP A 144 -26.39 -9.11 31.92
CA ASP A 144 -27.63 -8.84 32.64
C ASP A 144 -28.12 -10.09 33.36
N ALA A 145 -28.21 -11.21 32.63
CA ALA A 145 -28.67 -12.48 33.21
C ALA A 145 -27.76 -12.96 34.34
N ALA A 146 -26.45 -12.82 34.17
CA ALA A 146 -25.47 -13.20 35.19
C ALA A 146 -25.65 -12.42 36.50
N ALA A 147 -25.76 -11.10 36.37
CA ALA A 147 -25.92 -10.19 37.51
C ALA A 147 -27.16 -10.50 38.35
N THR A 148 -28.28 -10.70 37.64
CA THR A 148 -29.52 -11.09 38.27
C THR A 148 -29.33 -12.40 39.03
N ALA A 149 -28.65 -13.38 38.41
CA ALA A 149 -28.43 -14.68 39.05
C ALA A 149 -27.55 -14.59 40.28
N ALA A 150 -26.48 -13.79 40.20
CA ALA A 150 -25.54 -13.62 41.30
C ALA A 150 -26.09 -12.67 42.36
N GLY A 151 -27.08 -11.87 42.00
CA GLY A 151 -27.69 -10.89 42.91
C GLY A 151 -26.90 -9.60 43.00
N LEU A 152 -26.34 -9.18 41.86
CA LEU A 152 -25.51 -7.99 41.80
C LEU A 152 -26.15 -6.94 40.93
N SER A 153 -25.68 -5.71 41.09
CA SER A 153 -26.26 -4.57 40.42
C SER A 153 -25.28 -3.43 40.40
N HIS A 154 -25.36 -2.60 39.36
CA HIS A 154 -24.60 -1.36 39.30
C HIS A 154 -25.13 -0.58 38.11
N ARG A 155 -25.16 0.75 38.21
CA ARG A 155 -25.83 1.56 37.19
C ARG A 155 -25.14 1.52 35.83
N LEU A 156 -23.90 1.05 35.80
CA LEU A 156 -23.13 0.98 34.56
C LEU A 156 -23.07 -0.44 33.98
N LEU A 157 -23.49 -1.45 34.74
CA LEU A 157 -23.43 -2.85 34.28
C LEU A 157 -24.07 -3.05 32.90
N ASN A 158 -25.05 -2.22 32.58
CA ASN A 158 -25.89 -2.38 31.40
C ASN A 158 -25.17 -1.88 30.15
N SER A 159 -24.02 -1.24 30.34
CA SER A 159 -23.15 -0.86 29.23
C SER A 159 -22.04 -1.91 28.95
N PHE A 160 -22.02 -3.00 29.72
CA PHE A 160 -21.14 -4.13 29.49
C PHE A 160 -22.00 -5.25 28.91
N LYS A 161 -21.66 -5.69 27.70
CA LYS A 161 -22.53 -6.62 26.98
C LYS A 161 -21.73 -7.84 26.55
N VAL A 162 -22.34 -9.00 26.76
CA VAL A 162 -21.88 -10.29 26.26
C VAL A 162 -23.07 -10.94 25.54
N ILE A 163 -22.97 -11.03 24.22
CA ILE A 163 -24.07 -11.46 23.36
C ILE A 163 -23.66 -12.69 22.52
N PRO A 164 -24.44 -13.78 22.56
CA PRO A 164 -24.07 -14.92 21.72
C PRO A 164 -23.95 -14.54 20.26
N ARG A 165 -22.96 -15.12 19.58
CA ARG A 165 -22.63 -14.83 18.20
C ARG A 165 -22.55 -16.16 17.41
N PHE A 166 -23.30 -16.25 16.31
CA PHE A 166 -23.43 -17.48 15.49
C PHE A 166 -22.79 -17.25 14.15
N ALA A 167 -22.14 -18.26 13.59
CA ALA A 167 -21.72 -18.19 12.22
C ALA A 167 -22.22 -19.46 11.52
N LEU A 168 -22.53 -19.31 10.25
CA LEU A 168 -23.03 -20.42 9.40
C LEU A 168 -22.04 -20.50 8.27
N SER A 169 -21.30 -21.60 8.19
CA SER A 169 -20.20 -21.79 7.25
C SER A 169 -20.55 -22.89 6.23
N PRO A 170 -20.80 -22.54 4.97
CA PRO A 170 -21.01 -23.60 3.96
C PRO A 170 -19.67 -24.21 3.59
N LYS A 171 -19.55 -25.53 3.77
CA LYS A 171 -18.31 -26.24 3.52
C LYS A 171 -18.56 -27.45 2.64
N ILE A 172 -17.63 -27.69 1.73
CA ILE A 172 -17.64 -28.93 0.92
C ILE A 172 -17.06 -30.09 1.73
N TYR A 173 -17.74 -31.24 1.75
CA TYR A 173 -17.22 -32.39 2.44
C TYR A 173 -17.52 -33.62 1.55
N GLU A 174 -17.03 -34.77 1.97
CA GLU A 174 -17.23 -36.03 1.22
C GLU A 174 -17.98 -37.06 2.07
N PRO A 175 -19.28 -37.28 1.79
CA PRO A 175 -19.96 -38.31 2.58
C PRO A 175 -19.31 -39.68 2.37
N VAL A 176 -18.74 -39.91 1.19
CA VAL A 176 -17.83 -41.04 0.93
C VAL A 176 -16.84 -40.65 -0.16
N ASP A 177 -15.75 -41.41 -0.26
CA ASP A 177 -14.71 -41.12 -1.23
C ASP A 177 -15.27 -41.08 -2.65
N GLY A 178 -14.94 -40.03 -3.39
CA GLY A 178 -15.45 -39.86 -4.73
C GLY A 178 -16.67 -38.97 -4.85
N THR A 179 -17.42 -38.76 -3.75
CA THR A 179 -18.61 -37.92 -3.79
C THR A 179 -18.51 -36.73 -2.83
N THR A 180 -18.74 -35.54 -3.39
CA THR A 180 -18.73 -34.31 -2.62
C THR A 180 -20.16 -33.81 -2.38
N ARG A 181 -20.34 -33.11 -1.27
CA ARG A 181 -21.59 -32.47 -0.94
C ARG A 181 -21.31 -31.14 -0.26
N VAL A 182 -22.34 -30.33 -0.04
CA VAL A 182 -22.18 -29.07 0.70
C VAL A 182 -22.97 -29.17 1.99
N GLY A 183 -22.33 -28.82 3.12
CA GLY A 183 -23.01 -28.79 4.39
C GLY A 183 -22.91 -27.38 4.93
N VAL A 184 -23.78 -27.04 5.87
CA VAL A 184 -23.72 -25.76 6.57
C VAL A 184 -23.40 -26.02 8.02
N PHE A 185 -22.26 -25.48 8.45
CA PHE A 185 -21.73 -25.73 9.77
C PHE A 185 -21.91 -24.52 10.70
N VAL A 186 -22.48 -24.81 11.86
CA VAL A 186 -22.88 -23.81 12.84
C VAL A 186 -21.86 -23.73 13.99
N THR A 187 -21.31 -22.53 14.21
CA THR A 187 -20.42 -22.31 15.35
C THR A 187 -20.92 -21.16 16.20
N ILE A 188 -20.52 -21.17 17.46
CA ILE A 188 -21.02 -20.24 18.45
C ILE A 188 -19.84 -19.63 19.18
N GLY A 189 -19.89 -18.31 19.35
CA GLY A 189 -18.97 -17.62 20.24
C GLY A 189 -19.75 -16.55 20.97
N MET A 190 -19.00 -15.65 21.60
CA MET A 190 -19.58 -14.56 22.39
C MET A 190 -18.94 -13.25 22.01
N ARG A 191 -19.78 -12.24 21.73
CA ARG A 191 -19.30 -10.90 21.50
C ARG A 191 -19.20 -10.22 22.85
N TYR A 192 -18.00 -9.74 23.18
CA TYR A 192 -17.77 -8.96 24.39
C TYR A 192 -17.58 -7.52 23.95
N ASP A 193 -18.33 -6.60 24.56
CA ASP A 193 -18.30 -5.21 24.13
C ASP A 193 -18.56 -4.27 25.33
N ILE A 194 -17.76 -3.22 25.43
CA ILE A 194 -17.91 -2.19 26.46
C ILE A 194 -18.41 -0.93 25.73
N GLU A 195 -19.72 -0.70 25.82
CA GLU A 195 -20.39 0.40 25.11
C GLU A 195 -20.19 1.77 25.80
N ALA A 196 -19.89 1.75 27.10
CA ALA A 196 -19.86 2.94 27.96
C ALA A 196 -18.97 4.07 27.46
N SER A 197 -19.42 5.30 27.70
CA SER A 197 -18.59 6.47 27.46
C SER A 197 -17.37 6.43 28.36
N LEU A 198 -16.25 6.88 27.83
CA LEU A 198 -15.01 6.92 28.60
C LEU A 198 -15.14 7.97 29.73
N ARG A 199 -15.85 9.06 29.46
CA ARG A 199 -16.15 10.08 30.48
C ARG A 199 -16.89 9.46 31.66
N ASP A 200 -17.91 8.65 31.36
CA ASP A 200 -18.66 7.92 32.40
C ASP A 200 -17.79 6.97 33.24
N LEU A 201 -16.74 6.43 32.64
CA LEU A 201 -15.87 5.48 33.32
C LEU A 201 -14.86 6.16 34.24
N LEU A 202 -14.35 7.32 33.83
CA LEU A 202 -13.51 8.16 34.70
C LEU A 202 -14.20 8.44 36.04
N GLU A 203 -15.40 8.98 35.93
CA GLU A 203 -16.15 9.51 37.07
C GLU A 203 -16.58 8.43 38.04
N ALA A 204 -16.72 7.20 37.54
CA ALA A 204 -17.05 6.05 38.39
C ALA A 204 -15.84 5.55 39.18
N GLY A 205 -14.66 6.11 38.93
CA GLY A 205 -13.46 5.82 39.73
C GLY A 205 -12.48 4.82 39.13
N ILE A 206 -12.66 4.50 37.85
CA ILE A 206 -11.80 3.53 37.17
C ILE A 206 -10.64 4.25 36.48
N ASP A 207 -9.43 3.81 36.80
CA ASP A 207 -8.21 4.36 36.21
C ASP A 207 -8.05 3.82 34.79
N LEU A 208 -8.28 4.67 33.80
CA LEU A 208 -8.23 4.25 32.39
C LEU A 208 -6.84 4.24 31.74
N ARG A 209 -5.82 4.72 32.45
CA ARG A 209 -4.49 4.90 31.85
C ARG A 209 -3.87 3.58 31.38
N GLY A 210 -3.35 3.58 30.17
CA GLY A 210 -2.74 2.37 29.62
C GLY A 210 -3.73 1.34 29.07
N MET A 211 -5.04 1.61 29.16
CA MET A 211 -6.06 0.73 28.57
C MET A 211 -6.10 0.94 27.07
N TYR A 212 -6.28 -0.15 26.31
CA TYR A 212 -6.44 -0.03 24.86
C TYR A 212 -7.86 0.39 24.48
N VAL A 213 -7.91 1.26 23.49
CA VAL A 213 -9.11 1.90 23.05
C VAL A 213 -9.20 1.70 21.54
N VAL A 214 -10.42 1.62 21.05
CA VAL A 214 -10.72 1.33 19.66
C VAL A 214 -11.85 2.26 19.14
N ARG A 215 -11.97 2.41 17.82
CA ARG A 215 -13.06 3.17 17.19
C ARG A 215 -14.44 2.58 17.41
N ARG A 216 -15.42 3.46 17.65
CA ARG A 216 -16.82 3.05 17.78
C ARG A 216 -17.41 2.65 16.45
N LYS A 217 -17.01 3.33 15.39
CA LYS A 217 -17.55 3.08 14.06
C LYS A 217 -16.42 2.89 13.06
N ARG A 218 -16.09 1.62 12.80
CA ARG A 218 -15.11 1.30 11.76
C ARG A 218 -15.73 1.55 10.39
N GLN A 219 -15.25 2.59 9.72
CA GLN A 219 -15.68 2.89 8.35
C GLN A 219 -15.03 1.84 7.42
N PRO A 220 -15.23 1.96 6.08
CA PRO A 220 -15.11 0.72 5.29
C PRO A 220 -13.78 -0.04 5.42
N GLY A 221 -12.67 0.61 5.06
CA GLY A 221 -11.35 -0.01 5.14
C GLY A 221 -10.62 0.29 6.44
N GLU A 222 -11.33 0.86 7.40
CA GLU A 222 -10.70 1.39 8.61
C GLU A 222 -10.22 0.30 9.59
N ARG A 223 -9.01 0.51 10.11
CA ARG A 223 -8.45 -0.27 11.21
C ARG A 223 -9.13 0.15 12.50
N GLY A 224 -9.21 -0.75 13.46
CA GLY A 224 -9.96 -0.49 14.69
C GLY A 224 -9.12 0.15 15.78
N LEU A 225 -7.96 -0.43 16.04
CA LEU A 225 -7.10 0.00 17.15
C LEU A 225 -6.58 1.43 16.93
N LEU A 226 -6.78 2.27 17.95
CA LEU A 226 -6.29 3.66 17.96
C LEU A 226 -5.01 3.78 18.80
N GLY A 227 -5.03 3.14 19.96
CA GLY A 227 -3.88 3.11 20.85
C GLY A 227 -4.28 2.93 22.29
N ARG A 228 -3.45 3.49 23.16
CA ARG A 228 -3.59 3.39 24.59
C ARG A 228 -3.97 4.75 25.18
N VAL A 229 -4.73 4.74 26.27
CA VAL A 229 -5.13 5.98 26.97
C VAL A 229 -3.94 6.57 27.73
N ARG A 230 -3.49 7.75 27.31
CA ARG A 230 -2.49 8.51 28.07
C ARG A 230 -3.23 9.38 29.08
N ALA A 231 -4.16 10.20 28.58
CA ALA A 231 -4.99 11.06 29.42
C ALA A 231 -6.29 11.46 28.73
N ILE A 232 -7.29 11.84 29.53
CA ILE A 232 -8.52 12.43 29.02
C ILE A 232 -8.50 13.94 29.29
N SER A 233 -8.47 14.73 28.22
CA SER A 233 -8.39 16.19 28.35
C SER A 233 -9.78 16.76 28.61
N ASP A 234 -10.52 17.07 27.55
CA ASP A 234 -11.89 17.57 27.65
C ASP A 234 -12.61 17.23 26.35
N ASP A 235 -13.37 16.12 26.38
CA ASP A 235 -13.91 15.49 25.16
C ASP A 235 -12.80 15.06 24.18
N MET A 236 -11.62 14.79 24.72
CA MET A 236 -10.49 14.32 23.93
C MET A 236 -9.70 13.31 24.74
N VAL A 237 -9.24 12.26 24.06
CA VAL A 237 -8.34 11.27 24.64
C VAL A 237 -6.93 11.51 24.12
N GLN A 238 -5.97 11.64 25.03
CA GLN A 238 -4.55 11.65 24.66
C GLN A 238 -4.08 10.19 24.60
N LEU A 239 -3.43 9.81 23.51
CA LEU A 239 -2.99 8.43 23.26
C LEU A 239 -1.49 8.30 23.14
N PHE A 240 -0.95 7.21 23.71
CA PHE A 240 0.40 6.77 23.39
C PHE A 240 0.33 5.39 22.73
N GLU A 241 1.46 4.93 22.18
CA GLU A 241 1.46 3.74 21.32
C GLU A 241 0.38 3.86 20.26
N GLU A 242 0.23 5.06 19.69
CA GLU A 242 -0.90 5.34 18.81
C GLU A 242 -0.68 4.71 17.46
N THR A 243 -1.76 4.35 16.78
CA THR A 243 -1.66 3.75 15.46
C THR A 243 -1.70 4.81 14.36
N ASP A 244 -2.45 5.88 14.60
CA ASP A 244 -2.56 7.00 13.66
C ASP A 244 -2.39 8.34 14.41
N LEU A 245 -3.48 9.07 14.67
CA LEU A 245 -3.42 10.37 15.35
C LEU A 245 -3.20 10.16 16.85
N ALA A 246 -2.46 11.07 17.48
CA ALA A 246 -2.16 10.94 18.92
C ALA A 246 -3.32 11.38 19.83
N SER A 247 -4.44 11.80 19.22
CA SER A 247 -5.65 12.14 19.99
C SER A 247 -6.91 11.90 19.18
N VAL A 248 -8.04 11.82 19.88
CA VAL A 248 -9.37 11.56 19.28
C VAL A 248 -10.47 11.94 20.29
N ASN A 249 -11.69 12.22 19.79
CA ASN A 249 -12.81 12.60 20.68
C ASN A 249 -13.35 11.42 21.48
N VAL A 250 -13.61 11.65 22.76
CA VAL A 250 -14.26 10.66 23.62
C VAL A 250 -15.47 9.97 22.96
N ASN A 251 -16.12 10.65 22.02
CA ASN A 251 -17.27 10.09 21.30
C ASN A 251 -16.93 9.11 20.19
N ASP A 252 -15.71 9.16 19.67
CA ASP A 252 -15.31 8.27 18.57
C ASP A 252 -14.55 7.03 19.06
N ALA A 253 -14.45 6.88 20.38
CA ALA A 253 -13.61 5.83 20.98
C ALA A 253 -14.34 5.03 22.06
N LYS A 254 -13.93 3.77 22.25
CA LYS A 254 -14.44 2.94 23.34
C LYS A 254 -13.34 1.99 23.78
N LEU A 255 -13.48 1.41 24.95
CA LEU A 255 -12.47 0.45 25.40
C LEU A 255 -12.62 -0.78 24.50
N GLU A 256 -11.52 -1.41 24.07
CA GLU A 256 -11.66 -2.66 23.32
C GLU A 256 -12.30 -3.68 24.26
N GLY A 257 -13.12 -4.58 23.71
CA GLY A 257 -13.82 -5.58 24.50
C GLY A 257 -13.01 -6.77 24.98
N SER A 258 -11.83 -6.49 25.55
CA SER A 258 -10.93 -7.51 26.06
C SER A 258 -11.33 -7.94 27.45
N LYS A 259 -10.90 -9.13 27.83
CA LYS A 259 -11.04 -9.58 29.20
C LYS A 259 -10.29 -8.66 30.15
N GLU A 260 -9.14 -8.13 29.73
CA GLU A 260 -8.41 -7.19 30.58
C GLU A 260 -9.25 -5.96 30.92
N ASN A 261 -9.87 -5.36 29.91
CA ASN A 261 -10.71 -4.18 30.15
C ASN A 261 -11.96 -4.53 30.94
N PHE A 262 -12.57 -5.67 30.65
CA PHE A 262 -13.74 -6.12 31.42
C PHE A 262 -13.41 -6.30 32.89
N THR A 263 -12.31 -7.00 33.19
CA THR A 263 -11.93 -7.27 34.57
C THR A 263 -11.49 -5.98 35.31
N ARG A 264 -10.76 -5.11 34.63
CA ARG A 264 -10.34 -3.86 35.26
C ARG A 264 -11.54 -3.00 35.66
N CYS A 265 -12.53 -2.91 34.78
CA CYS A 265 -13.73 -2.12 35.06
C CYS A 265 -14.60 -2.75 36.13
N LEU A 266 -14.97 -4.01 35.94
CA LEU A 266 -15.85 -4.69 36.86
C LEU A 266 -15.27 -4.83 38.28
N SER A 267 -13.97 -5.07 38.42
CA SER A 267 -13.39 -5.23 39.77
C SER A 267 -13.45 -3.92 40.58
N ALA A 268 -13.26 -2.78 39.92
CA ALA A 268 -13.39 -1.48 40.58
C ALA A 268 -14.86 -1.14 40.85
N LEU A 269 -15.75 -1.53 39.95
CA LEU A 269 -17.16 -1.18 40.06
C LEU A 269 -17.92 -2.05 41.06
N LEU A 270 -17.52 -3.30 41.20
CA LEU A 270 -18.17 -4.29 42.07
C LEU A 270 -17.28 -4.90 43.18
N GLY A 271 -15.97 -4.86 43.02
CA GLY A 271 -15.08 -5.80 43.72
C GLY A 271 -15.25 -5.88 45.22
N HIS A 272 -15.04 -7.04 45.84
CA HIS A 272 -14.64 -8.28 45.17
C HIS A 272 -15.84 -9.20 44.86
N ASN A 273 -17.04 -8.61 44.76
CA ASN A 273 -18.22 -9.34 44.28
C ASN A 273 -18.11 -9.71 42.77
N TYR A 274 -17.24 -9.01 42.04
CA TYR A 274 -17.11 -9.20 40.60
C TYR A 274 -16.76 -10.64 40.20
N LYS A 275 -15.99 -11.34 41.03
CA LYS A 275 -15.62 -12.72 40.76
C LYS A 275 -16.87 -13.60 40.72
N LYS A 276 -17.80 -13.34 41.62
CA LYS A 276 -19.06 -14.08 41.67
C LYS A 276 -19.88 -13.86 40.39
N LEU A 277 -19.81 -12.64 39.86
CA LEU A 277 -20.38 -12.30 38.56
C LEU A 277 -19.71 -13.07 37.41
N LEU A 278 -18.38 -13.15 37.42
CA LEU A 278 -17.64 -13.89 36.39
C LEU A 278 -18.03 -15.36 36.40
N ASN A 279 -18.09 -15.95 37.60
CA ASN A 279 -18.59 -17.32 37.75
C ASN A 279 -20.00 -17.41 37.22
N ALA A 280 -20.83 -16.43 37.56
CA ALA A 280 -22.20 -16.37 37.09
C ALA A 280 -22.25 -16.23 35.56
N LEU A 281 -21.43 -15.33 35.01
CA LEU A 281 -21.29 -15.18 33.56
C LEU A 281 -20.85 -16.49 32.89
N ASP A 282 -19.88 -17.15 33.51
CA ASP A 282 -19.37 -18.44 33.05
C ASP A 282 -20.49 -19.50 32.99
N ASP A 283 -21.37 -19.49 34.01
CA ASP A 283 -22.55 -20.36 34.05
C ASP A 283 -23.51 -20.07 32.90
N GLN A 284 -23.73 -18.79 32.62
CA GLN A 284 -24.54 -18.36 31.48
C GLN A 284 -23.99 -18.89 30.15
N GLU A 285 -22.68 -18.76 29.95
CA GLU A 285 -22.05 -19.14 28.68
C GLU A 285 -22.08 -20.66 28.47
N ALA A 286 -21.96 -21.39 29.58
CA ALA A 286 -22.10 -22.86 29.54
C ALA A 286 -23.46 -23.29 29.03
N GLY A 287 -24.46 -22.41 29.15
CA GLY A 287 -25.78 -22.63 28.56
C GLY A 287 -25.82 -22.60 27.04
N TYR A 288 -24.72 -22.17 26.42
CA TYR A 288 -24.56 -22.23 24.97
C TYR A 288 -23.45 -23.17 24.50
N ARG A 289 -22.44 -23.41 25.35
CA ARG A 289 -21.18 -24.02 24.90
C ARG A 289 -20.94 -25.46 25.37
N THR A 290 -21.64 -25.93 26.40
CA THR A 290 -21.46 -27.32 26.85
C THR A 290 -22.12 -28.23 25.82
N GLY A 291 -21.67 -29.48 25.79
CA GLY A 291 -22.08 -30.41 24.76
C GLY A 291 -23.57 -30.45 24.46
N PRO A 292 -24.40 -30.82 25.45
CA PRO A 292 -25.84 -30.96 25.20
C PRO A 292 -26.49 -29.64 24.84
N ARG A 293 -26.06 -28.56 25.49
CA ARG A 293 -26.56 -27.21 25.14
C ARG A 293 -26.12 -26.75 23.73
N PHE A 294 -24.85 -26.94 23.39
CA PHE A 294 -24.39 -26.66 22.03
C PHE A 294 -25.13 -27.51 20.99
N ASP A 295 -25.30 -28.80 21.27
CA ASP A 295 -26.00 -29.71 20.35
C ASP A 295 -27.45 -29.20 20.17
N ASP A 296 -28.05 -28.71 21.24
CA ASP A 296 -29.43 -28.17 21.16
C ASP A 296 -29.48 -26.88 20.36
N ALA A 297 -28.50 -26.01 20.54
CA ALA A 297 -28.44 -24.76 19.78
C ALA A 297 -28.26 -25.02 18.30
N VAL A 298 -27.44 -26.01 17.95
CA VAL A 298 -27.25 -26.39 16.56
C VAL A 298 -28.58 -26.96 16.03
N ARG A 299 -29.23 -27.78 16.84
CA ARG A 299 -30.55 -28.33 16.43
C ARG A 299 -31.52 -27.20 16.11
N ARG A 300 -31.64 -26.23 17.04
CA ARG A 300 -32.59 -25.12 16.90
C ARG A 300 -32.25 -24.26 15.71
N MET A 301 -30.95 -24.12 15.43
CA MET A 301 -30.54 -23.39 14.24
C MET A 301 -30.96 -24.10 12.94
N GLY A 302 -30.72 -25.40 12.88
CA GLY A 302 -31.11 -26.21 11.74
C GLY A 302 -32.61 -26.15 11.49
N GLU A 303 -33.40 -26.25 12.56
CA GLU A 303 -34.87 -26.16 12.47
C GLU A 303 -35.33 -24.85 11.88
N PHE A 304 -34.78 -23.76 12.39
CA PHE A 304 -35.02 -22.44 11.86
C PHE A 304 -34.67 -22.31 10.37
N LEU A 305 -33.48 -22.76 9.98
CA LEU A 305 -33.05 -22.66 8.59
C LEU A 305 -33.84 -23.54 7.62
N ALA A 306 -34.37 -24.64 8.14
CA ALA A 306 -35.11 -25.60 7.32
C ALA A 306 -36.54 -25.13 7.03
N LYS A 307 -37.10 -24.28 7.91
CA LYS A 307 -38.52 -23.83 7.85
C LYS A 307 -38.99 -23.24 6.52
N LYS A 308 -38.09 -22.62 5.78
CA LYS A 308 -38.41 -22.06 4.47
C LYS A 308 -37.36 -22.57 3.49
N PRO A 309 -37.71 -22.66 2.21
CA PRO A 309 -36.63 -22.95 1.29
C PRO A 309 -35.67 -21.77 1.24
N ILE A 310 -34.39 -22.03 1.02
CA ILE A 310 -33.43 -20.95 0.88
C ILE A 310 -33.29 -20.65 -0.59
N ARG A 311 -33.50 -19.39 -0.95
CA ARG A 311 -33.57 -18.99 -2.36
C ARG A 311 -32.19 -18.77 -2.95
N LEU A 312 -31.81 -19.60 -3.91
CA LEU A 312 -30.54 -19.42 -4.61
C LEU A 312 -30.75 -18.50 -5.80
N ALA A 313 -31.89 -18.68 -6.46
CA ALA A 313 -32.39 -17.76 -7.48
C ALA A 313 -33.92 -17.75 -7.41
N ASP A 314 -34.57 -17.00 -8.29
CA ASP A 314 -36.04 -16.91 -8.26
C ASP A 314 -36.72 -18.28 -8.26
N ASN A 315 -36.33 -19.18 -9.15
CA ASN A 315 -36.98 -20.50 -9.27
C ASN A 315 -36.10 -21.66 -8.82
N ILE A 316 -35.06 -21.37 -8.04
CA ILE A 316 -34.02 -22.31 -7.69
C ILE A 316 -33.84 -22.31 -6.17
N ASN A 317 -34.06 -23.47 -5.55
CA ASN A 317 -34.09 -23.56 -4.09
C ASN A 317 -33.09 -24.54 -3.47
N ALA A 318 -32.60 -24.18 -2.29
CA ALA A 318 -31.85 -25.07 -1.43
C ALA A 318 -32.70 -25.43 -0.22
N GLN A 319 -32.54 -26.65 0.27
CA GLN A 319 -33.18 -27.07 1.50
C GLN A 319 -32.14 -27.62 2.48
N VAL A 320 -32.15 -27.09 3.68
CA VAL A 320 -31.30 -27.60 4.74
C VAL A 320 -31.96 -28.85 5.28
N GLY A 321 -31.15 -29.91 5.42
CA GLY A 321 -31.65 -31.22 5.80
C GLY A 321 -31.10 -31.78 7.10
N ASP A 322 -30.79 -33.07 7.08
CA ASP A 322 -30.40 -33.81 8.28
C ASP A 322 -29.03 -33.35 8.79
N ARG A 323 -28.82 -33.56 10.08
CA ARG A 323 -27.52 -33.32 10.71
C ARG A 323 -26.49 -34.26 10.12
N ILE A 324 -25.35 -33.72 9.69
CA ILE A 324 -24.25 -34.52 9.15
C ILE A 324 -23.57 -35.35 10.23
N VAL A 325 -23.33 -36.63 9.94
CA VAL A 325 -22.77 -37.56 10.90
C VAL A 325 -21.51 -38.20 10.33
N PHE A 326 -20.61 -38.62 11.21
CA PHE A 326 -19.43 -39.40 10.79
C PHE A 326 -19.60 -40.82 11.30
N SER A 327 -19.83 -41.74 10.38
CA SER A 327 -20.09 -43.12 10.76
C SER A 327 -19.50 -44.11 9.77
N ASN A 328 -19.67 -45.39 10.09
CA ASN A 328 -19.26 -46.48 9.21
C ASN A 328 -20.48 -47.28 8.67
N GLU A 329 -21.63 -46.61 8.64
CA GLU A 329 -22.85 -47.16 8.06
C GLU A 329 -22.68 -47.33 6.56
N GLY A 330 -23.22 -48.43 6.03
CA GLY A 330 -23.25 -48.62 4.58
C GLY A 330 -21.86 -48.67 3.99
N GLN A 331 -21.64 -47.92 2.93
CA GLN A 331 -20.33 -47.85 2.27
C GLN A 331 -19.46 -46.69 2.82
N ALA A 332 -19.97 -45.96 3.80
CA ALA A 332 -19.19 -44.91 4.48
C ALA A 332 -18.21 -45.55 5.46
N ARG A 333 -16.98 -45.04 5.52
CA ARG A 333 -16.01 -45.47 6.50
C ARG A 333 -15.34 -44.21 7.03
N ASN A 334 -16.10 -43.48 7.85
CA ASN A 334 -15.76 -42.08 8.16
C ASN A 334 -15.39 -41.85 9.62
N VAL A 335 -15.30 -42.90 10.42
CA VAL A 335 -14.86 -42.75 11.80
C VAL A 335 -14.02 -43.93 12.32
N ARG A 336 -12.95 -43.61 13.04
CA ARG A 336 -12.20 -44.63 13.76
C ARG A 336 -11.64 -44.08 15.06
N LEU A 337 -11.25 -44.99 15.94
CA LEU A 337 -10.69 -44.63 17.23
C LEU A 337 -9.28 -45.15 17.27
N ALA A 338 -8.31 -44.23 17.33
CA ALA A 338 -6.93 -44.64 17.55
C ALA A 338 -6.74 -45.24 18.95
N PRO A 339 -5.83 -46.23 19.07
CA PRO A 339 -5.52 -46.81 20.36
C PRO A 339 -4.97 -45.75 21.32
N LYS A 340 -5.07 -46.00 22.61
CA LYS A 340 -4.48 -45.11 23.59
C LYS A 340 -2.96 -44.99 23.37
N VAL A 341 -2.45 -43.76 23.43
CA VAL A 341 -1.00 -43.56 23.37
C VAL A 341 -0.39 -44.21 24.59
N GLU A 342 0.76 -44.88 24.40
CA GLU A 342 1.51 -45.44 25.50
C GLU A 342 2.73 -44.57 25.77
N TYR A 343 2.87 -44.11 27.00
CA TYR A 343 4.10 -43.50 27.47
C TYR A 343 5.11 -44.61 27.77
N VAL A 344 6.31 -44.49 27.22
CA VAL A 344 7.28 -45.59 27.18
C VAL A 344 8.49 -45.19 28.01
N PHE A 345 8.92 -46.08 28.90
CA PHE A 345 10.01 -45.76 29.85
C PHE A 345 11.20 -46.71 29.75
N ASP A 346 11.25 -47.51 28.69
CA ASP A 346 12.46 -48.27 28.39
C ASP A 346 12.58 -48.59 26.89
N ARG A 347 13.78 -48.96 26.46
CA ARG A 347 14.05 -49.18 25.04
C ARG A 347 13.37 -50.46 24.53
N THR A 348 13.05 -51.39 25.43
CA THR A 348 12.37 -52.61 25.00
C THR A 348 10.95 -52.26 24.59
N GLY A 349 10.21 -51.60 25.48
CA GLY A 349 8.79 -51.33 25.29
C GLY A 349 7.95 -51.90 26.42
N ALA A 350 8.54 -52.82 27.17
CA ALA A 350 7.85 -53.48 28.28
C ALA A 350 7.39 -52.54 29.38
N LYS A 351 8.10 -51.44 29.57
CA LYS A 351 7.79 -50.51 30.65
C LYS A 351 7.03 -49.33 30.06
N SER A 352 5.71 -49.35 30.25
CA SER A 352 4.88 -48.33 29.65
C SER A 352 3.68 -48.05 30.52
N ALA A 353 3.05 -46.90 30.27
CA ALA A 353 1.92 -46.43 31.09
C ALA A 353 0.95 -45.60 30.25
N GLU A 354 -0.29 -45.45 30.73
CA GLU A 354 -1.30 -44.69 30.01
C GLU A 354 -1.10 -43.19 30.26
N TYR A 355 -0.46 -42.87 31.39
CA TYR A 355 -0.24 -41.48 31.83
C TYR A 355 1.25 -41.26 32.15
N ALA A 356 1.74 -40.05 31.83
CA ALA A 356 3.14 -39.73 31.97
C ALA A 356 3.62 -39.80 33.42
N TRP A 357 2.90 -39.16 34.33
CA TRP A 357 3.32 -39.09 35.72
C TRP A 357 3.28 -40.49 36.42
N ARG A 358 2.21 -41.25 36.22
CA ARG A 358 2.13 -42.64 36.76
C ARG A 358 3.35 -43.46 36.31
N GLY A 359 3.66 -43.37 35.02
CA GLY A 359 4.77 -44.08 34.44
C GLY A 359 6.11 -43.64 34.99
N LEU A 360 6.33 -42.32 35.06
CA LEU A 360 7.60 -41.78 35.54
C LEU A 360 7.86 -42.18 37.00
N SER A 361 6.84 -42.01 37.83
CA SER A 361 6.91 -42.40 39.25
C SER A 361 7.30 -43.86 39.48
N GLN A 362 6.70 -44.77 38.72
CA GLN A 362 6.95 -46.18 38.96
C GLN A 362 8.22 -46.70 38.26
N PHE A 363 8.60 -46.12 37.13
CA PHE A 363 9.73 -46.65 36.38
C PHE A 363 10.98 -45.77 36.46
N GLY A 364 10.85 -44.50 36.82
CA GLY A 364 11.91 -43.51 36.55
C GLY A 364 11.97 -43.20 35.06
N PRO A 365 12.90 -42.34 34.64
CA PRO A 365 12.93 -41.89 33.24
C PRO A 365 13.49 -42.91 32.22
N PHE A 366 13.09 -42.72 30.97
CA PHE A 366 13.49 -43.56 29.84
C PHE A 366 15.01 -43.75 29.76
N ASP A 367 15.78 -42.71 30.03
CA ASP A 367 17.25 -42.84 29.94
C ASP A 367 17.99 -43.06 31.27
N ARG A 368 17.33 -43.56 32.29
CA ARG A 368 17.95 -43.70 33.61
C ARG A 368 19.26 -44.52 33.56
N PRO A 369 19.27 -45.65 32.85
CA PRO A 369 20.49 -46.48 32.84
C PRO A 369 21.72 -45.77 32.27
N SER A 370 21.51 -44.81 31.37
CA SER A 370 22.61 -44.17 30.68
C SER A 370 22.87 -42.73 31.09
N PHE A 371 21.99 -42.12 31.90
CA PHE A 371 22.12 -40.69 32.19
C PHE A 371 23.46 -40.37 32.86
N ALA A 372 24.29 -39.56 32.18
CA ALA A 372 25.70 -39.33 32.56
C ALA A 372 25.95 -38.55 33.86
N ASN A 373 25.18 -37.50 34.09
CA ASN A 373 25.45 -36.59 35.20
C ASN A 373 24.51 -36.80 36.37
N ARG A 374 24.86 -37.75 37.23
CA ARG A 374 24.00 -38.12 38.34
C ARG A 374 24.08 -37.17 39.55
N SER A 375 25.01 -36.20 39.49
CA SER A 375 25.13 -35.19 40.56
C SER A 375 25.22 -33.78 40.01
N PRO A 376 24.11 -33.27 39.44
CA PRO A 376 24.20 -31.96 38.82
C PRO A 376 24.34 -30.84 39.83
N ARG A 377 25.04 -29.79 39.44
CA ARG A 377 25.17 -28.55 40.19
C ARG A 377 24.30 -27.52 39.53
N ILE A 378 23.38 -26.94 40.29
CA ILE A 378 22.41 -26.00 39.76
C ILE A 378 22.57 -24.63 40.44
N LEU A 379 22.90 -23.64 39.64
CA LEU A 379 22.92 -22.23 40.05
C LEU A 379 21.51 -21.74 40.36
N VAL A 380 21.32 -21.13 41.54
CA VAL A 380 20.02 -20.61 41.86
C VAL A 380 20.14 -19.12 42.06
N VAL A 381 19.53 -18.37 41.14
CA VAL A 381 19.61 -16.92 41.07
C VAL A 381 18.30 -16.29 41.53
N TYR A 382 18.34 -15.45 42.57
CA TYR A 382 17.09 -14.99 43.14
C TYR A 382 17.30 -13.68 43.92
N PRO A 383 16.24 -12.86 44.03
CA PRO A 383 16.31 -11.63 44.85
C PRO A 383 16.59 -11.99 46.32
N SER A 384 17.55 -11.29 46.92
CA SER A 384 18.03 -11.65 48.25
C SER A 384 16.88 -11.65 49.25
N SER A 385 15.92 -10.76 49.09
CA SER A 385 14.76 -10.68 50.00
C SER A 385 13.80 -11.87 49.94
N THR A 386 14.00 -12.80 48.99
CA THR A 386 13.12 -13.94 48.84
C THR A 386 13.77 -15.23 49.33
N GLN A 387 14.97 -15.11 49.91
CA GLN A 387 15.74 -16.25 50.38
C GLN A 387 14.97 -17.39 51.06
N GLY A 388 14.20 -17.08 52.09
CA GLY A 388 13.44 -18.10 52.81
C GLY A 388 12.40 -18.81 51.95
N LYS A 389 11.69 -18.06 51.13
CA LYS A 389 10.66 -18.66 50.26
C LYS A 389 11.31 -19.51 49.16
N VAL A 390 12.47 -19.07 48.69
CA VAL A 390 13.22 -19.84 47.68
C VAL A 390 13.80 -21.12 48.28
N GLU A 391 14.30 -21.09 49.52
CA GLU A 391 14.79 -22.34 50.14
C GLU A 391 13.68 -23.37 50.33
N ASN A 392 12.49 -22.91 50.72
CA ASN A 392 11.33 -23.76 50.90
C ASN A 392 10.98 -24.44 49.58
N PHE A 393 10.99 -23.66 48.51
CA PHE A 393 10.67 -24.19 47.17
C PHE A 393 11.72 -25.21 46.72
N LEU A 394 13.01 -24.87 46.86
CA LEU A 394 14.09 -25.80 46.49
C LEU A 394 14.04 -27.10 47.28
N SER A 395 13.70 -27.00 48.57
CA SER A 395 13.54 -28.18 49.37
C SER A 395 12.39 -29.07 48.85
N ALA A 396 11.25 -28.46 48.55
CA ALA A 396 10.13 -29.22 48.02
C ALA A 396 10.53 -29.89 46.72
N PHE A 397 11.16 -29.09 45.85
CA PHE A 397 11.67 -29.55 44.54
C PHE A 397 12.62 -30.73 44.66
N ARG A 398 13.70 -30.54 45.42
CA ARG A 398 14.73 -31.56 45.47
C ARG A 398 14.40 -32.83 46.27
N ASP A 399 13.78 -32.64 47.44
CA ASP A 399 13.58 -33.67 48.46
C ASP A 399 12.12 -34.09 48.62
N GLY A 400 11.21 -33.41 47.93
CA GLY A 400 9.82 -33.82 47.83
C GLY A 400 8.95 -33.22 48.90
N MET A 401 7.66 -33.47 48.80
CA MET A 401 6.67 -32.90 49.73
C MET A 401 6.10 -33.95 50.71
N GLY A 402 6.55 -35.20 50.60
CA GLY A 402 6.01 -36.29 51.40
C GLY A 402 4.65 -36.78 50.96
N SER A 403 4.12 -37.79 51.66
CA SER A 403 2.93 -38.53 51.23
C SER A 403 1.60 -37.77 51.38
N ASN A 404 1.58 -36.69 52.13
CA ASN A 404 0.42 -35.80 52.16
C ASN A 404 0.15 -35.10 50.82
N TYR A 405 1.13 -35.13 49.92
CA TYR A 405 1.05 -34.46 48.62
C TYR A 405 1.52 -35.47 47.58
N SER A 406 0.56 -36.29 47.16
CA SER A 406 0.86 -37.47 46.39
C SER A 406 1.26 -37.12 44.96
N GLY A 407 0.92 -35.91 44.51
CA GLY A 407 1.40 -35.43 43.24
C GLY A 407 2.92 -35.22 43.17
N PHE A 408 3.56 -35.04 44.32
CA PHE A 408 5.03 -34.80 44.35
C PHE A 408 5.61 -35.22 45.68
N SER A 409 5.54 -36.52 45.96
CA SER A 409 6.01 -37.05 47.26
C SER A 409 7.51 -37.19 47.35
N LYS A 410 8.11 -37.73 46.30
CA LYS A 410 9.49 -38.23 46.38
C LYS A 410 10.60 -37.19 46.19
N GLY A 411 10.35 -36.19 45.35
CA GLY A 411 11.38 -35.17 45.04
C GLY A 411 12.19 -35.56 43.81
N PHE A 412 12.82 -34.54 43.24
CA PHE A 412 13.55 -34.61 41.97
C PHE A 412 14.63 -35.69 41.93
N VAL A 413 15.44 -35.74 42.98
CA VAL A 413 16.54 -36.67 43.04
C VAL A 413 16.06 -38.12 42.96
N ASP A 414 15.09 -38.49 43.80
CA ASP A 414 14.55 -39.84 43.78
C ASP A 414 13.69 -40.12 42.54
N LEU A 415 12.93 -39.13 42.12
CA LEU A 415 12.06 -39.22 40.93
C LEU A 415 12.89 -39.63 39.70
N MET A 416 14.00 -38.95 39.49
CA MET A 416 14.79 -39.11 38.28
C MET A 416 15.97 -40.07 38.40
N GLY A 417 16.15 -40.67 39.57
CA GLY A 417 17.19 -41.65 39.79
C GLY A 417 18.58 -41.07 39.85
N LEU A 418 18.72 -39.90 40.46
CA LEU A 418 19.99 -39.18 40.56
C LEU A 418 20.60 -39.47 41.93
N THR A 419 21.88 -39.15 42.12
CA THR A 419 22.52 -39.41 43.41
C THR A 419 22.31 -38.20 44.32
N LYS A 420 22.55 -37.00 43.80
CA LYS A 420 22.19 -35.76 44.50
C LYS A 420 22.04 -34.55 43.58
N VAL A 421 21.53 -33.44 44.12
CA VAL A 421 21.63 -32.14 43.48
C VAL A 421 22.28 -31.14 44.43
N GLU A 422 23.26 -30.40 43.91
CA GLU A 422 23.92 -29.33 44.63
C GLU A 422 23.45 -27.98 44.10
N PHE A 423 22.89 -27.16 44.99
CA PHE A 423 22.51 -25.81 44.64
C PHE A 423 23.64 -24.82 44.90
N VAL A 424 23.97 -24.02 43.91
CA VAL A 424 24.89 -22.91 44.06
C VAL A 424 24.07 -21.61 44.19
N MET A 425 24.03 -21.06 45.41
CA MET A 425 23.11 -19.95 45.69
C MET A 425 23.67 -18.62 45.27
N CYS A 426 22.90 -17.89 44.47
CA CYS A 426 23.33 -16.64 43.87
C CYS A 426 22.30 -15.56 44.16
N PRO A 427 22.32 -15.07 45.42
CA PRO A 427 21.43 -13.97 45.71
C PRO A 427 21.73 -12.69 44.93
N VAL A 428 20.70 -11.93 44.61
CA VAL A 428 20.81 -10.67 43.89
C VAL A 428 20.20 -9.53 44.73
N GLU A 429 20.96 -8.47 44.90
CA GLU A 429 20.48 -7.26 45.58
C GLU A 429 19.60 -6.41 44.67
N VAL A 430 18.31 -6.74 44.58
CA VAL A 430 17.42 -6.10 43.62
C VAL A 430 16.03 -6.05 44.21
N SER A 431 15.33 -4.95 43.96
CA SER A 431 13.94 -4.79 44.45
C SER A 431 12.92 -4.86 43.32
N SER A 432 11.69 -5.32 43.61
CA SER A 432 10.64 -5.39 42.60
C SER A 432 10.30 -4.03 42.01
N ALA A 433 10.46 -2.97 42.80
CA ALA A 433 10.20 -1.62 42.34
C ALA A 433 11.24 -1.11 41.33
N ASP A 434 12.39 -1.76 41.25
CA ASP A 434 13.44 -1.34 40.33
C ASP A 434 13.12 -1.86 38.94
N ARG A 435 12.61 -1.01 38.09
CA ARG A 435 12.19 -1.43 36.80
C ARG A 435 13.20 -1.16 35.70
N ASN A 436 14.27 -0.47 36.00
CA ASN A 436 15.24 -0.11 34.97
C ASN A 436 16.60 -0.77 35.11
N GLY A 437 16.95 -1.19 36.32
CA GLY A 437 18.27 -1.75 36.56
C GLY A 437 18.31 -3.21 37.00
N ALA A 438 17.16 -3.87 37.03
CA ALA A 438 17.07 -5.24 37.53
C ALA A 438 17.90 -6.21 36.68
N HIS A 439 17.79 -6.08 35.37
CA HIS A 439 18.52 -6.99 34.49
C HIS A 439 20.02 -6.87 34.69
N THR A 440 20.52 -5.64 34.88
CA THR A 440 21.98 -5.47 35.06
C THR A 440 22.46 -6.09 36.37
N LYS A 441 21.66 -5.99 37.43
CA LYS A 441 22.03 -6.58 38.71
C LYS A 441 22.03 -8.10 38.67
N TYR A 442 21.04 -8.69 38.00
CA TYR A 442 21.01 -10.15 37.90
C TYR A 442 22.27 -10.63 37.18
N ASN A 443 22.57 -10.04 36.04
CA ASN A 443 23.71 -10.50 35.25
C ASN A 443 25.05 -10.26 35.93
N SER A 444 25.19 -9.15 36.65
CA SER A 444 26.43 -8.96 37.41
C SER A 444 26.60 -10.01 38.47
N ALA A 445 25.54 -10.32 39.21
CA ALA A 445 25.59 -11.34 40.24
C ALA A 445 25.97 -12.70 39.69
N ILE A 446 25.37 -13.07 38.56
CA ILE A 446 25.71 -14.32 37.89
C ILE A 446 27.18 -14.39 37.48
N GLU A 447 27.66 -13.36 36.84
CA GLU A 447 29.06 -13.33 36.41
C GLU A 447 30.07 -13.47 37.60
N ASP A 448 29.79 -12.73 38.67
CA ASP A 448 30.68 -12.76 39.84
C ASP A 448 30.63 -14.11 40.53
N LYS A 449 29.44 -14.71 40.63
CA LYS A 449 29.31 -16.02 41.25
C LYS A 449 29.98 -17.09 40.42
N LEU A 450 29.75 -17.07 39.08
CA LEU A 450 30.31 -18.11 38.24
C LEU A 450 31.84 -17.99 38.08
N ALA A 451 32.40 -16.80 38.18
CA ALA A 451 33.86 -16.68 38.02
C ALA A 451 34.65 -17.48 39.08
N GLY A 452 34.18 -17.45 40.32
CA GLY A 452 34.82 -18.25 41.39
C GLY A 452 34.11 -19.52 41.83
N ALA A 453 33.32 -20.16 40.94
CA ALA A 453 32.51 -21.31 41.35
C ALA A 453 32.64 -22.57 40.48
N GLY A 454 33.41 -22.51 39.40
CA GLY A 454 33.56 -23.66 38.52
C GLY A 454 32.27 -24.01 37.78
N GLU A 455 32.18 -25.23 37.29
CA GLU A 455 31.13 -25.62 36.33
C GLU A 455 29.76 -25.80 36.97
N VAL A 456 28.73 -25.21 36.37
CA VAL A 456 27.35 -25.56 36.72
C VAL A 456 26.64 -26.13 35.50
N HIS A 457 25.69 -27.00 35.78
CA HIS A 457 25.03 -27.79 34.76
C HIS A 457 23.65 -27.26 34.38
N ALA A 458 23.07 -26.42 35.23
CA ALA A 458 21.82 -25.74 34.92
C ALA A 458 21.64 -24.61 35.92
N GLY A 459 20.64 -23.79 35.67
CA GLY A 459 20.27 -22.67 36.53
C GLY A 459 18.78 -22.63 36.79
N ILE A 460 18.42 -22.17 37.99
CA ILE A 460 17.08 -21.77 38.27
C ILE A 460 17.16 -20.26 38.52
N VAL A 461 16.30 -19.51 37.86
CA VAL A 461 16.27 -18.08 37.99
C VAL A 461 14.91 -17.69 38.50
N VAL A 462 14.90 -17.03 39.68
CA VAL A 462 13.66 -16.56 40.29
C VAL A 462 13.43 -15.09 39.98
N LEU A 463 12.24 -14.77 39.49
CA LEU A 463 11.86 -13.46 39.03
C LEU A 463 10.65 -12.88 39.83
N PHE A 464 10.67 -11.58 40.07
CA PHE A 464 9.51 -10.85 40.59
C PHE A 464 8.45 -10.74 39.49
N GLU A 465 7.17 -10.88 39.85
CA GLU A 465 6.10 -10.69 38.85
C GLU A 465 6.21 -9.33 38.16
N ASP A 466 6.54 -8.27 38.89
CA ASP A 466 6.67 -6.93 38.31
C ASP A 466 7.80 -6.77 37.29
N HIS A 467 8.72 -7.72 37.24
CA HIS A 467 9.80 -7.72 36.23
C HIS A 467 9.55 -8.63 35.03
N ALA A 468 8.65 -9.59 35.20
CA ALA A 468 8.43 -10.66 34.21
C ALA A 468 8.15 -10.18 32.78
N ARG A 469 7.38 -9.09 32.65
CA ARG A 469 6.97 -8.63 31.33
C ARG A 469 7.45 -7.24 30.97
N LEU A 470 8.53 -6.79 31.60
CA LEU A 470 9.19 -5.57 31.17
C LEU A 470 9.64 -5.70 29.71
N PRO A 471 9.80 -4.58 29.02
CA PRO A 471 10.41 -4.58 27.69
C PRO A 471 11.76 -5.30 27.66
N ASP A 472 12.07 -5.96 26.55
CA ASP A 472 13.21 -6.84 26.53
C ASP A 472 14.55 -6.13 26.79
N ASP A 473 14.65 -4.84 26.46
CA ASP A 473 15.88 -4.12 26.81
C ASP A 473 16.22 -4.08 28.33
N ARG A 474 15.24 -4.37 29.20
CA ARG A 474 15.47 -4.40 30.68
C ARG A 474 14.78 -5.58 31.38
N ASN A 475 14.52 -6.65 30.63
CA ASN A 475 13.78 -7.79 31.15
C ASN A 475 14.75 -8.82 31.70
N PRO A 476 14.69 -9.11 33.02
CA PRO A 476 15.65 -10.07 33.58
C PRO A 476 15.48 -11.49 33.08
N TYR A 477 14.27 -11.89 32.70
CA TYR A 477 14.07 -13.27 32.19
C TYR A 477 15.01 -13.44 31.00
N ILE A 478 14.89 -12.54 30.03
CA ILE A 478 15.54 -12.71 28.73
C ILE A 478 17.06 -12.44 28.85
N HIS A 479 17.45 -11.47 29.67
CA HIS A 479 18.88 -11.23 29.91
C HIS A 479 19.60 -12.36 30.64
N THR A 480 18.98 -12.98 31.66
CA THR A 480 19.57 -14.10 32.34
C THR A 480 19.55 -15.33 31.42
N LYS A 481 18.46 -15.49 30.68
CA LYS A 481 18.37 -16.61 29.70
C LYS A 481 19.51 -16.51 28.71
N SER A 482 19.74 -15.29 28.21
CA SER A 482 20.79 -14.98 27.24
C SER A 482 22.17 -15.26 27.75
N LEU A 483 22.52 -14.70 28.91
CA LEU A 483 23.82 -14.92 29.49
C LEU A 483 24.10 -16.35 29.77
N LEU A 484 23.19 -17.06 30.44
CA LEU A 484 23.45 -18.39 30.80
C LEU A 484 23.51 -19.32 29.53
N LEU A 485 22.63 -19.12 28.58
CA LEU A 485 22.70 -19.94 27.33
C LEU A 485 23.97 -19.67 26.56
N THR A 486 24.38 -18.41 26.48
CA THR A 486 25.71 -18.10 25.91
C THR A 486 26.80 -18.93 26.53
N LEU A 487 26.78 -19.07 27.88
CA LEU A 487 27.79 -19.81 28.62
C LEU A 487 27.58 -21.34 28.56
N GLY A 488 26.48 -21.79 27.96
CA GLY A 488 26.19 -23.17 27.84
C GLY A 488 25.42 -23.76 28.98
N VAL A 489 24.68 -22.92 29.71
CA VAL A 489 23.96 -23.32 30.93
C VAL A 489 22.47 -23.12 30.68
N PRO A 490 21.71 -24.24 30.61
CA PRO A 490 20.29 -24.05 30.40
C PRO A 490 19.65 -23.59 31.72
N THR A 491 18.55 -22.89 31.64
CA THR A 491 17.86 -22.41 32.83
C THR A 491 16.38 -22.80 32.85
N GLN A 492 15.86 -23.00 34.06
CA GLN A 492 14.44 -23.10 34.30
C GLN A 492 14.07 -21.89 35.17
N GLN A 493 13.33 -20.98 34.61
CA GLN A 493 13.00 -19.75 35.33
C GLN A 493 11.65 -19.92 36.01
N VAL A 494 11.37 -19.08 37.01
CA VAL A 494 10.16 -19.22 37.79
C VAL A 494 9.83 -17.85 38.44
N ARG A 495 8.55 -17.50 38.49
CA ARG A 495 8.07 -16.21 39.02
C ARG A 495 7.69 -16.40 40.51
N MET A 496 7.79 -15.33 41.29
CA MET A 496 7.54 -15.49 42.74
C MET A 496 6.13 -16.00 43.08
N PRO A 497 5.10 -15.57 42.34
CA PRO A 497 3.77 -16.15 42.68
C PRO A 497 3.73 -17.68 42.57
N THR A 498 4.54 -18.24 41.68
CA THR A 498 4.67 -19.69 41.58
C THR A 498 5.41 -20.28 42.77
N VAL A 499 6.52 -19.63 43.13
CA VAL A 499 7.30 -20.02 44.29
C VAL A 499 6.42 -20.09 45.57
N LEU A 500 5.40 -19.24 45.61
CA LEU A 500 4.50 -19.13 46.77
C LEU A 500 3.19 -19.89 46.70
N LEU A 501 3.04 -20.74 45.69
CA LEU A 501 1.81 -21.46 45.58
C LEU A 501 1.53 -22.33 46.82
N GLU A 502 0.26 -22.44 47.18
CA GLU A 502 -0.10 -23.35 48.27
C GLU A 502 0.21 -24.80 47.90
N PRO A 503 0.54 -25.62 48.92
CA PRO A 503 1.02 -26.98 48.66
C PRO A 503 0.16 -27.81 47.73
N LYS A 504 -1.16 -27.76 47.86
CA LYS A 504 -2.07 -28.51 46.98
C LYS A 504 -1.81 -28.18 45.51
N SER A 505 -1.50 -26.91 45.21
CA SER A 505 -1.20 -26.52 43.83
C SER A 505 0.28 -26.71 43.49
N LEU A 506 1.15 -26.39 44.46
CA LEU A 506 2.59 -26.52 44.26
C LEU A 506 3.02 -27.90 43.77
N GLN A 507 2.39 -28.96 44.24
CA GLN A 507 2.84 -30.29 43.87
C GLN A 507 2.79 -30.46 42.32
N TYR A 508 1.76 -29.90 41.68
CA TYR A 508 1.60 -30.02 40.20
C TYR A 508 2.61 -29.16 39.46
N THR A 509 2.87 -27.98 39.99
CA THR A 509 3.97 -27.15 39.47
C THR A 509 5.33 -27.88 39.49
N LEU A 510 5.64 -28.56 40.59
CA LEU A 510 6.89 -29.27 40.71
C LEU A 510 6.98 -30.50 39.79
N GLN A 511 5.86 -31.13 39.46
CA GLN A 511 5.89 -32.19 38.45
C GLN A 511 6.42 -31.64 37.13
N ASN A 512 5.81 -30.54 36.68
CA ASN A 512 6.10 -29.94 35.36
C ASN A 512 7.52 -29.35 35.35
N PHE A 513 7.86 -28.67 36.43
CA PHE A 513 9.18 -28.09 36.64
C PHE A 513 10.28 -29.16 36.56
N SER A 514 10.04 -30.33 37.18
CA SER A 514 10.99 -31.43 37.21
C SER A 514 11.19 -32.06 35.86
N ILE A 515 10.11 -32.29 35.12
CA ILE A 515 10.22 -32.87 33.80
C ILE A 515 11.10 -31.96 32.88
N ALA A 516 10.83 -30.66 32.88
CA ALA A 516 11.55 -29.75 32.00
C ALA A 516 12.98 -29.61 32.48
N THR A 517 13.20 -29.58 33.79
CA THR A 517 14.59 -29.43 34.29
C THR A 517 15.49 -30.62 33.93
N TYR A 518 14.93 -31.82 34.06
CA TYR A 518 15.64 -33.03 33.68
C TYR A 518 15.98 -33.06 32.20
N ALA A 519 15.01 -32.71 31.34
CA ALA A 519 15.31 -32.60 29.89
C ALA A 519 16.33 -31.48 29.58
N LYS A 520 16.27 -30.38 30.32
CA LYS A 520 17.29 -29.34 30.17
C LYS A 520 18.69 -29.83 30.56
N LEU A 521 18.78 -30.83 31.44
CA LEU A 521 20.05 -31.47 31.81
C LEU A 521 20.47 -32.59 30.85
N ASN A 522 19.77 -32.68 29.72
CA ASN A 522 20.04 -33.65 28.65
C ASN A 522 19.21 -34.91 28.78
N GLY A 523 18.29 -34.96 29.74
CA GLY A 523 17.49 -36.15 29.98
C GLY A 523 16.38 -36.38 28.96
N THR A 524 15.93 -37.64 28.89
CA THR A 524 14.77 -38.09 28.15
C THR A 524 13.79 -38.72 29.15
N PRO A 525 12.81 -37.94 29.64
CA PRO A 525 11.85 -38.38 30.63
C PRO A 525 11.03 -39.61 30.18
N TRP A 526 10.54 -39.55 28.95
CA TRP A 526 9.75 -40.63 28.37
C TRP A 526 9.65 -40.44 26.88
N THR A 527 9.24 -41.51 26.19
CA THR A 527 8.96 -41.48 24.78
C THR A 527 7.55 -42.02 24.56
N VAL A 528 7.13 -42.10 23.30
CA VAL A 528 5.82 -42.63 22.99
C VAL A 528 6.00 -43.74 21.98
N ASN A 529 5.05 -44.65 22.01
CA ASN A 529 5.14 -45.90 21.28
C ASN A 529 4.96 -45.70 19.79
N HIS A 530 5.68 -46.51 19.04
CA HIS A 530 5.28 -46.75 17.67
C HIS A 530 5.72 -48.18 17.31
N ASP A 531 4.94 -48.85 16.47
CA ASP A 531 5.33 -50.16 15.94
C ASP A 531 6.06 -49.93 14.63
N LYS A 532 7.25 -50.51 14.50
CA LYS A 532 8.03 -50.36 13.27
C LYS A 532 7.24 -50.99 12.13
N ALA A 533 6.84 -50.16 11.18
CA ALA A 533 6.16 -50.61 9.96
C ALA A 533 7.06 -50.44 8.72
N ILE A 534 7.90 -49.40 8.74
CA ILE A 534 8.92 -49.17 7.70
C ILE A 534 10.28 -49.09 8.37
N ASN A 535 11.34 -49.03 7.56
CA ASN A 535 12.71 -49.14 8.07
C ASN A 535 13.27 -47.90 8.71
N ASP A 536 12.74 -46.74 8.36
CA ASP A 536 13.08 -45.51 9.04
C ASP A 536 12.05 -44.42 8.78
N GLU A 537 11.92 -43.52 9.77
CA GLU A 537 10.93 -42.46 9.67
C GLU A 537 11.45 -41.23 10.38
N LEU A 538 11.30 -40.11 9.70
CA LEU A 538 11.72 -38.77 10.18
C LEU A 538 10.48 -37.85 10.11
N VAL A 539 10.21 -37.12 11.20
CA VAL A 539 9.20 -36.12 11.18
C VAL A 539 9.89 -34.80 11.51
N VAL A 540 9.71 -33.80 10.65
CA VAL A 540 10.16 -32.43 10.89
C VAL A 540 9.03 -31.43 10.97
N GLY A 541 9.10 -30.55 11.98
CA GLY A 541 8.10 -29.56 12.20
C GLY A 541 8.71 -28.16 12.10
N MET A 542 7.92 -27.22 11.64
CA MET A 542 8.31 -25.82 11.61
C MET A 542 7.29 -24.99 12.35
N GLY A 543 7.77 -24.01 13.11
CA GLY A 543 6.90 -23.16 13.90
C GLY A 543 7.33 -21.71 13.76
N LEU A 544 6.34 -20.82 13.90
CA LEU A 544 6.49 -19.38 13.64
C LEU A 544 6.36 -18.59 14.94
N ALA A 545 7.24 -17.62 15.13
CA ALA A 545 6.98 -16.55 16.11
C ALA A 545 7.01 -15.18 15.43
N GLU A 546 6.21 -14.24 15.95
CA GLU A 546 6.14 -12.89 15.43
C GLU A 546 6.37 -11.90 16.56
N LEU A 547 7.48 -11.17 16.51
CA LEU A 547 7.94 -10.37 17.66
C LEU A 547 7.90 -8.86 17.40
N SER A 548 7.43 -8.15 18.41
CA SER A 548 7.42 -6.69 18.41
C SER A 548 7.41 -6.23 19.86
N GLY A 549 7.78 -4.96 20.08
CA GLY A 549 7.84 -4.41 21.43
C GLY A 549 6.48 -3.93 21.92
N SER A 550 5.55 -3.75 21.00
CA SER A 550 4.19 -3.31 21.33
C SER A 550 3.29 -3.57 20.13
N ARG A 551 1.99 -3.38 20.30
CA ARG A 551 1.06 -3.58 19.19
C ARG A 551 1.22 -2.62 18.04
N THR A 552 1.72 -1.42 18.33
CA THR A 552 2.01 -0.43 17.31
C THR A 552 3.09 -0.88 16.33
N GLU A 553 4.10 -1.58 16.86
CA GLU A 553 5.30 -1.88 16.08
C GLU A 553 5.05 -3.14 15.25
N LYS A 554 5.44 -3.06 13.97
CA LYS A 554 5.27 -4.16 13.01
C LYS A 554 6.04 -5.40 13.50
N ARG A 555 5.37 -6.54 13.58
CA ARG A 555 5.95 -7.77 14.13
C ARG A 555 6.91 -8.41 13.14
N GLN A 556 8.09 -8.85 13.59
CA GLN A 556 9.08 -9.52 12.71
C GLN A 556 8.95 -11.04 12.92
N ARG A 557 9.02 -11.78 11.83
CA ARG A 557 8.84 -13.23 11.88
C ARG A 557 10.12 -14.00 12.05
N PHE A 558 10.04 -15.06 12.84
CA PHE A 558 11.15 -15.97 13.06
C PHE A 558 10.60 -17.38 12.97
N VAL A 559 11.48 -18.31 12.68
CA VAL A 559 11.09 -19.70 12.56
C VAL A 559 11.94 -20.60 13.44
N GLY A 560 11.37 -21.76 13.78
CA GLY A 560 12.05 -22.78 14.48
C GLY A 560 11.77 -24.10 13.76
N ILE A 561 12.71 -25.02 13.90
CA ILE A 561 12.67 -26.39 13.34
C ILE A 561 13.00 -27.46 14.38
N THR A 562 12.11 -28.44 14.50
CA THR A 562 12.27 -29.52 15.44
C THR A 562 12.22 -30.81 14.63
N THR A 563 13.01 -31.80 15.03
CA THR A 563 12.99 -33.13 14.39
C THR A 563 12.69 -34.26 15.36
N VAL A 564 11.92 -35.26 14.87
CA VAL A 564 11.61 -36.44 15.63
C VAL A 564 11.89 -37.70 14.75
N PHE A 565 12.47 -38.73 15.35
CA PHE A 565 12.86 -39.98 14.64
C PHE A 565 12.14 -41.18 15.20
N ALA A 566 11.83 -42.13 14.31
CA ALA A 566 11.38 -43.41 14.72
C ALA A 566 12.55 -44.18 15.33
N GLY A 567 12.29 -44.78 16.48
CA GLY A 567 13.25 -45.66 17.16
C GLY A 567 12.67 -47.06 17.12
N ASP A 568 13.30 -47.97 17.83
CA ASP A 568 12.76 -49.32 17.96
C ASP A 568 11.75 -49.29 19.10
N GLY A 569 10.48 -49.19 18.74
CA GLY A 569 9.40 -49.17 19.72
C GLY A 569 9.02 -47.77 20.18
N SER A 570 9.73 -46.75 19.67
CA SER A 570 9.74 -45.41 20.27
C SER A 570 9.93 -44.28 19.27
N TYR A 571 9.37 -43.11 19.57
CA TYR A 571 9.77 -41.91 18.89
C TYR A 571 10.81 -41.19 19.75
N LEU A 572 11.86 -40.69 19.11
CA LEU A 572 12.95 -40.01 19.79
C LEU A 572 13.08 -38.59 19.29
N LEU A 573 13.36 -37.67 20.20
CA LEU A 573 13.55 -36.31 19.80
C LEU A 573 14.93 -36.14 19.23
N GLY A 574 15.03 -35.46 18.10
CA GLY A 574 16.32 -35.18 17.46
C GLY A 574 16.85 -33.81 17.86
N ASN A 575 17.70 -33.25 17.01
CA ASN A 575 18.25 -31.92 17.23
C ASN A 575 17.32 -30.84 16.67
N VAL A 576 17.60 -29.63 17.09
CA VAL A 576 16.71 -28.52 16.93
C VAL A 576 17.50 -27.41 16.22
N SER A 577 16.79 -26.46 15.61
CA SER A 577 17.42 -25.36 14.89
C SER A 577 18.15 -24.41 15.85
N LYS A 578 19.22 -23.80 15.37
CA LYS A 578 19.88 -22.71 16.11
C LYS A 578 19.79 -21.37 15.36
N GLU A 579 19.48 -21.40 14.07
CA GLU A 579 19.26 -20.20 13.25
C GLU A 579 17.75 -20.00 13.07
N CYS A 580 17.26 -18.76 13.10
CA CYS A 580 15.82 -18.53 13.23
C CYS A 580 15.21 -17.58 12.18
N GLU A 581 15.94 -17.25 11.12
CA GLU A 581 15.44 -16.22 10.17
C GLU A 581 14.31 -16.76 9.29
N TYR A 582 13.29 -15.95 9.08
CA TYR A 582 12.10 -16.34 8.31
C TYR A 582 12.38 -16.38 6.79
N GLU A 583 13.14 -15.39 6.36
CA GLU A 583 13.64 -15.29 4.99
C GLU A 583 14.42 -16.55 4.70
N GLY A 584 13.99 -17.31 3.70
CA GLY A 584 14.70 -18.53 3.33
C GLY A 584 14.32 -19.76 4.15
N TYR A 585 13.18 -19.72 4.82
CA TYR A 585 12.79 -20.82 5.67
C TYR A 585 12.63 -22.14 4.89
N SER A 586 12.25 -22.03 3.61
CA SER A 586 12.04 -23.26 2.83
C SER A 586 13.36 -23.98 2.57
N ASP A 587 14.41 -23.21 2.29
CA ASP A 587 15.76 -23.76 2.18
C ASP A 587 16.22 -24.37 3.50
N ALA A 588 15.87 -23.76 4.64
CA ALA A 588 16.22 -24.34 5.93
C ALA A 588 15.53 -25.69 6.20
N ILE A 589 14.28 -25.83 5.76
CA ILE A 589 13.57 -27.10 5.93
C ILE A 589 14.33 -28.16 5.14
N ARG A 590 14.69 -27.80 3.91
CA ARG A 590 15.28 -28.76 2.98
C ARG A 590 16.70 -29.15 3.40
N GLU A 591 17.48 -28.17 3.86
CA GLU A 591 18.78 -28.47 4.50
C GLU A 591 18.71 -29.36 5.75
N SER A 592 17.74 -29.13 6.61
CA SER A 592 17.56 -29.93 7.82
C SER A 592 17.24 -31.38 7.42
N MET A 593 16.30 -31.54 6.51
CA MET A 593 15.89 -32.87 6.09
C MET A 593 17.01 -33.63 5.37
N THR A 594 17.69 -32.99 4.44
CA THR A 594 18.71 -33.70 3.63
C THR A 594 19.90 -34.09 4.47
N GLY A 595 20.34 -33.20 5.37
CA GLY A 595 21.45 -33.51 6.27
C GLY A 595 21.12 -34.64 7.24
N ILE A 596 19.91 -34.62 7.78
CA ILE A 596 19.45 -35.66 8.68
C ILE A 596 19.27 -37.02 7.99
N LEU A 597 18.70 -37.00 6.80
CA LEU A 597 18.58 -38.22 6.00
C LEU A 597 19.96 -38.86 5.71
N ARG A 598 20.94 -38.01 5.39
CA ARG A 598 22.33 -38.47 5.18
C ARG A 598 22.91 -39.16 6.40
N GLU A 599 22.64 -38.61 7.58
CA GLU A 599 23.13 -39.17 8.81
C GLU A 599 22.37 -40.40 9.27
N LEU A 600 21.04 -40.43 9.11
CA LEU A 600 20.27 -41.62 9.44
C LEU A 600 20.70 -42.82 8.59
N LYS A 601 20.94 -42.58 7.30
CA LYS A 601 21.35 -43.62 6.38
C LYS A 601 22.70 -44.18 6.83
N LYS A 602 23.60 -43.27 7.20
CA LYS A 602 24.91 -43.65 7.76
C LYS A 602 24.79 -44.48 9.03
N ARG A 603 23.99 -44.02 9.99
CA ARG A 603 23.84 -44.74 11.26
C ARG A 603 23.16 -46.08 11.06
N ASN A 604 22.04 -46.10 10.33
CA ASN A 604 21.23 -47.30 10.24
C ASN A 604 21.59 -48.26 9.12
N ASN A 605 22.37 -47.80 8.15
CA ASN A 605 22.91 -48.63 7.07
C ASN A 605 21.76 -49.27 6.27
N TRP A 606 20.93 -48.41 5.69
CA TRP A 606 19.71 -48.89 5.04
C TRP A 606 20.04 -49.94 3.98
N ARG A 607 19.24 -50.99 3.93
CA ARG A 607 19.39 -52.04 2.90
C ARG A 607 18.68 -51.63 1.62
N PRO A 608 19.22 -52.03 0.44
CA PRO A 608 18.45 -51.83 -0.82
C PRO A 608 17.02 -52.36 -0.70
N GLY A 609 16.05 -51.54 -1.09
CA GLY A 609 14.63 -51.92 -1.01
C GLY A 609 13.95 -51.48 0.27
N ASP A 610 14.72 -50.96 1.24
CA ASP A 610 14.11 -50.42 2.46
C ASP A 610 13.28 -49.19 2.09
N THR A 611 12.23 -48.93 2.86
CA THR A 611 11.40 -47.77 2.67
C THR A 611 11.71 -46.73 3.77
N VAL A 612 11.87 -45.48 3.37
CA VAL A 612 12.08 -44.37 4.32
C VAL A 612 10.89 -43.43 4.17
N ARG A 613 10.30 -43.02 5.29
CA ARG A 613 9.19 -42.11 5.29
C ARG A 613 9.59 -40.79 5.96
N VAL A 614 9.28 -39.71 5.31
CA VAL A 614 9.51 -38.34 5.85
C VAL A 614 8.17 -37.60 5.95
N VAL A 615 7.90 -37.04 7.13
CA VAL A 615 6.71 -36.29 7.33
C VAL A 615 7.08 -34.86 7.78
N PHE A 616 6.36 -33.89 7.25
CA PHE A 616 6.48 -32.47 7.66
C PHE A 616 5.20 -32.01 8.36
N HIS A 617 5.37 -31.31 9.48
CA HIS A 617 4.27 -30.71 10.24
C HIS A 617 4.39 -29.17 10.33
N ALA A 618 3.29 -28.48 10.06
CA ALA A 618 3.16 -27.05 10.38
C ALA A 618 1.72 -26.59 10.59
N HIS A 619 1.56 -25.36 11.09
CA HIS A 619 0.21 -24.82 11.25
C HIS A 619 -0.36 -24.19 9.98
N ARG A 620 0.44 -24.10 8.89
CA ARG A 620 -0.01 -23.62 7.60
C ARG A 620 0.52 -24.58 6.54
N PRO A 621 -0.16 -24.68 5.38
CA PRO A 621 0.33 -25.51 4.25
C PRO A 621 1.56 -24.93 3.57
N LEU A 622 2.46 -25.78 3.11
CA LEU A 622 3.59 -25.35 2.30
C LEU A 622 3.15 -25.04 0.86
N LYS A 623 3.88 -24.15 0.20
CA LYS A 623 3.72 -23.92 -1.24
C LYS A 623 4.00 -25.20 -2.04
N ARG A 624 3.27 -25.37 -3.14
CA ARG A 624 3.52 -26.47 -4.08
C ARG A 624 4.97 -26.52 -4.56
N VAL A 625 5.52 -25.36 -4.86
CA VAL A 625 6.88 -25.25 -5.36
C VAL A 625 7.91 -25.61 -4.27
N ASP A 626 7.58 -25.32 -3.02
CA ASP A 626 8.45 -25.74 -1.92
C ASP A 626 8.33 -27.24 -1.66
N VAL A 627 7.13 -27.79 -1.73
CA VAL A 627 6.98 -29.24 -1.67
C VAL A 627 7.84 -29.92 -2.75
N ALA A 628 7.78 -29.40 -3.98
CA ALA A 628 8.53 -30.00 -5.11
C ALA A 628 10.03 -30.03 -4.89
N SER A 629 10.55 -28.92 -4.42
CA SER A 629 11.95 -28.76 -4.10
C SER A 629 12.41 -29.69 -2.97
N ILE A 630 11.60 -29.81 -1.92
CA ILE A 630 11.92 -30.69 -0.81
C ILE A 630 11.90 -32.13 -1.26
N VAL A 631 10.87 -32.51 -1.99
CA VAL A 631 10.77 -33.88 -2.47
C VAL A 631 11.99 -34.19 -3.33
N PHE A 632 12.30 -33.27 -4.25
CA PHE A 632 13.41 -33.48 -5.19
C PHE A 632 14.73 -33.65 -4.45
N GLU A 633 15.02 -32.76 -3.49
CA GLU A 633 16.26 -32.86 -2.74
C GLU A 633 16.38 -34.09 -1.82
N CYS A 634 15.29 -34.48 -1.18
CA CYS A 634 15.32 -35.63 -0.30
C CYS A 634 15.48 -36.91 -1.09
N THR A 635 14.76 -36.96 -2.20
CA THR A 635 14.84 -38.10 -3.10
C THR A 635 16.26 -38.28 -3.67
N ARG A 636 16.92 -37.20 -4.03
CA ARG A 636 18.25 -37.27 -4.59
C ARG A 636 19.25 -37.69 -3.51
N GLU A 637 19.06 -37.18 -2.29
CA GLU A 637 19.94 -37.51 -1.19
C GLU A 637 19.85 -39.00 -0.84
N ILE A 638 18.65 -39.53 -0.72
CA ILE A 638 18.57 -40.89 -0.29
C ILE A 638 19.00 -41.84 -1.43
N GLY A 639 18.69 -41.47 -2.67
CA GLY A 639 19.18 -42.20 -3.84
C GLY A 639 18.23 -43.30 -4.24
N SER A 640 18.52 -43.98 -5.34
CA SER A 640 17.61 -44.97 -5.90
C SER A 640 17.58 -46.37 -5.25
N ASP A 641 18.42 -46.62 -4.26
CA ASP A 641 18.41 -47.90 -3.55
C ASP A 641 17.21 -48.05 -2.65
N GLN A 642 16.65 -46.94 -2.13
CA GLN A 642 15.52 -47.03 -1.23
C GLN A 642 14.29 -46.38 -1.84
N ASN A 643 13.14 -46.79 -1.30
CA ASN A 643 11.84 -46.23 -1.66
C ASN A 643 11.51 -45.12 -0.67
N ILE A 644 11.08 -43.96 -1.15
CA ILE A 644 10.79 -42.78 -0.28
C ILE A 644 9.32 -42.47 -0.29
N GLN A 645 8.78 -42.12 0.88
CA GLN A 645 7.39 -41.73 1.05
C GLN A 645 7.41 -40.42 1.79
N MET A 646 6.74 -39.42 1.28
CA MET A 646 6.75 -38.07 1.91
C MET A 646 5.36 -37.50 2.09
N ALA A 647 5.10 -36.96 3.29
CA ALA A 647 3.81 -36.36 3.57
C ALA A 647 4.01 -34.98 4.17
N PHE A 648 3.17 -34.05 3.75
CA PHE A 648 3.20 -32.65 4.22
C PHE A 648 1.85 -32.34 4.84
N VAL A 649 1.87 -31.98 6.11
CA VAL A 649 0.68 -32.00 6.91
C VAL A 649 0.47 -30.64 7.60
N THR A 650 -0.76 -30.14 7.57
CA THR A 650 -1.16 -28.93 8.30
C THR A 650 -2.01 -29.36 9.47
N VAL A 651 -1.79 -28.72 10.62
CA VAL A 651 -2.58 -28.97 11.81
C VAL A 651 -3.26 -27.65 12.15
N SER A 652 -4.59 -27.68 12.27
CA SER A 652 -5.40 -26.48 12.39
C SER A 652 -6.27 -26.57 13.66
N HIS A 653 -6.32 -25.48 14.42
CA HIS A 653 -7.11 -25.36 15.62
C HIS A 653 -8.39 -24.54 15.44
N ASP A 654 -8.39 -23.62 14.49
CA ASP A 654 -9.46 -22.65 14.27
C ASP A 654 -10.13 -22.97 12.91
N HIS A 655 -11.23 -23.67 12.94
CA HIS A 655 -11.94 -24.09 11.71
C HIS A 655 -13.38 -24.25 12.18
N PRO A 656 -14.32 -24.54 11.28
CA PRO A 656 -15.71 -24.49 11.72
C PRO A 656 -16.35 -25.83 12.10
N PHE A 657 -15.53 -26.84 12.34
CA PHE A 657 -16.00 -28.20 12.67
C PHE A 657 -16.00 -28.52 14.17
N VAL A 658 -17.08 -29.14 14.64
CA VAL A 658 -17.04 -29.73 15.97
C VAL A 658 -17.71 -31.10 16.01
N LEU A 659 -17.16 -31.94 16.87
CA LEU A 659 -17.58 -33.31 17.00
C LEU A 659 -18.30 -33.53 18.32
N ILE A 660 -19.43 -34.22 18.22
CA ILE A 660 -20.34 -34.47 19.32
C ILE A 660 -20.52 -36.00 19.43
N ASP A 661 -20.32 -36.54 20.61
CA ASP A 661 -20.56 -37.94 20.91
C ASP A 661 -21.71 -38.06 21.90
N ARG A 662 -22.90 -38.36 21.38
CA ARG A 662 -24.10 -38.39 22.19
C ARG A 662 -24.13 -39.52 23.20
N SER A 663 -23.32 -40.55 22.97
CA SER A 663 -23.21 -41.64 23.92
C SER A 663 -22.30 -41.32 25.12
N GLU A 664 -21.60 -40.17 25.10
CA GLU A 664 -20.70 -39.82 26.20
C GLU A 664 -21.45 -38.99 27.23
N ARG A 665 -21.69 -39.60 28.39
N ARG A 665 -21.70 -39.56 28.39
CA ARG A 665 -22.42 -39.01 29.50
CA ARG A 665 -22.48 -38.88 29.43
C ARG A 665 -21.62 -37.97 30.27
C ARG A 665 -21.63 -38.03 30.37
N GLY A 666 -20.31 -38.07 30.18
CA GLY A 666 -19.40 -37.22 30.92
C GLY A 666 -18.99 -37.92 32.20
N LEU A 667 -18.13 -37.22 32.95
CA LEU A 667 -17.55 -37.73 34.17
C LEU A 667 -17.91 -36.75 35.24
N GLU A 668 -18.03 -37.22 36.48
CA GLU A 668 -18.29 -36.31 37.60
C GLU A 668 -17.25 -35.18 37.56
N ALA A 669 -17.68 -33.96 37.87
CA ALA A 669 -16.77 -32.81 37.79
C ALA A 669 -15.64 -32.94 38.81
N TYR A 670 -15.94 -33.64 39.90
CA TYR A 670 -14.96 -34.06 40.90
C TYR A 670 -15.65 -35.12 41.75
N LYS A 671 -14.90 -35.83 42.59
CA LYS A 671 -15.48 -36.83 43.49
C LYS A 671 -16.20 -36.10 44.61
N GLY A 672 -17.52 -36.25 44.76
CA GLY A 672 -18.41 -36.99 43.87
C GLY A 672 -19.68 -36.18 43.66
N SER A 673 -19.62 -35.23 42.75
CA SER A 673 -20.65 -34.21 42.61
C SER A 673 -21.77 -34.62 41.66
N THR A 674 -22.80 -33.79 41.59
CA THR A 674 -23.91 -34.01 40.66
C THR A 674 -23.57 -33.47 39.26
N ALA A 675 -22.62 -32.54 39.21
CA ALA A 675 -22.22 -31.88 37.95
C ALA A 675 -21.34 -32.81 37.14
N ARG A 676 -21.33 -32.56 35.84
CA ARG A 676 -20.58 -33.40 34.93
C ARG A 676 -19.70 -32.52 34.07
N LYS A 677 -18.59 -33.08 33.62
CA LYS A 677 -17.71 -32.38 32.72
C LYS A 677 -17.52 -33.31 31.54
N GLY A 678 -17.29 -32.71 30.38
CA GLY A 678 -16.99 -33.45 29.15
C GLY A 678 -18.19 -34.20 28.61
N VAL A 679 -19.39 -33.69 28.86
CA VAL A 679 -20.60 -34.34 28.37
C VAL A 679 -20.63 -34.16 26.86
N PHE A 680 -20.82 -35.27 26.15
CA PHE A 680 -20.79 -35.32 24.66
C PHE A 680 -19.40 -35.13 24.03
N ALA A 681 -18.32 -35.16 24.84
CA ALA A 681 -16.96 -34.99 24.30
C ALA A 681 -16.49 -36.32 23.70
N PRO A 682 -16.09 -36.31 22.43
CA PRO A 682 -15.60 -37.57 21.89
C PRO A 682 -14.34 -38.04 22.60
N PRO A 683 -14.03 -39.36 22.51
CA PRO A 683 -12.83 -39.85 23.14
C PRO A 683 -11.54 -39.35 22.47
N ARG A 684 -10.47 -39.28 23.25
CA ARG A 684 -9.16 -38.86 22.72
C ARG A 684 -8.71 -39.90 21.73
N GLY A 685 -8.42 -39.45 20.53
CA GLY A 685 -7.95 -40.35 19.48
C GLY A 685 -9.04 -40.72 18.52
N ALA A 686 -10.24 -40.18 18.73
CA ALA A 686 -11.28 -40.26 17.72
C ALA A 686 -10.86 -39.52 16.47
N ILE A 687 -10.99 -40.18 15.32
CA ILE A 687 -10.59 -39.61 14.05
C ILE A 687 -11.73 -39.71 13.04
N SER A 688 -12.18 -38.58 12.53
CA SER A 688 -13.27 -38.53 11.58
C SER A 688 -12.83 -38.03 10.21
N ARG A 689 -13.45 -38.60 9.20
CA ARG A 689 -13.16 -38.29 7.83
C ARG A 689 -14.10 -37.21 7.30
N VAL A 690 -13.52 -36.08 6.90
CA VAL A 690 -14.25 -35.01 6.31
C VAL A 690 -14.16 -35.11 4.82
N GLY A 691 -12.95 -35.40 4.34
CA GLY A 691 -12.67 -35.59 2.94
C GLY A 691 -11.40 -36.39 2.69
N ARG A 692 -11.06 -36.56 1.42
CA ARG A 692 -9.89 -37.32 1.03
C ARG A 692 -8.63 -36.89 1.80
N LEU A 693 -8.45 -35.58 1.90
CA LEU A 693 -7.21 -35.02 2.45
C LEU A 693 -7.29 -34.59 3.92
N THR A 694 -8.45 -34.75 4.55
CA THR A 694 -8.70 -34.09 5.83
C THR A 694 -9.33 -35.00 6.87
N ARG A 695 -8.78 -34.96 8.08
CA ARG A 695 -9.36 -35.65 9.22
C ARG A 695 -9.55 -34.67 10.39
N LEU A 696 -10.55 -34.96 11.19
CA LEU A 696 -10.76 -34.34 12.50
C LEU A 696 -10.25 -35.28 13.59
N LEU A 697 -9.40 -34.74 14.46
CA LEU A 697 -8.78 -35.48 15.51
C LEU A 697 -9.22 -34.96 16.86
N ALA A 698 -9.85 -35.80 17.66
CA ALA A 698 -10.21 -35.41 19.02
C ALA A 698 -9.04 -35.59 19.98
N VAL A 699 -8.74 -34.56 20.77
CA VAL A 699 -7.63 -34.67 21.71
C VAL A 699 -8.05 -34.49 23.16
N ASN A 700 -9.04 -33.67 23.43
CA ASN A 700 -9.48 -33.40 24.81
C ASN A 700 -10.67 -34.27 25.24
N SER A 701 -10.36 -35.39 25.86
CA SER A 701 -11.37 -36.32 26.37
C SER A 701 -11.98 -35.87 27.70
N PRO A 702 -13.08 -36.53 28.16
CA PRO A 702 -13.70 -36.10 29.41
C PRO A 702 -12.72 -36.09 30.58
N GLN A 703 -11.81 -37.06 30.60
CA GLN A 703 -10.76 -37.10 31.63
C GLN A 703 -9.93 -35.82 31.67
N LEU A 704 -9.53 -35.36 30.50
CA LEU A 704 -8.63 -34.20 30.39
C LEU A 704 -9.37 -32.89 30.53
N ILE A 705 -10.66 -32.89 30.23
CA ILE A 705 -11.46 -31.68 30.28
C ILE A 705 -11.49 -31.17 31.73
N LYS A 706 -11.39 -29.87 31.91
CA LYS A 706 -11.06 -29.31 33.22
C LYS A 706 -12.25 -29.17 34.19
N ARG A 707 -13.37 -28.64 33.73
CA ARG A 707 -14.46 -28.24 34.63
C ARG A 707 -15.81 -28.49 33.99
N ALA A 708 -16.87 -28.50 34.82
CA ALA A 708 -18.23 -28.70 34.34
C ALA A 708 -18.60 -27.70 33.25
N ASN A 709 -18.08 -26.48 33.38
CA ASN A 709 -18.37 -25.38 32.49
C ASN A 709 -17.41 -25.23 31.30
N THR A 710 -16.43 -26.11 31.22
CA THR A 710 -15.58 -26.17 30.05
C THR A 710 -16.44 -26.52 28.84
N PRO A 711 -16.37 -25.72 27.77
CA PRO A 711 -17.12 -26.04 26.55
C PRO A 711 -16.80 -27.40 25.96
N LEU A 712 -17.72 -27.91 25.13
CA LEU A 712 -17.43 -29.00 24.24
C LEU A 712 -16.16 -28.61 23.46
N PRO A 713 -15.14 -29.46 23.47
CA PRO A 713 -13.91 -29.09 22.77
C PRO A 713 -14.02 -29.01 21.27
N THR A 714 -13.07 -28.30 20.68
CA THR A 714 -12.93 -28.32 19.23
C THR A 714 -11.82 -29.31 18.90
N PRO A 715 -12.06 -30.17 17.89
CA PRO A 715 -11.00 -31.09 17.52
C PRO A 715 -9.96 -30.36 16.66
N LEU A 716 -8.84 -31.01 16.42
CA LEU A 716 -7.86 -30.53 15.47
C LEU A 716 -8.24 -30.98 14.09
N LEU A 717 -8.02 -30.11 13.12
CA LEU A 717 -8.16 -30.48 11.71
C LEU A 717 -6.78 -30.83 11.15
N VAL A 718 -6.64 -32.02 10.57
CA VAL A 718 -5.37 -32.50 10.05
C VAL A 718 -5.51 -32.62 8.53
N SER A 719 -4.74 -31.85 7.77
CA SER A 719 -4.88 -31.76 6.31
C SER A 719 -3.62 -32.19 5.60
N LEU A 720 -3.76 -33.12 4.67
CA LEU A 720 -2.66 -33.56 3.83
C LEU A 720 -2.48 -32.71 2.57
N HIS A 721 -1.24 -32.32 2.28
CA HIS A 721 -0.95 -31.52 1.12
C HIS A 721 -1.20 -32.44 -0.07
N PRO A 722 -1.93 -31.97 -1.10
CA PRO A 722 -2.27 -32.85 -2.25
C PRO A 722 -1.10 -33.38 -3.07
N ASP A 723 0.04 -32.68 -3.01
CA ASP A 723 1.25 -33.18 -3.66
C ASP A 723 2.07 -34.22 -2.85
N SER A 724 1.61 -34.62 -1.67
CA SER A 724 2.27 -35.64 -0.86
C SER A 724 2.27 -37.02 -1.55
N THR A 725 3.40 -37.71 -1.49
CA THR A 725 3.47 -39.09 -2.03
C THR A 725 2.99 -40.14 -1.08
N PHE A 726 2.97 -39.84 0.22
CA PHE A 726 2.41 -40.73 1.22
C PHE A 726 1.04 -40.19 1.56
N LYS A 727 0.03 -41.06 1.46
CA LYS A 727 -1.35 -40.60 1.41
C LYS A 727 -2.20 -40.92 2.61
N ASP A 728 -1.68 -41.62 3.61
CA ASP A 728 -2.51 -42.18 4.65
C ASP A 728 -2.82 -41.19 5.80
N VAL A 729 -3.87 -40.40 5.64
CA VAL A 729 -4.11 -39.30 6.60
C VAL A 729 -4.63 -39.79 7.95
N ASP A 730 -5.22 -40.99 8.03
CA ASP A 730 -5.54 -41.57 9.33
C ASP A 730 -4.27 -41.89 10.15
N TYR A 731 -3.28 -42.51 9.53
CA TYR A 731 -1.96 -42.73 10.17
C TYR A 731 -1.36 -41.38 10.62
N LEU A 732 -1.36 -40.43 9.70
CA LEU A 732 -0.79 -39.08 9.98
C LEU A 732 -1.49 -38.37 11.15
N ALA A 733 -2.81 -38.54 11.25
CA ALA A 733 -3.58 -37.98 12.38
C ALA A 733 -3.26 -38.64 13.69
N GLU A 734 -3.10 -39.97 13.69
CA GLU A 734 -2.75 -40.65 14.90
C GLU A 734 -1.32 -40.30 15.30
N GLN A 735 -0.46 -40.10 14.31
CA GLN A 735 0.91 -39.72 14.61
C GLN A 735 0.95 -38.32 15.31
N ALA A 736 0.15 -37.40 14.80
CA ALA A 736 0.04 -36.04 15.42
C ALA A 736 -0.47 -36.14 16.87
N LEU A 737 -1.46 -37.01 17.10
CA LEU A 737 -1.88 -37.33 18.47
C LEU A 737 -0.75 -37.81 19.40
N LYS A 738 0.01 -38.82 18.96
CA LYS A 738 1.10 -39.33 19.75
C LYS A 738 2.09 -38.20 20.10
N PHE A 739 2.29 -37.30 19.15
CA PHE A 739 3.31 -36.23 19.34
C PHE A 739 2.83 -35.15 20.31
N THR A 740 1.54 -35.12 20.65
CA THR A 740 1.04 -34.22 21.69
C THR A 740 1.47 -34.73 23.06
N SER A 741 1.62 -36.05 23.17
CA SER A 741 2.03 -36.70 24.38
C SER A 741 3.52 -36.68 24.61
N LEU A 742 4.28 -36.24 23.62
CA LEU A 742 5.74 -36.22 23.71
C LEU A 742 6.28 -34.92 24.39
N SER A 743 5.41 -33.99 24.76
CA SER A 743 5.87 -32.74 25.36
C SER A 743 6.50 -32.92 26.74
N TRP A 744 7.70 -32.39 26.90
CA TRP A 744 8.35 -32.41 28.19
C TRP A 744 8.25 -31.08 28.94
N ARG A 745 7.35 -30.23 28.49
CA ARG A 745 6.98 -29.03 29.25
C ARG A 745 6.07 -29.34 30.39
N SER A 746 5.36 -30.47 30.29
CA SER A 746 4.32 -30.82 31.23
C SER A 746 4.05 -32.31 31.24
N THR A 747 3.43 -32.73 32.32
CA THR A 747 2.96 -34.08 32.49
C THR A 747 1.70 -34.30 31.61
N LEU A 748 0.89 -33.26 31.47
CA LEU A 748 -0.28 -33.32 30.61
C LEU A 748 0.14 -33.07 29.16
N PRO A 749 -0.66 -33.60 28.22
CA PRO A 749 -0.27 -33.42 26.84
C PRO A 749 -0.44 -31.99 26.36
N ALA A 750 0.27 -31.67 25.28
CA ALA A 750 0.23 -30.36 24.65
C ALA A 750 -0.93 -30.21 23.64
N ALA A 751 -1.20 -28.98 23.24
CA ALA A 751 -2.34 -28.68 22.40
C ALA A 751 -2.09 -29.01 20.92
N THR A 752 -0.82 -29.21 20.58
CA THR A 752 -0.38 -29.41 19.22
C THR A 752 0.90 -30.26 19.26
N PRO A 753 1.18 -31.04 18.20
CA PRO A 753 2.35 -31.92 18.24
C PRO A 753 3.64 -31.17 18.51
N VAL A 754 4.56 -31.79 19.24
CA VAL A 754 5.82 -31.11 19.66
C VAL A 754 6.68 -30.64 18.49
N THR A 755 6.58 -31.33 17.35
CA THR A 755 7.25 -30.88 16.15
C THR A 755 6.93 -29.42 15.79
N ILE A 756 5.69 -28.98 16.03
CA ILE A 756 5.31 -27.61 15.83
C ILE A 756 5.53 -26.79 17.11
N PHE A 757 5.08 -27.33 18.24
CA PHE A 757 5.07 -26.61 19.53
C PHE A 757 6.47 -26.16 19.95
N TYR A 758 7.39 -27.11 19.98
CA TYR A 758 8.79 -26.84 20.33
C TYR A 758 9.40 -25.82 19.37
N SER A 759 9.05 -25.95 18.07
CA SER A 759 9.52 -25.01 17.07
C SER A 759 9.06 -23.58 17.34
N GLU A 760 7.85 -23.41 17.84
CA GLU A 760 7.36 -22.06 18.16
C GLU A 760 8.10 -21.48 19.36
N ARG A 761 8.37 -22.32 20.36
CA ARG A 761 9.13 -21.87 21.57
C ARG A 761 10.56 -21.48 21.20
N ILE A 762 11.18 -22.27 20.34
CA ILE A 762 12.54 -21.97 19.82
C ILE A 762 12.57 -20.66 19.03
N ALA A 763 11.62 -20.48 18.11
CA ALA A 763 11.51 -19.29 17.29
C ALA A 763 11.33 -18.06 18.15
N GLU A 764 10.49 -18.15 19.18
CA GLU A 764 10.27 -17.00 20.04
C GLU A 764 11.54 -16.67 20.84
N LEU A 765 12.16 -17.68 21.42
CA LEU A 765 13.37 -17.47 22.27
C LEU A 765 14.50 -16.96 21.43
N LEU A 766 14.80 -17.65 20.33
CA LEU A 766 15.89 -17.17 19.47
C LEU A 766 15.67 -15.82 18.83
N GLY A 767 14.43 -15.50 18.41
CA GLY A 767 14.15 -14.20 17.84
C GLY A 767 14.31 -13.09 18.87
N ARG A 768 13.86 -13.37 20.08
CA ARG A 768 14.09 -12.42 21.20
C ARG A 768 15.57 -12.23 21.48
N LEU A 769 16.29 -13.33 21.60
CA LEU A 769 17.73 -13.29 21.90
C LEU A 769 18.57 -12.55 20.86
N LYS A 770 18.17 -12.59 19.58
CA LYS A 770 18.84 -11.85 18.51
C LYS A 770 19.06 -10.36 18.83
N SER A 771 18.19 -9.76 19.64
CA SER A 771 18.26 -8.34 19.98
C SER A 771 18.97 -8.03 21.32
N ILE A 772 19.45 -9.03 22.01
CA ILE A 772 19.99 -8.87 23.38
C ILE A 772 21.49 -8.70 23.26
N PRO A 773 22.03 -7.60 23.82
CA PRO A 773 23.50 -7.48 23.73
C PRO A 773 24.24 -8.62 24.37
N ASN A 774 25.35 -9.01 23.76
CA ASN A 774 26.26 -10.06 24.21
C ASN A 774 25.71 -11.46 24.08
N TRP A 775 24.57 -11.61 23.42
CA TRP A 775 24.02 -12.96 23.17
C TRP A 775 24.93 -13.65 22.13
N SER A 776 25.27 -14.91 22.33
CA SER A 776 25.87 -15.71 21.23
C SER A 776 25.27 -17.09 21.22
N SER A 777 24.93 -17.58 20.01
CA SER A 777 24.45 -18.95 19.82
C SER A 777 25.54 -20.03 19.80
N ALA A 778 26.82 -19.67 19.99
CA ALA A 778 27.92 -20.63 19.86
C ALA A 778 27.74 -21.90 20.62
N ASN A 779 27.16 -21.88 21.83
CA ASN A 779 27.06 -23.09 22.58
C ASN A 779 25.83 -23.94 22.28
N LEU A 780 24.93 -23.43 21.47
CA LEU A 780 23.64 -24.16 21.23
C LEU A 780 23.90 -25.50 20.57
N ASN A 781 24.93 -25.58 19.74
CA ASN A 781 25.33 -26.88 19.16
C ASN A 781 26.61 -27.47 19.75
N ILE A 782 27.07 -26.93 20.88
CA ILE A 782 28.20 -27.50 21.61
C ILE A 782 27.74 -27.98 22.99
N LYS A 783 27.83 -27.16 24.04
CA LYS A 783 27.41 -27.64 25.37
C LYS A 783 25.93 -27.96 25.48
N LEU A 784 25.10 -27.33 24.67
CA LEU A 784 23.65 -27.44 24.75
C LEU A 784 23.06 -28.34 23.66
N LYS A 785 23.92 -29.07 22.97
CA LYS A 785 23.46 -29.81 21.79
C LYS A 785 22.32 -30.79 22.14
N TRP A 786 22.42 -31.41 23.31
CA TRP A 786 21.44 -32.42 23.77
C TRP A 786 20.54 -31.90 24.90
N SER A 787 20.64 -30.62 25.21
CA SER A 787 19.82 -29.97 26.21
C SER A 787 18.53 -29.50 25.57
N ARG A 788 17.42 -29.78 26.23
CA ARG A 788 16.13 -29.27 25.74
C ARG A 788 15.88 -27.90 26.36
N TRP A 789 16.71 -26.95 25.93
CA TRP A 789 16.87 -25.67 26.58
C TRP A 789 15.71 -24.72 26.37
N PHE A 790 14.86 -25.05 25.39
CA PHE A 790 13.72 -24.27 24.94
C PHE A 790 12.40 -24.62 25.65
N LEU A 791 12.39 -25.59 26.56
CA LEU A 791 11.15 -26.01 27.25
C LEU A 791 10.59 -24.97 28.23
N ARG D 34 -10.05 -3.86 -21.36
CA ARG D 34 -9.22 -2.62 -21.20
C ARG D 34 -9.92 -1.45 -21.91
N GLN D 35 -10.27 -0.41 -21.16
CA GLN D 35 -11.11 0.67 -21.70
C GLN D 35 -10.99 2.02 -21.00
N LEU D 36 -10.74 3.08 -21.79
CA LEU D 36 -10.70 4.43 -21.27
C LEU D 36 -11.83 5.27 -21.90
N VAL D 37 -12.55 5.97 -21.03
CA VAL D 37 -13.68 6.78 -21.45
C VAL D 37 -13.27 8.25 -21.69
N SER D 38 -13.75 8.85 -22.77
CA SER D 38 -13.39 10.25 -23.11
C SER D 38 -14.41 11.21 -22.52
N ASN D 39 -14.14 12.51 -22.68
CA ASN D 39 -15.10 13.58 -22.32
C ASN D 39 -15.94 14.02 -23.54
N GLY D 40 -16.10 13.16 -24.53
CA GLY D 40 -16.70 13.55 -25.78
C GLY D 40 -17.82 12.60 -26.21
N PHE D 41 -18.69 13.10 -27.09
CA PHE D 41 -19.83 12.33 -27.60
C PHE D 41 -19.81 12.22 -29.11
N GLU D 42 -20.24 11.07 -29.62
CA GLU D 42 -20.33 10.91 -31.05
C GLU D 42 -21.39 11.88 -31.51
N VAL D 43 -21.27 12.36 -32.74
CA VAL D 43 -22.31 13.11 -33.40
C VAL D 43 -22.73 12.38 -34.67
N ASN D 44 -24.00 12.00 -34.76
CA ASN D 44 -24.52 11.40 -35.99
C ASN D 44 -24.76 12.48 -37.00
N LEU D 45 -24.10 12.40 -38.14
CA LEU D 45 -24.27 13.39 -39.19
C LEU D 45 -24.93 12.75 -40.41
N PRO D 46 -25.59 13.56 -41.25
CA PRO D 46 -26.04 13.02 -42.53
C PRO D 46 -24.86 12.47 -43.32
N ASP D 47 -25.07 11.38 -44.06
CA ASP D 47 -23.98 10.79 -44.81
C ASP D 47 -23.54 11.75 -45.92
N GLN D 48 -24.46 12.61 -46.33
CA GLN D 48 -24.24 13.47 -47.48
C GLN D 48 -24.84 14.84 -47.21
N VAL D 49 -24.30 15.86 -47.86
CA VAL D 49 -24.86 17.18 -47.82
C VAL D 49 -24.67 17.82 -49.19
N GLU D 50 -25.70 18.50 -49.72
CA GLU D 50 -25.54 19.20 -51.00
C GLU D 50 -24.88 20.55 -50.73
N VAL D 51 -23.90 20.90 -51.56
CA VAL D 51 -23.18 22.17 -51.48
C VAL D 51 -23.15 22.81 -52.86
N ILE D 52 -22.92 24.13 -52.91
CA ILE D 52 -22.52 24.79 -54.16
C ILE D 52 -21.07 25.24 -53.96
N VAL D 53 -20.22 24.94 -54.95
CA VAL D 53 -18.80 25.20 -54.84
C VAL D 53 -18.42 26.13 -55.98
N ARG D 54 -17.69 27.20 -55.68
CA ARG D 54 -17.08 27.96 -56.76
C ARG D 54 -15.65 28.27 -56.45
N ASP D 55 -14.88 28.47 -57.51
CA ASP D 55 -13.50 28.91 -57.40
C ASP D 55 -13.46 30.28 -56.74
N LEU D 56 -12.57 30.42 -55.78
CA LEU D 56 -12.38 31.67 -55.06
C LEU D 56 -10.88 31.75 -54.74
N PRO D 57 -10.05 32.01 -55.78
CA PRO D 57 -8.59 32.09 -55.63
C PRO D 57 -8.13 33.03 -54.53
N ASP D 58 -8.67 34.25 -54.52
CA ASP D 58 -8.29 35.25 -53.53
C ASP D 58 -9.22 35.13 -52.32
N PRO D 59 -8.70 34.68 -51.16
CA PRO D 59 -9.56 34.60 -49.97
C PRO D 59 -10.05 35.97 -49.44
N SER D 60 -9.52 37.05 -50.00
CA SER D 60 -9.99 38.40 -49.68
C SER D 60 -11.49 38.63 -49.97
N LYS D 61 -12.07 37.85 -50.88
CA LYS D 61 -13.49 38.02 -51.24
C LYS D 61 -14.47 37.31 -50.28
N VAL D 62 -13.95 36.50 -49.36
CA VAL D 62 -14.80 35.61 -48.56
C VAL D 62 -15.70 36.38 -47.59
N LYS D 63 -15.15 37.37 -46.90
CA LYS D 63 -15.93 38.15 -45.93
C LYS D 63 -17.18 38.79 -46.55
N GLU D 64 -17.03 39.43 -47.70
CA GLU D 64 -18.14 40.11 -48.38
C GLU D 64 -19.20 39.08 -48.80
N GLU D 65 -18.76 37.92 -49.26
CA GLU D 65 -19.69 36.84 -49.58
C GLU D 65 -20.41 36.28 -48.35
N ARG D 66 -19.67 36.01 -47.26
CA ARG D 66 -20.29 35.54 -46.03
C ARG D 66 -21.33 36.52 -45.51
N THR D 67 -21.00 37.82 -45.63
CA THR D 67 -21.92 38.89 -45.22
C THR D 67 -23.19 38.94 -46.10
N ARG D 68 -22.99 38.94 -47.41
CA ARG D 68 -24.13 38.88 -48.34
C ARG D 68 -25.11 37.75 -47.98
N LEU D 69 -24.56 36.58 -47.69
CA LEU D 69 -25.34 35.35 -47.55
C LEU D 69 -25.72 35.00 -46.12
N MET D 70 -25.47 35.92 -45.18
CA MET D 70 -25.73 35.69 -43.78
C MET D 70 -27.17 35.27 -43.52
N GLY D 71 -27.33 34.27 -42.66
CA GLY D 71 -28.62 33.77 -42.24
C GLY D 71 -29.16 32.65 -43.11
N TYR D 72 -28.82 32.67 -44.39
CA TYR D 72 -29.35 31.71 -45.37
C TYR D 72 -28.34 30.65 -45.79
N TRP D 73 -27.05 30.98 -45.73
CA TRP D 73 -25.97 30.03 -46.08
C TRP D 73 -24.87 29.99 -45.03
N PHE D 74 -24.36 28.80 -44.79
CA PHE D 74 -23.05 28.62 -44.15
C PHE D 74 -22.01 28.57 -45.26
N VAL D 75 -20.96 29.34 -45.11
CA VAL D 75 -19.96 29.51 -46.14
C VAL D 75 -18.62 29.09 -45.54
N HIS D 76 -17.74 28.48 -46.34
CA HIS D 76 -16.48 27.96 -45.81
C HIS D 76 -15.47 27.88 -46.93
N TRP D 77 -14.35 28.56 -46.75
CA TRP D 77 -13.32 28.61 -47.75
C TRP D 77 -12.31 27.50 -47.45
N PHE D 78 -11.91 26.76 -48.49
CA PHE D 78 -10.93 25.68 -48.30
C PHE D 78 -10.28 25.37 -49.62
N ASP D 79 -8.96 25.46 -49.67
CA ASP D 79 -8.18 25.05 -50.83
C ASP D 79 -8.63 25.74 -52.12
N GLY D 80 -8.72 27.06 -52.06
CA GLY D 80 -8.95 27.88 -53.24
C GLY D 80 -10.38 27.90 -53.76
N LYS D 81 -11.32 27.34 -52.99
CA LYS D 81 -12.73 27.29 -53.36
C LYS D 81 -13.66 27.65 -52.20
N LEU D 82 -14.79 28.29 -52.52
CA LEU D 82 -15.77 28.66 -51.50
C LEU D 82 -16.91 27.66 -51.55
N PHE D 83 -17.12 26.98 -50.42
CA PHE D 83 -18.20 26.01 -50.25
C PHE D 83 -19.39 26.67 -49.57
N HIS D 84 -20.57 26.45 -50.12
CA HIS D 84 -21.79 27.04 -49.60
C HIS D 84 -22.77 25.95 -49.27
N LEU D 85 -23.28 25.97 -48.05
CA LEU D 85 -24.32 25.09 -47.60
C LEU D 85 -25.57 25.88 -47.17
N ARG D 86 -26.69 25.59 -47.82
CA ARG D 86 -27.93 26.28 -47.50
C ARG D 86 -28.43 25.87 -46.12
N ILE D 87 -28.65 26.85 -45.26
CA ILE D 87 -29.14 26.60 -43.90
C ILE D 87 -30.60 27.07 -43.71
N LYS D 88 -31.14 27.80 -44.68
CA LYS D 88 -32.54 28.23 -44.68
C LYS D 88 -33.04 28.42 -46.11
N ALA D 89 -34.32 28.12 -46.33
CA ALA D 89 -34.95 28.39 -47.62
C ALA D 89 -35.07 29.89 -47.85
N GLY D 90 -34.95 30.32 -49.11
CA GLY D 90 -35.10 31.74 -49.48
C GLY D 90 -33.80 32.31 -50.02
N GLY D 91 -33.90 33.36 -50.84
CA GLY D 91 -32.72 33.98 -51.50
C GLY D 91 -32.00 34.64 -50.38
N PRO D 92 -30.76 35.10 -50.59
CA PRO D 92 -29.98 35.23 -51.82
C PRO D 92 -29.54 33.93 -52.47
N ASN D 93 -29.25 34.01 -53.77
CA ASN D 93 -28.77 32.88 -54.56
C ASN D 93 -27.24 32.86 -54.70
N VAL D 94 -26.72 31.67 -54.98
CA VAL D 94 -25.31 31.44 -55.10
C VAL D 94 -24.98 30.77 -56.42
N ASP D 95 -23.97 31.28 -57.12
CA ASP D 95 -23.47 30.64 -58.34
C ASP D 95 -22.49 29.54 -58.03
N GLY D 96 -22.35 28.60 -58.96
CA GLY D 96 -21.28 27.59 -58.92
C GLY D 96 -21.74 26.16 -59.13
N GLU D 97 -20.79 25.23 -59.02
CA GLU D 97 -21.09 23.82 -59.23
C GLU D 97 -21.84 23.24 -58.04
N HIS D 98 -22.96 22.61 -58.31
CA HIS D 98 -23.66 21.79 -57.31
C HIS D 98 -22.93 20.46 -57.19
N ARG D 99 -22.73 20.01 -55.96
CA ARG D 99 -21.96 18.80 -55.69
C ARG D 99 -22.45 18.22 -54.38
N ALA D 100 -22.27 16.92 -54.21
CA ALA D 100 -22.54 16.26 -52.96
C ALA D 100 -21.21 16.12 -52.24
N ILE D 101 -21.19 16.43 -50.94
CA ILE D 101 -20.01 16.25 -50.09
C ILE D 101 -20.33 15.15 -49.10
N ARG D 102 -19.67 14.02 -49.24
CA ARG D 102 -19.87 12.89 -48.33
C ARG D 102 -19.05 13.07 -47.05
N THR D 103 -19.73 12.90 -45.92
CA THR D 103 -19.20 13.24 -44.60
C THR D 103 -18.01 12.35 -44.23
N ALA D 104 -18.16 11.05 -44.46
CA ALA D 104 -17.06 10.09 -44.31
C ALA D 104 -15.75 10.57 -44.93
N GLU D 105 -15.82 11.02 -46.18
CA GLU D 105 -14.63 11.42 -46.93
C GLU D 105 -14.10 12.80 -46.57
N HIS D 106 -15.00 13.72 -46.19
CA HIS D 106 -14.65 15.13 -46.01
C HIS D 106 -15.40 15.72 -44.80
N PRO D 107 -15.08 15.25 -43.59
CA PRO D 107 -15.82 15.70 -42.40
C PRO D 107 -15.51 17.14 -41.95
N TRP D 108 -14.53 17.80 -42.57
CA TRP D 108 -14.18 19.19 -42.20
C TRP D 108 -15.34 20.17 -42.40
N LEU D 109 -16.19 19.93 -43.39
CA LEU D 109 -17.29 20.86 -43.68
C LEU D 109 -18.31 20.86 -42.55
N LEU D 110 -18.78 19.68 -42.17
CA LEU D 110 -19.78 19.61 -41.11
C LEU D 110 -19.20 19.85 -39.73
N ARG D 111 -17.91 19.59 -39.54
CA ARG D 111 -17.27 19.94 -38.25
C ARG D 111 -17.33 21.46 -38.08
N ALA D 112 -17.03 22.20 -39.16
CA ALA D 112 -17.05 23.68 -39.14
C ALA D 112 -18.47 24.20 -38.88
N ARG D 113 -19.46 23.59 -39.55
CA ARG D 113 -20.82 24.03 -39.36
C ARG D 113 -21.21 23.81 -37.92
N LEU D 114 -20.83 22.66 -37.36
CA LEU D 114 -21.25 22.27 -36.02
C LEU D 114 -20.72 23.22 -34.94
N ASP D 115 -19.57 23.85 -35.19
CA ASP D 115 -19.12 24.96 -34.35
C ASP D 115 -20.24 26.00 -34.20
N ASP D 116 -20.67 26.57 -35.34
CA ASP D 116 -21.74 27.57 -35.35
C ASP D 116 -23.06 27.02 -34.78
N ALA D 117 -23.46 25.85 -35.26
CA ALA D 117 -24.75 25.24 -34.89
C ALA D 117 -24.92 24.99 -33.39
N LEU D 118 -23.85 24.68 -32.68
CA LEU D 118 -23.94 24.45 -31.22
C LEU D 118 -24.30 25.70 -30.44
N GLU D 119 -23.81 26.84 -30.90
CA GLU D 119 -24.18 28.09 -30.27
C GLU D 119 -25.65 28.42 -30.60
N GLU D 120 -26.06 28.23 -31.85
CA GLU D 120 -27.47 28.40 -32.25
C GLU D 120 -28.41 27.45 -31.49
N ALA D 121 -27.90 26.27 -31.14
CA ALA D 121 -28.68 25.25 -30.42
C ALA D 121 -28.97 25.59 -28.98
N LEU D 122 -28.13 26.44 -28.38
CA LEU D 122 -28.17 26.78 -26.95
C LEU D 122 -28.38 28.30 -26.76
N PRO D 123 -29.51 28.82 -27.26
CA PRO D 123 -29.70 30.28 -27.32
C PRO D 123 -29.79 30.96 -25.94
N LYS D 124 -30.15 30.21 -24.91
CA LYS D 124 -30.23 30.77 -23.56
C LYS D 124 -28.85 30.85 -22.90
N TYR D 125 -27.85 30.21 -23.51
CA TYR D 125 -26.53 30.15 -22.93
C TYR D 125 -25.56 30.98 -23.77
N ALA D 126 -25.38 32.22 -23.35
CA ALA D 126 -24.59 33.21 -24.09
C ALA D 126 -23.13 32.83 -24.09
N ALA D 127 -22.49 32.97 -25.25
CA ALA D 127 -21.06 32.71 -25.39
C ALA D 127 -20.27 33.71 -24.62
N VAL D 128 -19.41 33.25 -23.73
CA VAL D 128 -18.40 34.12 -23.13
C VAL D 128 -17.10 33.97 -23.90
N LYS D 129 -17.08 32.99 -24.81
CA LYS D 129 -15.94 32.77 -25.66
C LYS D 129 -16.40 31.97 -26.87
N LYS D 130 -15.67 32.11 -27.96
CA LYS D 130 -15.82 31.24 -29.12
C LYS D 130 -14.53 30.44 -29.40
N ARG D 131 -14.71 29.31 -30.08
CA ARG D 131 -13.63 28.38 -30.44
C ARG D 131 -12.62 28.09 -29.30
N PRO D 132 -13.08 27.31 -28.32
CA PRO D 132 -14.39 26.66 -28.36
C PRO D 132 -15.55 27.56 -27.84
N PHE D 133 -16.77 27.33 -28.36
CA PHE D 133 -17.99 27.89 -27.77
C PHE D 133 -17.92 27.62 -26.28
N THR D 134 -17.92 28.70 -25.48
CA THR D 134 -17.76 28.60 -24.04
C THR D 134 -18.88 29.41 -23.40
N PHE D 135 -19.47 28.88 -22.33
CA PHE D 135 -20.60 29.53 -21.63
C PHE D 135 -20.60 29.16 -20.16
N LEU D 136 -21.37 29.93 -19.38
CA LEU D 136 -21.43 29.80 -17.93
C LEU D 136 -22.71 29.12 -17.43
N ALA D 137 -22.59 28.41 -16.31
CA ALA D 137 -23.78 27.96 -15.58
C ALA D 137 -24.71 29.14 -15.22
N GLN D 138 -26.01 28.87 -15.20
CA GLN D 138 -27.03 29.90 -14.95
C GLN D 138 -27.08 30.33 -13.49
N LYS D 139 -27.02 29.35 -12.59
CA LYS D 139 -27.24 29.59 -11.17
C LYS D 139 -25.99 29.36 -10.33
N ASP D 140 -25.27 28.27 -10.59
CA ASP D 140 -24.16 27.87 -9.70
C ASP D 140 -23.21 29.02 -9.47
N GLU D 141 -23.00 29.37 -8.20
CA GLU D 141 -22.02 30.39 -7.83
C GLU D 141 -21.28 29.92 -6.58
N LEU D 142 -20.00 29.61 -6.75
CA LEU D 142 -19.25 28.84 -5.76
C LEU D 142 -18.77 29.65 -4.57
N ILE D 143 -18.62 30.96 -4.72
CA ILE D 143 -18.21 31.79 -3.58
C ILE D 143 -19.31 31.81 -2.51
N ASP D 144 -20.54 32.03 -2.93
CA ASP D 144 -21.68 32.00 -2.03
C ASP D 144 -21.79 30.63 -1.35
N ALA D 145 -21.63 29.57 -2.13
CA ALA D 145 -21.68 28.21 -1.58
C ALA D 145 -20.54 27.94 -0.59
N ALA D 146 -19.35 28.46 -0.91
CA ALA D 146 -18.18 28.28 -0.06
C ALA D 146 -18.34 29.07 1.24
N ALA D 147 -18.88 30.28 1.14
CA ALA D 147 -19.06 31.12 2.33
C ALA D 147 -20.16 30.55 3.25
N THR D 148 -21.17 29.90 2.66
CA THR D 148 -22.15 29.18 3.45
C THR D 148 -21.58 27.95 4.11
N ALA D 149 -20.90 27.10 3.34
CA ALA D 149 -20.29 25.91 3.90
C ALA D 149 -19.35 26.26 5.04
N ALA D 150 -18.55 27.32 4.86
CA ALA D 150 -17.55 27.71 5.84
C ALA D 150 -18.15 28.55 6.95
N GLY D 151 -19.33 29.08 6.70
CA GLY D 151 -20.05 29.84 7.70
C GLY D 151 -19.54 31.26 7.86
N LEU D 152 -19.22 31.91 6.75
CA LEU D 152 -18.66 33.26 6.78
C LEU D 152 -19.54 34.20 5.99
N SER D 153 -19.61 35.45 6.44
CA SER D 153 -20.42 36.48 5.79
C SER D 153 -19.66 37.81 5.73
N HIS D 154 -19.91 38.60 4.70
CA HIS D 154 -19.31 39.94 4.55
C HIS D 154 -20.04 40.72 3.46
N ARG D 155 -20.14 42.04 3.67
CA ARG D 155 -20.85 42.99 2.78
C ARG D 155 -20.48 42.88 1.29
N LEU D 156 -19.20 42.65 1.02
CA LEU D 156 -18.67 42.69 -0.33
C LEU D 156 -18.52 41.33 -1.01
N LEU D 157 -18.65 40.23 -0.25
CA LEU D 157 -18.48 38.86 -0.81
C LEU D 157 -19.33 38.58 -2.03
N ASN D 158 -20.51 39.20 -2.08
CA ASN D 158 -21.44 39.05 -3.18
C ASN D 158 -20.90 39.55 -4.53
N SER D 159 -19.86 40.38 -4.49
CA SER D 159 -19.27 40.90 -5.73
C SER D 159 -18.04 40.10 -6.21
N PHE D 160 -17.71 39.01 -5.51
CA PHE D 160 -16.66 38.09 -5.93
C PHE D 160 -17.34 36.85 -6.46
N LYS D 161 -17.09 36.50 -7.71
CA LYS D 161 -17.84 35.41 -8.32
C LYS D 161 -16.92 34.34 -8.87
N VAL D 162 -17.28 33.08 -8.63
CA VAL D 162 -16.66 31.92 -9.27
C VAL D 162 -17.78 31.09 -9.88
N ILE D 163 -17.80 31.01 -11.20
CA ILE D 163 -18.94 30.43 -11.91
C ILE D 163 -18.48 29.34 -12.86
N PRO D 164 -19.03 28.12 -12.74
CA PRO D 164 -18.59 27.07 -13.63
C PRO D 164 -18.75 27.48 -15.08
N ARG D 165 -17.74 27.15 -15.88
CA ARG D 165 -17.66 27.49 -17.28
C ARG D 165 -17.44 26.22 -18.12
N PHE D 166 -18.26 26.04 -19.15
CA PHE D 166 -18.21 24.85 -20.01
C PHE D 166 -17.81 25.23 -21.42
N ALA D 167 -17.01 24.39 -22.05
CA ALA D 167 -16.69 24.55 -23.46
C ALA D 167 -17.08 23.29 -24.21
N LEU D 168 -17.52 23.48 -25.45
CA LEU D 168 -17.86 22.38 -26.37
C LEU D 168 -17.04 22.46 -27.64
N SER D 169 -16.16 21.48 -27.85
CA SER D 169 -15.26 21.45 -28.97
C SER D 169 -15.60 20.31 -29.95
N PRO D 170 -16.13 20.63 -31.12
CA PRO D 170 -16.22 19.64 -32.20
C PRO D 170 -14.85 19.27 -32.77
N LYS D 171 -14.52 17.99 -32.69
CA LYS D 171 -13.22 17.48 -33.13
C LYS D 171 -13.36 16.23 -33.99
N ILE D 172 -12.56 16.18 -35.04
CA ILE D 172 -12.47 14.98 -35.90
C ILE D 172 -11.55 13.97 -35.24
N TYR D 173 -11.98 12.72 -35.17
CA TYR D 173 -11.21 11.65 -34.51
C TYR D 173 -11.38 10.38 -35.38
N GLU D 174 -10.58 9.34 -35.13
CA GLU D 174 -10.72 8.07 -35.87
C GLU D 174 -11.15 6.90 -34.97
N PRO D 175 -12.43 6.44 -35.07
CA PRO D 175 -12.79 5.31 -34.18
C PRO D 175 -12.00 4.02 -34.48
N VAL D 176 -11.47 3.91 -35.70
CA VAL D 176 -10.57 2.84 -36.12
C VAL D 176 -9.77 3.44 -37.27
N ASP D 177 -8.58 2.91 -37.54
CA ASP D 177 -7.74 3.46 -38.62
C ASP D 177 -8.52 3.54 -39.94
N GLY D 178 -8.32 4.63 -40.67
CA GLY D 178 -8.91 4.82 -41.99
C GLY D 178 -10.31 5.42 -42.03
N THR D 179 -11.02 5.43 -40.90
CA THR D 179 -12.37 6.04 -40.84
C THR D 179 -12.40 7.22 -39.86
N THR D 180 -12.98 8.33 -40.30
CA THR D 180 -13.09 9.55 -39.50
C THR D 180 -14.52 9.75 -39.00
N ARG D 181 -14.63 10.34 -37.83
CA ARG D 181 -15.92 10.75 -37.29
C ARG D 181 -15.76 12.10 -36.62
N VAL D 182 -16.88 12.74 -36.30
CA VAL D 182 -16.88 14.03 -35.56
C VAL D 182 -17.42 13.80 -34.17
N GLY D 183 -16.74 14.31 -33.16
CA GLY D 183 -17.19 14.21 -31.78
C GLY D 183 -17.27 15.58 -31.16
N VAL D 184 -17.99 15.67 -30.05
CA VAL D 184 -18.11 16.96 -29.35
C VAL D 184 -17.58 16.72 -27.98
N PHE D 185 -16.50 17.43 -27.65
CA PHE D 185 -15.78 17.21 -26.41
C PHE D 185 -16.00 18.34 -25.44
N VAL D 186 -16.22 17.96 -24.17
CA VAL D 186 -16.71 18.85 -23.15
C VAL D 186 -15.63 19.10 -22.15
N THR D 187 -15.32 20.38 -21.91
CA THR D 187 -14.38 20.69 -20.85
C THR D 187 -15.00 21.66 -19.92
N ILE D 188 -14.44 21.71 -18.71
CA ILE D 188 -15.00 22.49 -17.60
C ILE D 188 -13.92 23.30 -16.91
N GLY D 189 -14.23 24.55 -16.60
CA GLY D 189 -13.31 25.44 -15.90
C GLY D 189 -14.13 26.31 -14.96
N MET D 190 -13.51 27.37 -14.44
CA MET D 190 -14.18 28.30 -13.55
C MET D 190 -13.84 29.74 -13.93
N ARG D 191 -14.86 30.56 -14.17
CA ARG D 191 -14.69 32.00 -14.35
C ARG D 191 -14.53 32.63 -12.98
N TYR D 192 -13.45 33.39 -12.83
CA TYR D 192 -13.19 34.15 -11.60
C TYR D 192 -13.35 35.59 -11.94
N ASP D 193 -14.17 36.30 -11.17
CA ASP D 193 -14.50 37.67 -11.49
C ASP D 193 -14.73 38.49 -10.25
N ILE D 194 -14.20 39.71 -10.26
CA ILE D 194 -14.35 40.65 -9.15
C ILE D 194 -15.11 41.86 -9.71
N GLU D 195 -16.41 41.90 -9.44
CA GLU D 195 -17.27 42.99 -9.96
C GLU D 195 -17.27 44.24 -9.06
N ALA D 196 -16.79 44.09 -7.82
CA ALA D 196 -16.79 45.19 -6.83
C ALA D 196 -16.24 46.48 -7.43
N SER D 197 -16.84 47.63 -7.07
CA SER D 197 -16.36 48.91 -7.58
C SER D 197 -15.05 49.23 -6.88
N LEU D 198 -14.13 49.87 -7.58
CA LEU D 198 -12.80 50.14 -7.01
C LEU D 198 -12.96 51.00 -5.75
N ARG D 199 -13.82 52.01 -5.84
CA ARG D 199 -14.15 52.90 -4.72
C ARG D 199 -14.44 52.13 -3.43
N ASP D 200 -15.32 51.14 -3.51
CA ASP D 200 -15.73 50.35 -2.34
C ASP D 200 -14.58 49.54 -1.79
N LEU D 201 -13.76 48.97 -2.67
CA LEU D 201 -12.61 48.20 -2.24
C LEU D 201 -11.62 49.09 -1.51
N LEU D 202 -11.29 50.22 -2.13
CA LEU D 202 -10.43 51.22 -1.50
C LEU D 202 -10.90 51.56 -0.08
N GLU D 203 -12.16 52.00 0.01
CA GLU D 203 -12.71 52.48 1.28
C GLU D 203 -12.81 51.39 2.34
N ALA D 204 -12.87 50.12 1.92
CA ALA D 204 -12.80 49.00 2.88
C ALA D 204 -11.37 48.66 3.32
N GLY D 205 -10.40 49.50 2.93
CA GLY D 205 -9.04 49.40 3.44
C GLY D 205 -8.06 48.62 2.58
N ILE D 206 -8.50 48.13 1.41
CA ILE D 206 -7.63 47.30 0.57
C ILE D 206 -6.68 48.20 -0.19
N ASP D 207 -5.39 47.87 -0.12
CA ASP D 207 -4.38 48.58 -0.89
C ASP D 207 -4.39 48.11 -2.35
N LEU D 208 -4.83 49.00 -3.25
CA LEU D 208 -5.04 48.69 -4.66
C LEU D 208 -3.82 48.94 -5.56
N ARG D 209 -2.84 49.70 -5.08
CA ARG D 209 -1.66 50.06 -5.89
C ARG D 209 -0.97 48.83 -6.45
N GLY D 210 -0.64 48.87 -7.74
CA GLY D 210 0.06 47.79 -8.39
C GLY D 210 -0.86 46.72 -8.97
N MET D 211 -2.14 46.76 -8.58
CA MET D 211 -3.11 45.77 -9.06
C MET D 211 -3.45 46.01 -10.51
N TYR D 212 -3.49 44.91 -11.27
CA TYR D 212 -3.93 44.95 -12.64
C TYR D 212 -5.43 45.14 -12.77
N VAL D 213 -5.79 46.04 -13.66
CA VAL D 213 -7.16 46.43 -13.89
C VAL D 213 -7.48 46.21 -15.38
N VAL D 214 -8.74 45.87 -15.64
CA VAL D 214 -9.21 45.47 -16.94
C VAL D 214 -10.52 46.21 -17.23
N ARG D 215 -10.91 46.31 -18.49
CA ARG D 215 -12.18 46.91 -18.88
C ARG D 215 -13.39 46.10 -18.41
N ARG D 216 -14.42 46.80 -17.91
CA ARG D 216 -15.70 46.16 -17.55
C ARG D 216 -16.51 45.69 -18.77
N LYS D 217 -16.45 46.46 -19.86
CA LYS D 217 -17.07 46.07 -21.14
C LYS D 217 -16.07 46.34 -22.24
N ARG D 218 -15.78 45.33 -23.05
CA ARG D 218 -14.78 45.44 -24.11
C ARG D 218 -15.48 45.67 -25.45
N GLN D 219 -15.07 46.71 -26.16
CA GLN D 219 -15.61 47.00 -27.49
C GLN D 219 -15.14 45.93 -28.50
N PRO D 220 -15.71 45.94 -29.74
CA PRO D 220 -15.50 44.88 -30.75
C PRO D 220 -14.06 44.36 -30.89
N GLY D 221 -13.12 45.24 -31.22
CA GLY D 221 -11.70 44.89 -31.30
C GLY D 221 -10.91 45.51 -30.17
N GLU D 222 -11.57 45.72 -29.04
CA GLU D 222 -10.97 46.36 -27.87
C GLU D 222 -10.29 45.32 -26.98
N ARG D 223 -9.13 45.70 -26.44
CA ARG D 223 -8.42 44.87 -25.49
C ARG D 223 -9.13 44.88 -24.13
N GLY D 224 -8.65 44.03 -23.23
CA GLY D 224 -9.16 43.99 -21.86
C GLY D 224 -8.20 44.68 -20.91
N LEU D 225 -6.95 44.24 -20.90
CA LEU D 225 -5.95 44.78 -20.00
C LEU D 225 -5.76 46.28 -20.22
N LEU D 226 -5.85 47.02 -19.13
CA LEU D 226 -5.67 48.47 -19.11
C LEU D 226 -4.33 48.86 -18.57
N GLY D 227 -3.92 48.21 -17.49
CA GLY D 227 -2.64 48.48 -16.84
C GLY D 227 -2.71 48.27 -15.36
N ARG D 228 -1.81 48.95 -14.65
CA ARG D 228 -1.68 48.81 -13.22
C ARG D 228 -2.11 50.08 -12.48
N VAL D 229 -2.74 49.90 -11.32
CA VAL D 229 -3.24 51.05 -10.55
C VAL D 229 -2.06 51.72 -9.85
N ARG D 230 -1.79 52.96 -10.25
CA ARG D 230 -0.85 53.84 -9.56
C ARG D 230 -1.60 54.59 -8.46
N ALA D 231 -2.71 55.22 -8.85
CA ALA D 231 -3.52 56.01 -7.93
C ALA D 231 -4.96 56.14 -8.44
N ILE D 232 -5.89 56.40 -7.51
CA ILE D 232 -7.26 56.82 -7.84
C ILE D 232 -7.52 58.16 -7.17
N SER D 233 -7.88 59.17 -7.97
CA SER D 233 -8.30 60.48 -7.47
C SER D 233 -9.60 60.85 -8.17
N ASP D 234 -10.58 61.33 -7.40
CA ASP D 234 -11.91 61.70 -7.95
C ASP D 234 -12.58 60.48 -8.60
N ASP D 235 -12.94 60.59 -9.86
CA ASP D 235 -13.56 59.48 -10.60
C ASP D 235 -12.60 58.86 -11.63
N MET D 236 -11.29 58.97 -11.37
CA MET D 236 -10.25 58.62 -12.34
C MET D 236 -9.17 57.69 -11.80
N VAL D 237 -8.93 56.59 -12.51
CA VAL D 237 -7.82 55.72 -12.19
C VAL D 237 -6.59 56.19 -12.96
N GLN D 238 -5.54 56.52 -12.23
CA GLN D 238 -4.22 56.79 -12.81
C GLN D 238 -3.49 55.46 -12.97
N LEU D 239 -3.02 55.19 -14.18
CA LEU D 239 -2.41 53.89 -14.50
C LEU D 239 -0.91 53.99 -14.75
N PHE D 240 -0.18 52.90 -14.47
CA PHE D 240 1.17 52.72 -15.00
C PHE D 240 1.25 51.35 -15.66
N GLU D 241 2.36 51.09 -16.36
CA GLU D 241 2.49 49.95 -17.26
C GLU D 241 1.22 49.84 -18.11
N GLU D 242 0.76 50.98 -18.60
CA GLU D 242 -0.50 51.05 -19.32
C GLU D 242 -0.39 50.41 -20.71
N THR D 243 -1.49 49.86 -21.20
CA THR D 243 -1.53 49.22 -22.55
C THR D 243 -1.86 50.20 -23.65
N ASP D 244 -2.58 51.27 -23.30
CA ASP D 244 -2.91 52.34 -24.25
C ASP D 244 -2.88 53.70 -23.52
N LEU D 245 -4.01 54.17 -23.00
CA LEU D 245 -4.06 55.46 -22.27
C LEU D 245 -3.58 55.34 -20.81
N ALA D 246 -3.10 56.46 -20.25
CA ALA D 246 -2.54 56.48 -18.87
C ALA D 246 -3.57 56.70 -17.79
N SER D 247 -4.81 56.94 -18.18
CA SER D 247 -5.92 57.03 -17.22
C SER D 247 -7.19 56.38 -17.76
N VAL D 248 -8.07 55.99 -16.84
CA VAL D 248 -9.38 55.47 -17.17
C VAL D 248 -10.29 55.86 -16.02
N ASN D 249 -11.55 56.11 -16.30
CA ASN D 249 -12.45 56.43 -15.20
C ASN D 249 -12.89 55.14 -14.49
N VAL D 250 -13.06 55.28 -13.18
CA VAL D 250 -13.28 54.16 -12.27
C VAL D 250 -14.44 53.23 -12.67
N ASN D 251 -15.51 53.79 -13.22
CA ASN D 251 -16.68 52.99 -13.62
C ASN D 251 -16.49 52.20 -14.92
N ASP D 252 -15.35 52.36 -15.58
CA ASP D 252 -15.03 51.56 -16.76
C ASP D 252 -14.02 50.45 -16.45
N ALA D 253 -13.46 50.48 -15.23
CA ALA D 253 -12.38 49.57 -14.82
C ALA D 253 -12.81 48.64 -13.69
N LYS D 254 -12.28 47.41 -13.72
CA LYS D 254 -12.40 46.47 -12.59
C LYS D 254 -11.07 45.74 -12.37
N LEU D 255 -10.87 45.19 -11.18
CA LEU D 255 -9.68 44.38 -10.94
C LEU D 255 -9.78 43.17 -11.83
N GLU D 256 -8.64 42.76 -12.41
CA GLU D 256 -8.64 41.50 -13.17
C GLU D 256 -8.91 40.35 -12.20
N GLY D 257 -9.58 39.29 -12.67
CA GLY D 257 -9.95 38.18 -11.80
C GLY D 257 -8.84 37.17 -11.56
N SER D 258 -7.68 37.66 -11.17
CA SER D 258 -6.54 36.82 -10.86
C SER D 258 -6.62 36.32 -9.43
N LYS D 259 -5.98 35.18 -9.22
CA LYS D 259 -5.74 34.64 -7.90
C LYS D 259 -5.09 35.70 -7.01
N GLU D 260 -4.15 36.49 -7.55
CA GLU D 260 -3.49 37.53 -6.73
C GLU D 260 -4.46 38.59 -6.23
N ASN D 261 -5.36 39.02 -7.10
CA ASN D 261 -6.33 40.03 -6.71
C ASN D 261 -7.36 39.45 -5.75
N PHE D 262 -7.81 38.23 -5.99
CA PHE D 262 -8.73 37.57 -5.08
C PHE D 262 -8.12 37.49 -3.68
N THR D 263 -6.90 36.96 -3.59
CA THR D 263 -6.26 36.72 -2.29
C THR D 263 -5.94 38.04 -1.58
N ARG D 264 -5.42 39.02 -2.30
CA ARG D 264 -5.18 40.33 -1.71
C ARG D 264 -6.46 40.97 -1.17
N CYS D 265 -7.53 41.01 -1.97
CA CYS D 265 -8.78 41.58 -1.46
C CYS D 265 -9.38 40.80 -0.27
N LEU D 266 -9.57 39.50 -0.44
CA LEU D 266 -10.27 38.66 0.55
C LEU D 266 -9.45 38.39 1.81
N SER D 267 -8.12 38.34 1.71
CA SER D 267 -7.27 38.26 2.90
C SER D 267 -7.52 39.46 3.78
N ALA D 268 -7.61 40.63 3.16
CA ALA D 268 -7.85 41.89 3.90
C ALA D 268 -9.26 41.97 4.47
N LEU D 269 -10.27 41.63 3.67
CA LEU D 269 -11.65 41.75 4.12
C LEU D 269 -12.05 40.74 5.20
N LEU D 270 -11.43 39.56 5.21
CA LEU D 270 -11.84 38.45 6.09
C LEU D 270 -10.79 37.94 7.08
N GLY D 271 -9.51 38.25 6.84
CA GLY D 271 -8.39 37.49 7.44
C GLY D 271 -8.39 37.57 8.94
N HIS D 272 -8.13 36.46 9.64
CA HIS D 272 -7.59 35.22 9.09
C HIS D 272 -8.63 34.26 8.49
N ASN D 273 -9.92 34.52 8.73
CA ASN D 273 -11.00 33.64 8.23
C ASN D 273 -10.91 33.33 6.73
N TYR D 274 -10.25 34.23 6.01
CA TYR D 274 -9.84 34.04 4.63
C TYR D 274 -9.39 32.60 4.27
N LYS D 275 -8.61 31.94 5.13
CA LYS D 275 -8.19 30.56 4.86
C LYS D 275 -9.38 29.58 4.76
N LYS D 276 -10.34 29.71 5.69
CA LYS D 276 -11.54 28.84 5.69
C LYS D 276 -12.36 28.98 4.40
N LEU D 277 -12.47 30.22 3.92
CA LEU D 277 -13.14 30.46 2.66
C LEU D 277 -12.46 29.74 1.51
N LEU D 278 -11.13 29.80 1.47
CA LEU D 278 -10.39 29.19 0.37
C LEU D 278 -10.56 27.69 0.34
N ASN D 279 -10.47 27.05 1.51
CA ASN D 279 -10.63 25.60 1.62
C ASN D 279 -12.03 25.14 1.18
N ALA D 280 -13.05 25.87 1.62
CA ALA D 280 -14.44 25.64 1.19
C ALA D 280 -14.60 25.84 -0.31
N LEU D 281 -13.95 26.86 -0.86
CA LEU D 281 -13.98 27.10 -2.31
C LEU D 281 -13.36 25.91 -3.03
N ASP D 282 -12.26 25.43 -2.49
CA ASP D 282 -11.61 24.24 -3.00
C ASP D 282 -12.56 23.04 -2.98
N ASP D 283 -13.35 22.89 -1.91
CA ASP D 283 -14.34 21.81 -1.83
C ASP D 283 -15.44 21.96 -2.87
N GLN D 284 -15.88 23.21 -3.03
CA GLN D 284 -16.84 23.54 -4.08
C GLN D 284 -16.33 23.16 -5.46
N GLU D 285 -15.10 23.54 -5.78
CA GLU D 285 -14.56 23.26 -7.12
C GLU D 285 -14.30 21.78 -7.35
N ALA D 286 -13.86 21.08 -6.31
CA ALA D 286 -13.70 19.62 -6.33
C ALA D 286 -14.99 18.92 -6.74
N GLY D 287 -16.10 19.60 -6.46
CA GLY D 287 -17.45 19.19 -6.86
C GLY D 287 -17.70 19.13 -8.35
N TYR D 288 -16.86 19.81 -9.14
CA TYR D 288 -16.93 19.75 -10.59
C TYR D 288 -15.72 19.09 -11.27
N ARG D 289 -14.57 19.05 -10.60
CA ARG D 289 -13.32 18.70 -11.28
C ARG D 289 -12.74 17.31 -10.95
N THR D 290 -13.06 16.78 -9.78
CA THR D 290 -12.69 15.41 -9.41
C THR D 290 -13.33 14.41 -10.38
N GLY D 291 -12.67 13.27 -10.56
CA GLY D 291 -13.04 12.30 -11.59
C GLY D 291 -14.52 11.96 -11.72
N PRO D 292 -15.12 11.38 -10.66
CA PRO D 292 -16.53 10.97 -10.76
C PRO D 292 -17.47 12.14 -10.97
N ARG D 293 -17.15 13.29 -10.37
CA ARG D 293 -17.95 14.50 -10.59
C ARG D 293 -17.77 15.08 -11.99
N PHE D 294 -16.55 15.10 -12.52
CA PHE D 294 -16.36 15.56 -13.90
C PHE D 294 -17.12 14.66 -14.88
N ASP D 295 -16.98 13.35 -14.68
CA ASP D 295 -17.66 12.34 -15.52
C ASP D 295 -19.17 12.55 -15.54
N ASP D 296 -19.74 12.83 -14.37
CA ASP D 296 -21.20 13.09 -14.26
C ASP D 296 -21.65 14.41 -14.90
N ALA D 297 -20.87 15.47 -14.73
CA ALA D 297 -21.11 16.71 -15.47
C ALA D 297 -21.07 16.49 -16.97
N VAL D 298 -20.09 15.71 -17.44
CA VAL D 298 -20.01 15.41 -18.87
C VAL D 298 -21.26 14.62 -19.31
N ARG D 299 -21.64 13.63 -18.49
CA ARG D 299 -22.86 12.83 -18.70
C ARG D 299 -24.11 13.72 -18.85
N ARG D 300 -24.33 14.60 -17.90
CA ARG D 300 -25.46 15.52 -17.99
C ARG D 300 -25.40 16.43 -19.22
N MET D 301 -24.21 16.90 -19.60
CA MET D 301 -24.11 17.77 -20.74
C MET D 301 -24.49 17.00 -22.01
N GLY D 302 -24.09 15.73 -22.06
CA GLY D 302 -24.41 14.88 -23.20
C GLY D 302 -25.90 14.70 -23.36
N GLU D 303 -26.61 14.54 -22.24
CA GLU D 303 -28.06 14.31 -22.28
C GLU D 303 -28.73 15.58 -22.75
N PHE D 304 -28.30 16.71 -22.19
CA PHE D 304 -28.80 18.01 -22.60
C PHE D 304 -28.65 18.27 -24.11
N LEU D 305 -27.45 18.07 -24.63
CA LEU D 305 -27.22 18.20 -26.08
C LEU D 305 -28.00 17.20 -26.97
N ALA D 306 -28.23 16.00 -26.44
CA ALA D 306 -28.93 14.94 -27.17
C ALA D 306 -30.47 15.10 -27.20
N LYS D 307 -31.00 15.98 -26.35
CA LYS D 307 -32.46 16.16 -26.16
C LYS D 307 -33.25 16.44 -27.43
N LYS D 308 -32.68 17.23 -28.34
CA LYS D 308 -33.30 17.55 -29.62
C LYS D 308 -32.23 17.41 -30.70
N PRO D 309 -32.64 17.28 -31.96
CA PRO D 309 -31.63 17.30 -33.02
C PRO D 309 -31.03 18.67 -33.14
N ILE D 310 -29.75 18.75 -33.51
CA ILE D 310 -29.09 20.03 -33.78
C ILE D 310 -29.30 20.36 -35.24
N ARG D 311 -29.83 21.55 -35.50
CA ARG D 311 -30.11 21.95 -36.86
C ARG D 311 -28.84 22.46 -37.52
N LEU D 312 -28.35 21.68 -38.49
CA LEU D 312 -27.26 22.09 -39.36
C LEU D 312 -27.83 22.90 -40.51
N ALA D 313 -29.04 22.54 -40.92
CA ALA D 313 -29.88 23.41 -41.76
C ALA D 313 -31.30 23.31 -41.30
N ASP D 314 -32.17 24.18 -41.81
CA ASP D 314 -33.59 24.14 -41.40
C ASP D 314 -34.18 22.75 -41.64
N ASN D 315 -33.69 22.07 -42.66
CA ASN D 315 -34.16 20.75 -43.05
C ASN D 315 -33.15 19.60 -42.81
N ILE D 316 -31.99 19.90 -42.23
CA ILE D 316 -30.92 18.91 -42.06
C ILE D 316 -30.50 18.91 -40.60
N ASN D 317 -30.46 17.73 -39.99
CA ASN D 317 -30.20 17.61 -38.58
C ASN D 317 -29.00 16.72 -38.27
N ALA D 318 -28.38 17.00 -37.13
CA ALA D 318 -27.38 16.15 -36.53
C ALA D 318 -27.93 15.71 -35.19
N GLN D 319 -27.40 14.60 -34.68
CA GLN D 319 -27.85 14.04 -33.41
C GLN D 319 -26.66 13.56 -32.60
N VAL D 320 -26.55 14.08 -31.39
CA VAL D 320 -25.52 13.70 -30.45
C VAL D 320 -25.88 12.33 -29.90
N GLY D 321 -24.88 11.46 -29.83
CA GLY D 321 -25.07 10.07 -29.40
C GLY D 321 -24.27 9.69 -28.18
N ASP D 322 -23.72 8.49 -28.20
CA ASP D 322 -23.06 7.92 -27.02
C ASP D 322 -21.68 8.52 -26.76
N ARG D 323 -21.26 8.38 -25.52
CA ARG D 323 -19.87 8.72 -25.12
C ARG D 323 -18.82 7.98 -25.95
N ILE D 324 -17.78 8.72 -26.33
CA ILE D 324 -16.68 8.15 -27.06
C ILE D 324 -15.76 7.48 -26.04
N VAL D 325 -15.34 6.27 -26.38
CA VAL D 325 -14.50 5.46 -25.55
C VAL D 325 -13.25 5.06 -26.34
N PHE D 326 -12.16 4.74 -25.64
CA PHE D 326 -10.98 4.18 -26.25
C PHE D 326 -10.78 2.76 -25.76
N SER D 327 -10.88 1.79 -26.66
CA SER D 327 -10.70 0.39 -26.24
C SER D 327 -10.17 -0.49 -27.36
N ASN D 328 -10.00 -1.78 -27.03
CA ASN D 328 -9.47 -2.75 -27.96
C ASN D 328 -10.52 -3.79 -28.38
N GLU D 329 -11.79 -3.51 -28.04
CA GLU D 329 -12.95 -4.28 -28.52
C GLU D 329 -13.05 -4.27 -30.04
N GLY D 330 -13.42 -5.42 -30.61
CA GLY D 330 -13.79 -5.51 -32.02
C GLY D 330 -12.67 -5.17 -33.00
N GLN D 331 -12.97 -4.26 -33.92
CA GLN D 331 -11.97 -3.77 -34.87
C GLN D 331 -11.10 -2.65 -34.25
N ALA D 332 -11.52 -2.14 -33.09
CA ALA D 332 -10.81 -1.04 -32.41
C ALA D 332 -9.53 -1.53 -31.71
N ARG D 333 -8.46 -0.76 -31.85
CA ARG D 333 -7.17 -1.05 -31.17
C ARG D 333 -6.63 0.27 -30.60
N ASN D 334 -7.40 0.85 -29.69
CA ASN D 334 -7.25 2.27 -29.35
C ASN D 334 -6.64 2.58 -27.99
N VAL D 335 -6.07 1.57 -27.33
CA VAL D 335 -5.40 1.83 -26.05
C VAL D 335 -4.27 0.84 -25.74
N ARG D 336 -3.22 1.35 -25.10
CA ARG D 336 -2.07 0.57 -24.69
C ARG D 336 -1.57 1.10 -23.36
N LEU D 337 -0.94 0.24 -22.58
CA LEU D 337 -0.26 0.67 -21.37
C LEU D 337 1.25 0.48 -21.53
N ALA D 338 1.98 1.58 -21.38
CA ALA D 338 3.42 1.53 -21.35
C ALA D 338 3.90 0.88 -20.04
N PRO D 339 4.94 0.02 -20.12
CA PRO D 339 5.52 -0.47 -18.86
C PRO D 339 6.04 0.70 -18.01
N LYS D 340 6.19 0.47 -16.71
CA LYS D 340 6.72 1.49 -15.82
C LYS D 340 8.16 1.87 -16.23
N VAL D 341 8.42 3.18 -16.19
CA VAL D 341 9.76 3.68 -16.44
C VAL D 341 10.72 3.14 -15.39
N GLU D 342 11.91 2.74 -15.81
CA GLU D 342 12.93 2.32 -14.86
C GLU D 342 13.97 3.42 -14.71
N TYR D 343 14.19 3.82 -13.47
CA TYR D 343 15.32 4.66 -13.12
C TYR D 343 16.52 3.76 -12.92
N VAL D 344 17.59 4.03 -13.68
CA VAL D 344 18.75 3.15 -13.73
C VAL D 344 20.00 3.81 -13.17
N PHE D 345 20.74 3.05 -12.35
CA PHE D 345 21.89 3.59 -11.61
C PHE D 345 23.22 2.90 -11.90
N ASP D 346 23.32 2.20 -13.02
CA ASP D 346 24.61 1.73 -13.54
C ASP D 346 24.53 1.48 -15.05
N ARG D 347 25.68 1.32 -15.69
CA ARG D 347 25.75 1.20 -17.15
C ARG D 347 25.15 -0.11 -17.69
N THR D 348 25.18 -1.19 -16.91
CA THR D 348 24.56 -2.46 -17.33
C THR D 348 23.03 -2.38 -17.33
N GLY D 349 22.48 -1.59 -16.40
CA GLY D 349 21.02 -1.46 -16.23
C GLY D 349 20.44 -2.38 -15.16
N ALA D 350 21.30 -3.13 -14.47
CA ALA D 350 20.86 -4.09 -13.46
C ALA D 350 20.51 -3.41 -12.15
N LYS D 351 21.17 -2.30 -11.85
CA LYS D 351 20.80 -1.50 -10.70
C LYS D 351 19.72 -0.54 -11.19
N SER D 352 18.48 -0.77 -10.76
CA SER D 352 17.37 0.02 -11.27
C SER D 352 16.26 0.09 -10.25
N ALA D 353 15.39 1.08 -10.36
CA ALA D 353 14.30 1.26 -9.40
C ALA D 353 13.09 1.96 -10.02
N GLU D 354 11.96 1.85 -9.32
CA GLU D 354 10.70 2.40 -9.80
C GLU D 354 10.59 3.89 -9.48
N TYR D 355 11.38 4.34 -8.50
CA TYR D 355 11.35 5.72 -8.04
C TYR D 355 12.79 6.24 -7.97
N ALA D 356 12.98 7.52 -8.32
CA ALA D 356 14.31 8.14 -8.35
C ALA D 356 15.00 8.10 -7.00
N TRP D 357 14.33 8.60 -5.98
CA TRP D 357 14.92 8.76 -4.66
C TRP D 357 15.26 7.42 -3.98
N ARG D 358 14.40 6.43 -4.14
CA ARG D 358 14.63 5.11 -3.56
C ARG D 358 15.85 4.52 -4.21
N GLY D 359 15.93 4.69 -5.52
CA GLY D 359 17.03 4.18 -6.31
C GLY D 359 18.34 4.83 -5.92
N LEU D 360 18.31 6.15 -5.76
CA LEU D 360 19.49 6.94 -5.41
C LEU D 360 20.00 6.57 -4.00
N SER D 361 19.07 6.37 -3.07
CA SER D 361 19.40 5.93 -1.71
C SER D 361 19.99 4.53 -1.65
N GLN D 362 19.44 3.60 -2.45
CA GLN D 362 19.95 2.22 -2.48
C GLN D 362 21.29 2.12 -3.19
N PHE D 363 21.42 2.77 -4.34
CA PHE D 363 22.57 2.51 -5.21
C PHE D 363 23.64 3.60 -5.26
N GLY D 364 23.30 4.81 -4.81
CA GLY D 364 24.11 6.00 -5.14
C GLY D 364 24.00 6.36 -6.61
N PRO D 365 24.62 7.47 -7.02
CA PRO D 365 24.44 7.97 -8.38
C PRO D 365 24.96 7.06 -9.49
N PHE D 366 24.36 7.19 -10.66
CA PHE D 366 24.68 6.39 -11.84
C PHE D 366 26.16 6.48 -12.23
N ASP D 367 26.77 7.65 -12.03
CA ASP D 367 28.19 7.83 -12.34
C ASP D 367 29.11 7.76 -11.11
N ARG D 368 28.68 7.13 -10.02
CA ARG D 368 29.50 7.12 -8.80
C ARG D 368 30.95 6.69 -9.08
N PRO D 369 31.17 5.59 -9.83
CA PRO D 369 32.53 5.09 -10.03
C PRO D 369 33.49 6.11 -10.65
N SER D 370 33.01 6.92 -11.60
CA SER D 370 33.89 7.79 -12.37
C SER D 370 33.68 9.29 -12.14
N PHE D 371 32.85 9.65 -11.17
CA PHE D 371 32.55 11.08 -10.91
C PHE D 371 33.83 11.78 -10.48
N ALA D 372 34.13 12.90 -11.13
CA ALA D 372 35.47 13.50 -11.06
C ALA D 372 35.62 14.61 -10.03
N ASN D 373 34.56 14.97 -9.32
CA ASN D 373 34.75 16.01 -8.31
C ASN D 373 34.19 15.61 -6.97
N ARG D 374 34.90 14.69 -6.36
CA ARG D 374 34.48 14.15 -5.10
C ARG D 374 34.84 15.06 -3.94
N SER D 375 35.61 16.10 -4.19
CA SER D 375 35.93 17.07 -3.14
C SER D 375 35.61 18.51 -3.50
N PRO D 376 34.32 18.81 -3.73
CA PRO D 376 34.02 20.15 -4.23
C PRO D 376 34.16 21.24 -3.16
N ARG D 377 34.64 22.40 -3.58
CA ARG D 377 34.61 23.65 -2.83
C ARG D 377 33.46 24.53 -3.33
N ILE D 378 32.57 24.89 -2.43
CA ILE D 378 31.34 25.59 -2.78
C ILE D 378 31.29 26.94 -2.08
N LEU D 379 31.26 28.00 -2.89
CA LEU D 379 31.10 29.38 -2.43
C LEU D 379 29.68 29.57 -1.92
N VAL D 380 29.52 30.10 -0.71
CA VAL D 380 28.19 30.42 -0.21
C VAL D 380 28.08 31.92 0.01
N VAL D 381 27.19 32.55 -0.75
CA VAL D 381 26.99 33.98 -0.80
C VAL D 381 25.67 34.26 -0.13
N TYR D 382 25.67 35.04 0.94
CA TYR D 382 24.45 35.21 1.74
C TYR D 382 24.51 36.58 2.47
N PRO D 383 23.35 37.19 2.79
CA PRO D 383 23.35 38.43 3.57
C PRO D 383 23.88 38.18 4.97
N SER D 384 24.77 39.06 5.44
CA SER D 384 25.53 38.79 6.67
C SER D 384 24.60 38.52 7.87
N SER D 385 23.45 39.19 7.86
CA SER D 385 22.46 38.99 8.93
C SER D 385 21.81 37.59 8.97
N THR D 386 21.96 36.77 7.91
CA THR D 386 21.36 35.44 7.88
C THR D 386 22.32 34.31 8.30
N GLN D 387 23.51 34.66 8.78
CA GLN D 387 24.57 33.71 9.03
C GLN D 387 24.12 32.43 9.72
N GLY D 388 23.45 32.55 10.88
CA GLY D 388 23.02 31.39 11.64
C GLY D 388 22.08 30.45 10.90
N LYS D 389 21.05 31.04 10.31
CA LYS D 389 20.06 30.35 9.49
C LYS D 389 20.71 29.61 8.32
N VAL D 390 21.68 30.27 7.69
CA VAL D 390 22.42 29.71 6.57
C VAL D 390 23.26 28.52 7.02
N GLU D 391 24.04 28.69 8.09
CA GLU D 391 24.80 27.60 8.67
C GLU D 391 23.96 26.39 8.97
N ASN D 392 22.75 26.59 9.47
CA ASN D 392 21.86 25.48 9.83
C ASN D 392 21.44 24.72 8.58
N PHE D 393 21.13 25.48 7.54
CA PHE D 393 20.78 24.96 6.21
C PHE D 393 21.93 24.15 5.62
N LEU D 394 23.12 24.74 5.55
CA LEU D 394 24.29 24.02 5.03
C LEU D 394 24.57 22.71 5.78
N SER D 395 24.46 22.75 7.11
CA SER D 395 24.69 21.55 7.90
C SER D 395 23.73 20.43 7.56
N ALA D 396 22.44 20.74 7.55
CA ALA D 396 21.44 19.77 7.13
C ALA D 396 21.74 19.27 5.70
N PHE D 397 22.15 20.17 4.81
CA PHE D 397 22.37 19.81 3.41
C PHE D 397 23.54 18.82 3.31
N ARG D 398 24.69 19.19 3.87
CA ARG D 398 25.89 18.39 3.72
C ARG D 398 25.88 17.09 4.51
N ASP D 399 25.43 17.17 5.77
CA ASP D 399 25.54 16.06 6.72
C ASP D 399 24.21 15.37 7.03
N GLY D 400 23.10 15.92 6.56
CA GLY D 400 21.82 15.24 6.71
C GLY D 400 21.06 15.65 7.94
N MET D 401 19.80 15.23 7.99
CA MET D 401 18.88 15.62 9.05
C MET D 401 18.65 14.51 10.07
N GLY D 402 19.21 13.31 9.83
CA GLY D 402 19.09 12.18 10.77
C GLY D 402 17.94 11.24 10.46
N SER D 403 17.76 10.24 11.32
CA SER D 403 16.77 9.16 11.12
C SER D 403 15.33 9.60 11.19
N ASN D 404 15.05 10.64 11.97
CA ASN D 404 13.69 11.13 12.13
C ASN D 404 13.11 11.68 10.82
N TYR D 405 13.99 12.15 9.93
CA TYR D 405 13.60 12.69 8.64
C TYR D 405 14.10 11.81 7.51
N SER D 406 13.31 10.77 7.23
CA SER D 406 13.67 9.74 6.27
C SER D 406 13.76 10.25 4.83
N GLY D 407 13.24 11.46 4.58
CA GLY D 407 13.41 12.11 3.29
C GLY D 407 14.81 12.65 3.02
N PHE D 408 15.59 12.89 4.07
CA PHE D 408 16.96 13.38 3.90
C PHE D 408 17.82 13.11 5.14
N SER D 409 18.10 11.83 5.38
CA SER D 409 18.83 11.40 6.59
C SER D 409 20.35 11.45 6.42
N LYS D 410 20.83 11.03 5.25
CA LYS D 410 22.26 10.83 5.00
C LYS D 410 23.06 12.12 4.75
N GLY D 411 22.48 13.02 3.98
CA GLY D 411 23.20 14.23 3.62
C GLY D 411 23.92 14.04 2.31
N PHE D 412 24.24 15.18 1.70
CA PHE D 412 24.78 15.27 0.35
C PHE D 412 26.00 14.41 0.17
N VAL D 413 26.92 14.46 1.13
CA VAL D 413 28.21 13.79 0.98
C VAL D 413 28.05 12.27 0.94
N ASP D 414 27.29 11.74 1.90
CA ASP D 414 27.03 10.30 1.94
C ASP D 414 26.14 9.88 0.78
N LEU D 415 25.09 10.67 0.53
CA LEU D 415 24.14 10.38 -0.54
C LEU D 415 24.83 10.17 -1.88
N MET D 416 25.67 11.11 -2.25
CA MET D 416 26.30 11.10 -3.57
C MET D 416 27.65 10.38 -3.60
N GLY D 417 28.10 9.84 -2.47
CA GLY D 417 29.40 9.17 -2.42
C GLY D 417 30.59 10.12 -2.55
N LEU D 418 30.46 11.34 -2.04
CA LEU D 418 31.55 12.32 -2.15
C LEU D 418 32.56 12.06 -1.03
N THR D 419 33.76 12.60 -1.18
CA THR D 419 34.76 12.47 -0.10
C THR D 419 34.48 13.53 0.94
N LYS D 420 34.28 14.77 0.49
CA LYS D 420 33.80 15.83 1.39
C LYS D 420 33.39 17.08 0.60
N VAL D 421 32.75 18.04 1.28
CA VAL D 421 32.42 19.33 0.68
C VAL D 421 32.97 20.45 1.57
N GLU D 422 33.75 21.36 0.99
CA GLU D 422 34.19 22.57 1.69
C GLU D 422 33.36 23.78 1.26
N PHE D 423 32.70 24.42 2.24
CA PHE D 423 31.98 25.66 1.99
C PHE D 423 32.90 26.84 2.21
N VAL D 424 32.96 27.73 1.23
CA VAL D 424 33.70 29.00 1.33
C VAL D 424 32.70 30.10 1.57
N MET D 425 32.66 30.63 2.80
CA MET D 425 31.62 31.60 3.17
C MET D 425 31.89 33.00 2.65
N CYS D 426 30.88 33.61 2.03
CA CYS D 426 30.95 34.90 1.40
C CYS D 426 29.80 35.76 1.88
N PRO D 427 29.90 36.28 3.12
CA PRO D 427 28.88 37.18 3.61
C PRO D 427 28.81 38.49 2.84
N VAL D 428 27.60 39.03 2.67
CA VAL D 428 27.39 40.28 2.00
C VAL D 428 26.68 41.28 2.91
N GLU D 429 27.19 42.52 2.94
CA GLU D 429 26.59 43.57 3.76
C GLU D 429 25.44 44.21 3.04
N VAL D 430 24.28 43.59 3.18
CA VAL D 430 23.13 43.95 2.39
C VAL D 430 21.86 43.69 3.20
N SER D 431 20.93 44.63 3.16
CA SER D 431 19.62 44.46 3.82
C SER D 431 18.49 44.27 2.81
N SER D 432 17.45 43.57 3.22
CA SER D 432 16.29 43.34 2.34
C SER D 432 15.59 44.65 1.87
N ALA D 433 15.71 45.73 2.63
CA ALA D 433 15.11 47.04 2.24
C ALA D 433 15.84 47.76 1.10
N ASP D 434 17.11 47.44 0.86
CA ASP D 434 17.82 47.98 -0.29
C ASP D 434 17.24 47.39 -1.57
N ARG D 435 16.67 48.24 -2.40
CA ARG D 435 16.06 47.81 -3.65
C ARG D 435 16.84 48.24 -4.87
N ASN D 436 17.79 49.13 -4.68
CA ASN D 436 18.51 49.69 -5.81
C ASN D 436 19.97 49.26 -5.95
N GLY D 437 20.58 48.82 -4.87
CA GLY D 437 22.01 48.48 -4.88
C GLY D 437 22.34 47.09 -4.38
N ALA D 438 21.34 46.24 -4.20
CA ALA D 438 21.60 44.93 -3.65
C ALA D 438 22.51 44.08 -4.60
N HIS D 439 22.23 44.16 -5.90
CA HIS D 439 23.00 43.37 -6.87
C HIS D 439 24.46 43.77 -6.89
N THR D 440 24.72 45.08 -6.77
CA THR D 440 26.09 45.61 -6.74
C THR D 440 26.85 45.09 -5.55
N LYS D 441 26.19 45.06 -4.40
CA LYS D 441 26.82 44.54 -3.20
C LYS D 441 27.15 43.08 -3.28
N TYR D 442 26.23 42.29 -3.79
CA TYR D 442 26.47 40.88 -4.02
C TYR D 442 27.67 40.67 -4.94
N ASN D 443 27.68 41.28 -6.10
CA ASN D 443 28.80 41.06 -7.05
C ASN D 443 30.16 41.56 -6.54
N SER D 444 30.18 42.65 -5.77
CA SER D 444 31.45 43.13 -5.21
C SER D 444 32.00 42.18 -4.22
N ALA D 445 31.13 41.58 -3.41
CA ALA D 445 31.55 40.63 -2.40
C ALA D 445 32.11 39.35 -3.02
N ILE D 446 31.43 38.87 -4.07
CA ILE D 446 31.91 37.69 -4.80
C ILE D 446 33.29 37.94 -5.40
N GLU D 447 33.44 39.04 -6.08
CA GLU D 447 34.70 39.40 -6.75
C GLU D 447 35.84 39.47 -5.71
N ASP D 448 35.59 40.19 -4.63
CA ASP D 448 36.59 40.28 -3.53
C ASP D 448 36.94 38.93 -2.92
N LYS D 449 35.96 38.07 -2.63
CA LYS D 449 36.23 36.74 -2.09
C LYS D 449 36.94 35.79 -3.06
N LEU D 450 36.55 35.78 -4.33
CA LEU D 450 37.22 34.88 -5.28
C LEU D 450 38.66 35.27 -5.61
N ALA D 451 38.98 36.55 -5.52
CA ALA D 451 40.31 37.01 -5.86
C ALA D 451 41.36 36.37 -4.94
N GLY D 452 40.99 36.12 -3.69
CA GLY D 452 41.87 35.46 -2.72
C GLY D 452 41.56 34.02 -2.35
N ALA D 453 40.45 33.45 -2.82
CA ALA D 453 40.03 32.10 -2.36
C ALA D 453 40.49 30.90 -3.22
N GLY D 454 41.09 31.13 -4.39
CA GLY D 454 41.40 30.01 -5.28
C GLY D 454 40.13 29.38 -5.88
N GLU D 455 40.32 28.33 -6.68
CA GLU D 455 39.23 27.76 -7.48
C GLU D 455 38.05 27.27 -6.65
N VAL D 456 36.84 27.64 -7.04
CA VAL D 456 35.62 27.02 -6.49
C VAL D 456 34.87 26.31 -7.62
N HIS D 457 34.15 25.27 -7.25
CA HIS D 457 33.50 24.40 -8.24
C HIS D 457 32.02 24.72 -8.40
N ALA D 458 31.44 25.40 -7.42
CA ALA D 458 30.05 25.80 -7.47
C ALA D 458 29.78 26.85 -6.44
N GLY D 459 28.58 27.42 -6.53
CA GLY D 459 28.10 28.41 -5.55
C GLY D 459 26.68 28.17 -5.12
N ILE D 460 26.37 28.56 -3.88
CA ILE D 460 25.02 28.65 -3.37
C ILE D 460 24.80 30.14 -3.05
N VAL D 461 23.74 30.75 -3.58
CA VAL D 461 23.46 32.16 -3.42
C VAL D 461 22.12 32.29 -2.69
N VAL D 462 22.19 32.89 -1.50
CA VAL D 462 21.02 33.08 -0.65
C VAL D 462 20.42 34.47 -0.89
N LEU D 463 19.13 34.52 -1.18
CA LEU D 463 18.44 35.73 -1.57
C LEU D 463 17.26 36.04 -0.62
N PHE D 464 17.07 37.32 -0.37
CA PHE D 464 15.89 37.82 0.32
C PHE D 464 14.70 37.78 -0.64
N GLU D 465 13.54 37.41 -0.11
CA GLU D 465 12.30 37.36 -0.90
C GLU D 465 12.01 38.68 -1.59
N ASP D 466 12.19 39.79 -0.90
CA ASP D 466 11.96 41.10 -1.47
C ASP D 466 12.92 41.51 -2.59
N HIS D 467 13.99 40.75 -2.79
CA HIS D 467 14.91 40.94 -3.92
C HIS D 467 14.65 39.96 -5.08
N ALA D 468 13.98 38.86 -4.78
CA ALA D 468 13.85 37.73 -5.73
C ALA D 468 13.34 38.13 -7.11
N ARG D 469 12.40 39.06 -7.14
CA ARG D 469 11.70 39.39 -8.37
C ARG D 469 11.75 40.88 -8.75
N LEU D 470 12.78 41.57 -8.27
CA LEU D 470 13.13 42.90 -8.75
C LEU D 470 13.37 42.87 -10.27
N PRO D 471 13.28 44.04 -10.92
CA PRO D 471 13.62 44.06 -12.34
C PRO D 471 15.06 43.69 -12.58
N ASP D 472 15.33 43.14 -13.77
CA ASP D 472 16.64 42.52 -13.99
C ASP D 472 17.83 43.46 -13.88
N ASP D 473 17.64 44.76 -14.12
CA ASP D 473 18.75 45.70 -13.97
C ASP D 473 19.24 45.84 -12.51
N ARG D 474 18.47 45.33 -11.55
CA ARG D 474 18.94 45.32 -10.15
C ARG D 474 18.57 44.06 -9.40
N ASN D 475 18.39 42.95 -10.11
CA ASN D 475 17.99 41.74 -9.50
C ASN D 475 19.22 40.89 -9.13
N PRO D 476 19.45 40.61 -7.85
CA PRO D 476 20.65 39.83 -7.47
C PRO D 476 20.71 38.37 -7.95
N TYR D 477 19.57 37.71 -8.17
CA TYR D 477 19.55 36.34 -8.72
C TYR D 477 20.29 36.38 -10.03
N ILE D 478 19.83 37.22 -10.95
CA ILE D 478 20.37 37.19 -12.33
C ILE D 478 21.78 37.77 -12.41
N HIS D 479 22.08 38.77 -11.59
CA HIS D 479 23.46 39.32 -11.62
C HIS D 479 24.50 38.38 -11.05
N THR D 480 24.19 37.70 -9.96
CA THR D 480 25.10 36.73 -9.40
C THR D 480 25.19 35.51 -10.32
N LYS D 481 24.06 35.11 -10.91
CA LYS D 481 24.06 34.01 -11.88
C LYS D 481 25.02 34.34 -13.04
N SER D 482 24.92 35.56 -13.53
CA SER D 482 25.73 36.06 -14.65
C SER D 482 27.20 36.08 -14.33
N LEU D 483 27.54 36.68 -13.19
CA LEU D 483 28.91 36.77 -12.78
C LEU D 483 29.54 35.40 -12.63
N LEU D 484 28.88 34.50 -11.90
CA LEU D 484 29.48 33.26 -11.58
C LEU D 484 29.49 32.35 -12.84
N LEU D 485 28.44 32.39 -13.63
CA LEU D 485 28.47 31.60 -14.90
C LEU D 485 29.59 32.10 -15.81
N THR D 486 29.76 33.40 -15.89
CA THR D 486 30.86 33.99 -16.65
C THR D 486 32.22 33.37 -16.24
N LEU D 487 32.45 33.23 -14.92
CA LEU D 487 33.67 32.70 -14.37
C LEU D 487 33.76 31.18 -14.45
N GLY D 488 32.70 30.54 -14.91
CA GLY D 488 32.70 29.09 -15.03
C GLY D 488 32.21 28.35 -13.82
N VAL D 489 31.41 29.02 -12.99
CA VAL D 489 30.95 28.53 -11.72
C VAL D 489 29.39 28.43 -11.73
N PRO D 490 28.87 27.21 -11.73
CA PRO D 490 27.43 27.03 -11.67
C PRO D 490 26.92 27.36 -10.27
N THR D 491 25.72 27.92 -10.17
CA THR D 491 25.12 28.22 -8.87
C THR D 491 23.80 27.52 -8.65
N GLN D 492 23.56 27.19 -7.40
CA GLN D 492 22.25 26.81 -6.95
C GLN D 492 21.78 27.90 -6.00
N GLN D 493 20.81 28.66 -6.43
CA GLN D 493 20.29 29.75 -5.61
C GLN D 493 19.08 29.30 -4.77
N VAL D 494 18.78 30.12 -3.75
CA VAL D 494 17.78 29.73 -2.75
C VAL D 494 17.29 31.00 -2.03
N ARG D 495 16.00 31.07 -1.75
CA ARG D 495 15.41 32.27 -1.14
C ARG D 495 15.27 31.99 0.37
N MET D 496 15.33 33.03 1.18
CA MET D 496 15.33 32.85 2.63
C MET D 496 14.10 32.07 3.19
N PRO D 497 12.89 32.28 2.65
CA PRO D 497 11.78 31.45 3.13
C PRO D 497 12.04 29.96 3.00
N THR D 498 12.69 29.55 1.94
CA THR D 498 13.07 28.17 1.77
C THR D 498 14.13 27.70 2.80
N VAL D 499 15.09 28.57 3.07
CA VAL D 499 16.12 28.31 4.06
C VAL D 499 15.48 28.09 5.45
N LEU D 500 14.33 28.70 5.69
CA LEU D 500 13.68 28.70 7.01
C LEU D 500 12.52 27.74 7.12
N LEU D 501 12.33 26.88 6.12
CA LEU D 501 11.28 25.89 6.18
C LEU D 501 11.41 24.98 7.40
N GLU D 502 10.28 24.65 8.01
CA GLU D 502 10.27 23.64 9.07
C GLU D 502 10.81 22.29 8.54
N PRO D 503 11.40 21.47 9.43
CA PRO D 503 12.07 20.22 9.03
C PRO D 503 11.27 19.27 8.14
N LYS D 504 9.98 19.08 8.44
CA LYS D 504 9.13 18.17 7.66
C LYS D 504 9.10 18.51 6.16
N SER D 505 9.12 19.80 5.84
CA SER D 505 9.22 20.29 4.45
C SER D 505 10.66 20.34 3.92
N LEU D 506 11.58 20.72 4.80
CA LEU D 506 12.96 20.99 4.42
C LEU D 506 13.58 19.75 3.81
N GLN D 507 13.27 18.58 4.37
CA GLN D 507 13.84 17.35 3.88
C GLN D 507 13.60 17.14 2.37
N TYR D 508 12.42 17.53 1.88
CA TYR D 508 12.08 17.36 0.47
C TYR D 508 12.79 18.42 -0.38
N THR D 509 12.91 19.62 0.17
CA THR D 509 13.69 20.68 -0.44
C THR D 509 15.16 20.27 -0.61
N LEU D 510 15.74 19.67 0.42
CA LEU D 510 17.13 19.27 0.34
C LEU D 510 17.31 18.11 -0.65
N GLN D 511 16.32 17.24 -0.79
CA GLN D 511 16.36 16.18 -1.82
C GLN D 511 16.53 16.76 -3.23
N ASN D 512 15.66 17.69 -3.59
CA ASN D 512 15.67 18.34 -4.90
C ASN D 512 16.93 19.20 -5.12
N PHE D 513 17.28 19.95 -4.09
CA PHE D 513 18.48 20.78 -4.04
C PHE D 513 19.74 19.95 -4.28
N SER D 514 19.81 18.73 -3.74
CA SER D 514 20.98 17.86 -3.89
C SER D 514 21.09 17.27 -5.28
N ILE D 515 19.96 16.89 -5.87
CA ILE D 515 19.97 16.36 -7.22
C ILE D 515 20.48 17.40 -8.20
N ALA D 516 19.97 18.63 -8.12
CA ALA D 516 20.37 19.69 -9.03
C ALA D 516 21.82 20.11 -8.78
N THR D 517 22.22 20.22 -7.51
CA THR D 517 23.61 20.60 -7.19
C THR D 517 24.65 19.60 -7.72
N TYR D 518 24.36 18.30 -7.56
CA TYR D 518 25.21 17.23 -8.07
C TYR D 518 25.36 17.34 -9.58
N ALA D 519 24.23 17.52 -10.27
CA ALA D 519 24.22 17.72 -11.70
C ALA D 519 24.97 18.99 -12.13
N LYS D 520 24.87 20.03 -11.31
CA LYS D 520 25.58 21.27 -11.57
C LYS D 520 27.10 21.08 -11.45
N LEU D 521 27.50 20.11 -10.62
CA LEU D 521 28.90 19.68 -10.50
C LEU D 521 29.38 18.67 -11.57
N ASN D 522 28.58 18.50 -12.62
CA ASN D 522 28.83 17.59 -13.72
C ASN D 522 28.32 16.17 -13.48
N GLY D 523 27.57 15.95 -12.41
CA GLY D 523 27.07 14.60 -12.12
C GLY D 523 25.89 14.15 -12.97
N THR D 524 25.71 12.82 -13.05
CA THR D 524 24.58 12.17 -13.70
C THR D 524 23.96 11.27 -12.64
N PRO D 525 22.98 11.79 -11.88
CA PRO D 525 22.35 11.11 -10.75
C PRO D 525 21.69 9.77 -11.15
N TRP D 526 20.92 9.81 -12.23
CA TRP D 526 20.33 8.59 -12.83
C TRP D 526 20.02 8.76 -14.30
N THR D 527 19.72 7.63 -14.93
CA THR D 527 19.29 7.59 -16.30
C THR D 527 17.90 6.92 -16.33
N VAL D 528 17.32 6.79 -17.52
CA VAL D 528 16.13 5.95 -17.70
C VAL D 528 16.35 4.92 -18.81
N ASN D 529 15.68 3.79 -18.69
CA ASN D 529 15.85 2.63 -19.57
C ASN D 529 15.34 2.83 -20.98
N HIS D 530 16.01 2.20 -21.95
CA HIS D 530 15.41 1.89 -23.25
C HIS D 530 15.83 0.46 -23.63
N ASP D 531 15.34 -0.05 -24.76
CA ASP D 531 15.48 -1.47 -25.07
C ASP D 531 16.46 -1.81 -26.19
N LYS D 532 17.36 -0.88 -26.50
CA LYS D 532 18.33 -1.08 -27.59
C LYS D 532 17.72 -1.77 -28.83
N ALA D 533 16.45 -1.48 -29.11
CA ALA D 533 15.73 -2.09 -30.24
C ALA D 533 16.27 -1.61 -31.58
N ILE D 534 17.09 -0.55 -31.54
CA ILE D 534 17.90 -0.14 -32.68
C ILE D 534 19.30 0.23 -32.22
N ASN D 535 20.21 0.39 -33.18
CA ASN D 535 21.64 0.56 -32.91
C ASN D 535 22.01 1.87 -32.22
N ASP D 536 21.31 2.96 -32.54
CA ASP D 536 21.61 4.26 -31.97
C ASP D 536 20.49 5.28 -32.19
N GLU D 537 20.25 6.10 -31.17
CA GLU D 537 19.10 6.99 -31.15
C GLU D 537 19.49 8.38 -30.62
N LEU D 538 19.01 9.42 -31.28
CA LEU D 538 19.26 10.81 -30.90
C LEU D 538 17.90 11.48 -30.77
N VAL D 539 17.66 12.15 -29.64
CA VAL D 539 16.44 12.96 -29.50
C VAL D 539 16.82 14.41 -29.22
N VAL D 540 16.29 15.33 -30.00
CA VAL D 540 16.57 16.75 -29.77
C VAL D 540 15.26 17.45 -29.48
N GLY D 541 15.31 18.37 -28.52
CA GLY D 541 14.15 19.12 -28.16
C GLY D 541 14.46 20.59 -28.28
N MET D 542 13.41 21.35 -28.58
CA MET D 542 13.47 22.80 -28.69
C MET D 542 12.48 23.41 -27.75
N GLY D 543 12.89 24.50 -27.09
CA GLY D 543 12.05 25.15 -26.12
C GLY D 543 12.09 26.65 -26.31
N LEU D 544 10.96 27.31 -26.04
CA LEU D 544 10.81 28.75 -26.22
C LEU D 544 10.73 29.49 -24.86
N ALA D 545 11.34 30.67 -24.82
CA ALA D 545 11.09 31.64 -23.75
C ALA D 545 10.75 32.97 -24.41
N GLU D 546 9.80 33.71 -23.85
CA GLU D 546 9.47 35.02 -24.34
C GLU D 546 9.61 36.03 -23.22
N LEU D 547 10.52 36.98 -23.38
CA LEU D 547 10.90 37.87 -22.26
C LEU D 547 10.52 39.34 -22.48
N SER D 548 10.05 39.95 -21.40
CA SER D 548 9.91 41.41 -21.29
C SER D 548 10.08 41.83 -19.83
N GLY D 549 10.35 43.12 -19.63
CA GLY D 549 10.30 43.69 -18.28
C GLY D 549 8.88 43.80 -17.71
N SER D 550 7.88 43.92 -18.59
CA SER D 550 6.47 44.04 -18.16
C SER D 550 5.50 43.45 -19.21
N ARG D 551 4.19 43.51 -18.91
CA ARG D 551 3.16 43.13 -19.90
C ARG D 551 3.06 44.17 -21.04
N THR D 552 3.59 45.38 -20.81
CA THR D 552 3.55 46.48 -21.79
C THR D 552 4.67 46.41 -22.83
N GLU D 553 5.86 46.00 -22.41
CA GLU D 553 7.01 45.88 -23.30
C GLU D 553 6.82 44.69 -24.25
N LYS D 554 7.05 44.92 -25.54
CA LYS D 554 6.92 43.90 -26.60
C LYS D 554 7.97 42.78 -26.46
N ARG D 555 7.49 41.54 -26.39
CA ARG D 555 8.32 40.42 -25.94
C ARG D 555 9.38 39.98 -26.96
N GLN D 556 10.51 39.53 -26.43
CA GLN D 556 11.59 39.02 -27.26
C GLN D 556 11.66 37.51 -27.09
N ARG D 557 11.77 36.79 -28.19
CA ARG D 557 11.84 35.33 -28.17
C ARG D 557 13.24 34.75 -28.20
N PHE D 558 13.44 33.69 -27.43
CA PHE D 558 14.69 32.98 -27.36
C PHE D 558 14.39 31.50 -27.41
N VAL D 559 15.34 30.75 -27.92
CA VAL D 559 15.17 29.31 -28.03
C VAL D 559 16.32 28.59 -27.32
N GLY D 560 16.04 27.35 -26.94
CA GLY D 560 16.99 26.48 -26.31
C GLY D 560 16.87 25.14 -27.00
N ILE D 561 17.98 24.41 -27.06
CA ILE D 561 18.05 23.08 -27.65
C ILE D 561 18.78 22.16 -26.69
N THR D 562 18.18 20.99 -26.46
CA THR D 562 18.67 19.98 -25.56
C THR D 562 18.73 18.69 -26.37
N THR D 563 19.78 17.90 -26.17
CA THR D 563 19.89 16.59 -26.82
C THR D 563 19.97 15.46 -25.80
N VAL D 564 19.39 14.33 -26.18
CA VAL D 564 19.44 13.14 -25.38
C VAL D 564 19.80 12.01 -26.33
N PHE D 565 20.63 11.09 -25.87
CA PHE D 565 20.95 9.94 -26.73
C PHE D 565 20.95 8.59 -26.02
N ALA D 566 20.87 7.55 -26.85
CA ALA D 566 20.84 6.18 -26.39
C ALA D 566 22.26 5.75 -26.03
N GLY D 567 22.43 5.24 -24.81
CA GLY D 567 23.67 4.59 -24.38
C GLY D 567 23.47 3.08 -24.35
N ASP D 568 24.08 2.40 -23.38
CA ASP D 568 23.90 0.97 -23.22
C ASP D 568 22.71 0.70 -22.30
N GLY D 569 21.52 0.53 -22.88
CA GLY D 569 20.30 0.31 -22.11
C GLY D 569 19.84 1.53 -21.31
N SER D 570 20.44 2.69 -21.61
CA SER D 570 20.20 3.93 -20.87
C SER D 570 20.12 5.12 -21.81
N TYR D 571 19.25 6.09 -21.47
CA TYR D 571 19.26 7.40 -22.13
C TYR D 571 20.16 8.38 -21.37
N LEU D 572 21.02 9.07 -22.10
CA LEU D 572 22.00 9.97 -21.50
C LEU D 572 21.78 11.38 -22.01
N LEU D 573 22.06 12.37 -21.17
CA LEU D 573 21.94 13.76 -21.58
C LEU D 573 23.19 14.20 -22.34
N GLY D 574 22.98 14.84 -23.49
CA GLY D 574 24.06 15.30 -24.35
C GLY D 574 24.36 16.77 -24.07
N ASN D 575 24.92 17.44 -25.06
CA ASN D 575 25.22 18.86 -24.94
C ASN D 575 23.98 19.70 -25.20
N VAL D 576 24.10 20.98 -24.91
CA VAL D 576 22.95 21.84 -24.75
C VAL D 576 23.36 23.14 -25.46
N SER D 577 22.40 23.94 -25.94
CA SER D 577 22.74 25.18 -26.65
C SER D 577 23.40 26.22 -25.74
N LYS D 578 24.28 27.04 -26.32
CA LYS D 578 24.81 28.24 -25.65
C LYS D 578 24.38 29.52 -26.37
N GLU D 579 23.74 29.37 -27.54
CA GLU D 579 23.31 30.48 -28.34
C GLU D 579 21.77 30.54 -28.35
N CYS D 580 21.26 31.78 -28.42
CA CYS D 580 19.93 32.27 -27.98
C CYS D 580 18.84 32.41 -29.03
N GLU D 581 19.26 32.84 -30.21
CA GLU D 581 18.84 32.16 -31.43
C GLU D 581 17.44 32.27 -32.06
N TYR D 582 16.50 33.16 -31.68
CA TYR D 582 15.14 32.94 -32.26
C TYR D 582 15.11 32.98 -33.79
N GLU D 583 15.60 34.08 -34.36
CA GLU D 583 15.79 34.15 -35.82
C GLU D 583 16.76 33.05 -36.23
N GLY D 584 16.35 32.21 -37.18
CA GLY D 584 17.21 31.15 -37.68
C GLY D 584 17.32 29.92 -36.80
N TYR D 585 16.30 29.66 -36.00
CA TYR D 585 16.39 28.52 -35.09
C TYR D 585 16.42 27.20 -35.87
N SER D 586 15.77 27.18 -37.03
CA SER D 586 15.75 25.99 -37.88
C SER D 586 17.17 25.52 -38.18
N ASP D 587 18.00 26.45 -38.62
CA ASP D 587 19.43 26.20 -38.87
C ASP D 587 20.17 25.65 -37.63
N ALA D 588 19.87 26.22 -36.46
CA ALA D 588 20.47 25.73 -35.21
C ALA D 588 20.00 24.32 -34.88
N ILE D 589 18.76 23.98 -35.23
CA ILE D 589 18.31 22.61 -35.04
C ILE D 589 19.12 21.67 -35.93
N ARG D 590 19.30 22.03 -37.20
CA ARG D 590 20.01 21.16 -38.17
C ARG D 590 21.50 21.05 -37.90
N GLU D 591 22.16 22.17 -37.62
CA GLU D 591 23.60 22.17 -37.30
C GLU D 591 23.89 21.38 -36.02
N SER D 592 22.98 21.45 -35.06
CA SER D 592 23.11 20.64 -33.86
C SER D 592 22.96 19.15 -34.18
N MET D 593 21.92 18.83 -34.94
CA MET D 593 21.62 17.44 -35.25
C MET D 593 22.75 16.79 -36.06
N THR D 594 23.17 17.48 -37.11
CA THR D 594 24.19 16.94 -38.00
C THR D 594 25.54 16.86 -37.27
N GLY D 595 25.82 17.87 -36.46
CA GLY D 595 27.06 17.91 -35.71
C GLY D 595 27.19 16.73 -34.78
N ILE D 596 26.09 16.40 -34.12
CA ILE D 596 26.05 15.26 -33.20
C ILE D 596 26.13 13.91 -33.92
N LEU D 597 25.43 13.76 -35.04
CA LEU D 597 25.39 12.47 -35.76
C LEU D 597 26.79 12.06 -36.25
N ARG D 598 27.55 13.01 -36.78
CA ARG D 598 28.92 12.76 -37.23
C ARG D 598 29.75 12.28 -36.05
N GLU D 599 29.55 12.92 -34.90
CA GLU D 599 30.24 12.57 -33.67
C GLU D 599 29.81 11.21 -33.15
N LEU D 600 28.51 10.94 -33.16
CA LEU D 600 27.98 9.62 -32.75
C LEU D 600 28.43 8.48 -33.67
N LYS D 601 28.64 8.80 -34.95
CA LYS D 601 29.03 7.82 -35.98
C LYS D 601 30.39 7.23 -35.62
N LYS D 602 31.38 8.11 -35.44
CA LYS D 602 32.73 7.68 -35.03
C LYS D 602 32.71 7.09 -33.62
N ARG D 603 32.13 7.83 -32.67
CA ARG D 603 32.05 7.41 -31.27
C ARG D 603 31.52 5.99 -31.06
N ASN D 604 30.41 5.65 -31.71
CA ASN D 604 29.75 4.35 -31.49
C ASN D 604 29.95 3.34 -32.61
N ASN D 605 30.87 3.61 -33.54
CA ASN D 605 31.21 2.69 -34.62
C ASN D 605 29.98 1.98 -35.16
N TRP D 606 29.16 2.71 -35.92
CA TRP D 606 28.02 2.12 -36.61
C TRP D 606 28.49 1.18 -37.71
N ARG D 607 27.86 0.03 -37.79
CA ARG D 607 28.12 -0.96 -38.82
C ARG D 607 27.10 -0.81 -39.95
N PRO D 608 27.53 -1.06 -41.19
CA PRO D 608 26.57 -1.08 -42.31
C PRO D 608 25.33 -1.92 -41.95
N GLY D 609 24.14 -1.37 -42.17
CA GLY D 609 22.90 -2.08 -41.90
C GLY D 609 22.27 -1.71 -40.57
N ASP D 610 23.05 -1.14 -39.66
CA ASP D 610 22.48 -0.63 -38.40
C ASP D 610 21.45 0.47 -38.70
N THR D 611 20.41 0.55 -37.88
CA THR D 611 19.43 1.61 -37.97
C THR D 611 19.75 2.73 -36.96
N VAL D 612 19.56 3.96 -37.42
CA VAL D 612 19.79 5.18 -36.63
C VAL D 612 18.42 5.87 -36.58
N ARG D 613 17.92 6.21 -35.38
CA ARG D 613 16.65 6.90 -35.26
C ARG D 613 16.88 8.28 -34.64
N VAL D 614 16.29 9.30 -35.25
CA VAL D 614 16.39 10.70 -34.78
C VAL D 614 14.97 11.19 -34.50
N VAL D 615 14.73 11.71 -33.29
CA VAL D 615 13.43 12.21 -32.92
C VAL D 615 13.60 13.67 -32.50
N PHE D 616 12.68 14.51 -32.95
CA PHE D 616 12.56 15.90 -32.49
C PHE D 616 11.31 16.13 -31.61
N HIS D 617 11.43 16.92 -30.54
CA HIS D 617 10.35 17.24 -29.61
C HIS D 617 10.21 18.77 -29.50
N ALA D 618 8.98 19.27 -29.54
CA ALA D 618 8.68 20.68 -29.24
C ALA D 618 7.23 20.83 -28.83
N HIS D 619 6.87 22.01 -28.32
CA HIS D 619 5.49 22.28 -27.92
C HIS D 619 4.63 22.72 -29.11
N ARG D 620 5.24 22.97 -30.26
CA ARG D 620 4.57 23.40 -31.48
C ARG D 620 5.13 22.56 -32.62
N PRO D 621 4.34 22.38 -33.69
CA PRO D 621 4.85 21.61 -34.84
C PRO D 621 5.83 22.41 -35.72
N LEU D 622 6.78 21.72 -36.35
CA LEU D 622 7.69 22.35 -37.28
C LEU D 622 7.03 22.56 -38.63
N LYS D 623 7.52 23.53 -39.37
CA LYS D 623 7.14 23.76 -40.78
C LYS D 623 7.55 22.56 -41.62
N ARG D 624 6.78 22.30 -42.67
CA ARG D 624 7.12 21.23 -43.59
C ARG D 624 8.49 21.44 -44.24
N VAL D 625 8.77 22.68 -44.63
CA VAL D 625 10.04 23.01 -45.28
C VAL D 625 11.20 22.78 -44.32
N ASP D 626 10.98 23.06 -43.04
CA ASP D 626 11.97 22.73 -42.00
C ASP D 626 12.24 21.24 -41.80
N VAL D 627 11.19 20.43 -41.72
CA VAL D 627 11.32 19.00 -41.63
C VAL D 627 12.12 18.47 -42.86
N ALA D 628 11.75 18.92 -44.06
CA ALA D 628 12.38 18.40 -45.27
C ALA D 628 13.88 18.72 -45.26
N SER D 629 14.19 19.93 -44.85
CA SER D 629 15.58 20.36 -44.66
C SER D 629 16.35 19.54 -43.61
N ILE D 630 15.73 19.28 -42.46
CA ILE D 630 16.34 18.49 -41.42
C ILE D 630 16.56 17.07 -41.91
N VAL D 631 15.53 16.46 -42.47
CA VAL D 631 15.65 15.13 -43.02
C VAL D 631 16.76 15.08 -44.08
N PHE D 632 16.80 16.04 -44.98
CA PHE D 632 17.80 15.98 -46.05
C PHE D 632 19.23 15.99 -45.50
N GLU D 633 19.51 16.96 -44.62
CA GLU D 633 20.83 17.07 -44.01
C GLU D 633 21.24 15.87 -43.12
N CYS D 634 20.34 15.34 -42.29
CA CYS D 634 20.68 14.21 -41.46
C CYS D 634 20.93 12.99 -42.32
N THR D 635 20.14 12.84 -43.37
CA THR D 635 20.23 11.66 -44.21
C THR D 635 21.58 11.67 -44.93
N ARG D 636 21.98 12.83 -45.46
CA ARG D 636 23.22 12.92 -46.19
C ARG D 636 24.38 12.76 -45.19
N GLU D 637 24.21 13.32 -44.01
CA GLU D 637 25.25 13.25 -42.99
C GLU D 637 25.59 11.81 -42.66
N ILE D 638 24.58 11.00 -42.40
CA ILE D 638 24.88 9.65 -41.95
C ILE D 638 25.13 8.67 -43.09
N GLY D 639 24.61 8.97 -44.28
CA GLY D 639 24.92 8.20 -45.50
C GLY D 639 24.20 6.88 -45.65
N SER D 640 24.48 6.18 -46.75
CA SER D 640 23.67 5.04 -47.17
C SER D 640 24.02 3.70 -46.53
N ASP D 641 25.10 3.66 -45.74
CA ASP D 641 25.45 2.46 -45.01
C ASP D 641 24.41 2.19 -43.95
N GLN D 642 23.80 3.25 -43.38
CA GLN D 642 22.74 3.02 -42.39
C GLN D 642 21.35 3.35 -42.89
N ASN D 643 20.37 2.73 -42.25
CA ASN D 643 18.97 3.04 -42.46
C ASN D 643 18.58 4.12 -41.46
N ILE D 644 17.90 5.16 -41.93
CA ILE D 644 17.52 6.32 -41.09
C ILE D 644 16.01 6.37 -40.86
N GLN D 645 15.61 6.61 -39.62
CA GLN D 645 14.19 6.76 -39.26
C GLN D 645 14.08 8.08 -38.52
N MET D 646 13.26 9.00 -39.00
CA MET D 646 13.13 10.34 -38.37
C MET D 646 11.68 10.67 -38.04
N ALA D 647 11.47 11.13 -36.80
CA ALA D 647 10.16 11.54 -36.33
C ALA D 647 10.20 12.98 -35.75
N PHE D 648 9.17 13.75 -36.06
CA PHE D 648 8.99 15.09 -35.50
C PHE D 648 7.67 15.14 -34.72
N VAL D 649 7.78 15.48 -33.44
CA VAL D 649 6.72 15.26 -32.47
C VAL D 649 6.35 16.55 -31.76
N THR D 650 5.05 16.83 -31.61
CA THR D 650 4.67 17.92 -30.68
C THR D 650 3.97 17.35 -29.47
N VAL D 651 4.23 17.97 -28.33
CA VAL D 651 3.67 17.60 -27.07
C VAL D 651 2.82 18.78 -26.63
N SER D 652 1.55 18.52 -26.38
CA SER D 652 0.57 19.58 -26.11
C SER D 652 -0.05 19.34 -24.72
N HIS D 653 -0.17 20.42 -23.94
CA HIS D 653 -0.80 20.36 -22.62
C HIS D 653 -2.24 20.89 -22.65
N ASP D 654 -2.52 21.85 -23.54
CA ASP D 654 -3.77 22.56 -23.59
C ASP D 654 -4.58 22.10 -24.83
N HIS D 655 -5.52 21.21 -24.63
CA HIS D 655 -6.31 20.67 -25.76
C HIS D 655 -7.64 20.27 -25.10
N PRO D 656 -8.65 19.85 -25.88
CA PRO D 656 -9.96 19.60 -25.28
C PRO D 656 -10.24 18.16 -24.85
N PHE D 657 -9.20 17.34 -24.78
CA PHE D 657 -9.36 15.92 -24.42
C PHE D 657 -9.08 15.61 -22.95
N VAL D 658 -9.87 14.69 -22.39
CA VAL D 658 -9.59 14.15 -21.08
C VAL D 658 -9.93 12.65 -21.02
N LEU D 659 -9.16 11.92 -20.21
CA LEU D 659 -9.25 10.47 -20.14
C LEU D 659 -9.75 10.11 -18.77
N ILE D 660 -10.76 9.23 -18.73
CA ILE D 660 -11.42 8.83 -17.51
C ILE D 660 -11.31 7.30 -17.42
N ASP D 661 -10.83 6.80 -16.28
CA ASP D 661 -10.71 5.35 -16.06
C ASP D 661 -11.68 4.96 -14.92
N ARG D 662 -12.84 4.43 -15.30
CA ARG D 662 -13.88 4.20 -14.30
C ARG D 662 -13.58 3.08 -13.31
N SER D 663 -12.61 2.24 -13.63
CA SER D 663 -12.20 1.16 -12.74
C SER D 663 -11.15 1.61 -11.71
N GLU D 664 -10.73 2.88 -11.75
CA GLU D 664 -9.69 3.37 -10.83
C GLU D 664 -10.34 3.97 -9.61
N ARG D 665 -10.17 3.31 -8.48
CA ARG D 665 -10.87 3.66 -7.25
C ARG D 665 -10.16 4.79 -6.49
N GLY D 666 -8.92 5.08 -6.89
CA GLY D 666 -8.12 6.10 -6.18
C GLY D 666 -7.35 5.48 -5.03
N LEU D 667 -6.56 6.32 -4.37
CA LEU D 667 -5.70 5.91 -3.26
C LEU D 667 -6.11 6.73 -2.06
N GLU D 668 -5.66 6.36 -0.86
CA GLU D 668 -5.90 7.15 0.35
C GLU D 668 -5.24 8.51 0.17
N ALA D 669 -5.95 9.58 0.52
CA ALA D 669 -5.43 10.94 0.35
C ALA D 669 -4.18 11.14 1.22
N TYR D 670 -4.28 10.71 2.48
CA TYR D 670 -3.12 10.63 3.38
C TYR D 670 -3.28 9.40 4.28
N LYS D 671 -2.38 9.26 5.26
CA LYS D 671 -2.47 8.19 6.27
C LYS D 671 -3.37 8.66 7.43
N GLY D 672 -4.58 8.10 7.57
CA GLY D 672 -5.16 7.10 6.67
C GLY D 672 -6.67 7.29 6.57
N SER D 673 -7.07 8.47 6.10
CA SER D 673 -8.48 8.86 6.03
C SER D 673 -9.29 7.99 5.07
N THR D 674 -10.61 8.15 5.12
CA THR D 674 -11.52 7.56 4.15
C THR D 674 -11.44 8.34 2.81
N ALA D 675 -11.05 9.61 2.88
CA ALA D 675 -10.88 10.45 1.69
C ALA D 675 -9.85 9.85 0.72
N ARG D 676 -10.17 9.89 -0.57
CA ARG D 676 -9.32 9.31 -1.62
C ARG D 676 -8.89 10.37 -2.65
N LYS D 677 -7.78 10.08 -3.34
CA LYS D 677 -7.23 10.95 -4.38
C LYS D 677 -7.04 10.17 -5.69
N GLY D 678 -7.14 10.89 -6.81
CA GLY D 678 -6.90 10.28 -8.10
C GLY D 678 -7.95 9.26 -8.51
N VAL D 679 -9.19 9.46 -8.07
CA VAL D 679 -10.31 8.60 -8.47
C VAL D 679 -10.55 8.77 -9.96
N PHE D 680 -10.66 7.65 -10.68
CA PHE D 680 -10.89 7.68 -12.13
C PHE D 680 -9.68 8.18 -12.95
N ALA D 681 -8.52 8.39 -12.30
CA ALA D 681 -7.30 8.81 -13.02
C ALA D 681 -6.67 7.64 -13.72
N PRO D 682 -6.47 7.74 -15.05
CA PRO D 682 -5.83 6.60 -15.70
C PRO D 682 -4.40 6.39 -15.19
N PRO D 683 -3.87 5.16 -15.33
CA PRO D 683 -2.51 4.92 -14.87
C PRO D 683 -1.46 5.69 -15.68
N ARG D 684 -0.33 6.00 -15.05
CA ARG D 684 0.83 6.57 -15.77
C ARG D 684 1.28 5.63 -16.90
N GLY D 685 1.31 6.16 -18.10
CA GLY D 685 1.72 5.44 -19.28
C GLY D 685 0.60 4.83 -20.11
N ALA D 686 -0.64 5.09 -19.73
CA ALA D 686 -1.79 4.80 -20.62
C ALA D 686 -1.72 5.66 -21.86
N ILE D 687 -1.81 5.03 -23.04
CA ILE D 687 -1.76 5.73 -24.30
C ILE D 687 -3.01 5.39 -25.11
N SER D 688 -3.78 6.41 -25.47
CA SER D 688 -5.02 6.23 -26.23
C SER D 688 -4.90 6.84 -27.61
N ARG D 689 -5.48 6.16 -28.60
CA ARG D 689 -5.44 6.59 -30.00
C ARG D 689 -6.58 7.54 -30.30
N VAL D 690 -6.27 8.72 -30.82
CA VAL D 690 -7.28 9.65 -31.33
C VAL D 690 -7.35 9.58 -32.85
N GLY D 691 -6.18 9.51 -33.47
CA GLY D 691 -6.06 9.25 -34.90
C GLY D 691 -4.73 8.69 -35.27
N ARG D 692 -4.53 8.53 -36.57
CA ARG D 692 -3.30 7.99 -37.13
C ARG D 692 -2.07 8.70 -36.53
N LEU D 693 -2.13 10.03 -36.46
CA LEU D 693 -0.98 10.84 -36.05
C LEU D 693 -0.91 11.25 -34.59
N THR D 694 -1.91 10.88 -33.79
CA THR D 694 -2.10 11.52 -32.49
C THR D 694 -2.44 10.54 -31.40
N ARG D 695 -1.86 10.76 -30.22
CA ARG D 695 -2.10 9.93 -29.05
C ARG D 695 -2.28 10.80 -27.81
N LEU D 696 -3.01 10.25 -26.87
CA LEU D 696 -3.20 10.85 -25.56
C LEU D 696 -2.40 10.05 -24.52
N LEU D 697 -1.60 10.73 -23.71
CA LEU D 697 -0.66 10.09 -22.80
C LEU D 697 -0.96 10.54 -21.39
N ALA D 698 -1.30 9.58 -20.53
CA ALA D 698 -1.53 9.85 -19.10
C ALA D 698 -0.20 9.89 -18.35
N VAL D 699 0.01 10.94 -17.57
CA VAL D 699 1.28 11.13 -16.87
C VAL D 699 1.10 11.17 -15.36
N ASN D 700 0.01 11.74 -14.89
CA ASN D 700 -0.22 11.86 -13.45
C ASN D 700 -1.18 10.74 -12.95
N SER D 701 -0.59 9.64 -12.48
CA SER D 701 -1.32 8.52 -11.83
C SER D 701 -1.78 8.89 -10.41
N PRO D 702 -2.66 8.06 -9.78
CA PRO D 702 -3.11 8.37 -8.42
C PRO D 702 -1.98 8.56 -7.40
N GLN D 703 -0.95 7.74 -7.49
CA GLN D 703 0.26 7.88 -6.68
C GLN D 703 0.86 9.30 -6.73
N LEU D 704 0.99 9.85 -7.94
CA LEU D 704 1.61 11.17 -8.11
C LEU D 704 0.64 12.29 -7.81
N ILE D 705 -0.67 12.01 -7.89
CA ILE D 705 -1.67 13.05 -7.64
C ILE D 705 -1.56 13.52 -6.19
N LYS D 706 -1.73 14.83 -5.98
CA LYS D 706 -1.28 15.43 -4.72
C LYS D 706 -2.27 15.32 -3.56
N ARG D 707 -3.55 15.61 -3.84
CA ARG D 707 -4.57 15.85 -2.81
C ARG D 707 -5.91 15.21 -3.20
N ALA D 708 -6.78 15.01 -2.22
CA ALA D 708 -8.15 14.53 -2.47
C ALA D 708 -8.92 15.46 -3.42
N ASN D 709 -8.69 16.76 -3.31
CA ASN D 709 -9.39 17.73 -4.16
C ASN D 709 -8.70 18.02 -5.51
N THR D 710 -7.58 17.37 -5.78
CA THR D 710 -6.91 17.59 -7.04
C THR D 710 -7.81 17.10 -8.19
N PRO D 711 -8.01 17.92 -9.23
CA PRO D 711 -8.87 17.51 -10.33
C PRO D 711 -8.39 16.25 -11.04
N LEU D 712 -9.30 15.64 -11.78
CA LEU D 712 -8.89 14.61 -12.72
C LEU D 712 -7.84 15.26 -13.62
N PRO D 713 -6.71 14.58 -13.85
CA PRO D 713 -5.66 15.21 -14.64
C PRO D 713 -6.01 15.28 -16.11
N THR D 714 -5.30 16.16 -16.82
CA THR D 714 -5.44 16.26 -18.25
C THR D 714 -4.25 15.46 -18.76
N PRO D 715 -4.48 14.61 -19.77
CA PRO D 715 -3.33 13.96 -20.38
C PRO D 715 -2.57 14.90 -21.31
N LEU D 716 -1.38 14.50 -21.73
CA LEU D 716 -0.67 15.12 -22.84
C LEU D 716 -1.17 14.61 -24.19
N LEU D 717 -1.20 15.50 -25.16
CA LEU D 717 -1.52 15.13 -26.52
C LEU D 717 -0.20 15.08 -27.28
N VAL D 718 0.12 13.91 -27.83
CA VAL D 718 1.35 13.70 -28.58
C VAL D 718 0.99 13.56 -30.05
N SER D 719 1.56 14.41 -30.90
CA SER D 719 1.17 14.52 -32.32
C SER D 719 2.39 14.33 -33.19
N LEU D 720 2.31 13.38 -34.13
CA LEU D 720 3.39 13.16 -35.10
C LEU D 720 3.26 14.02 -36.34
N HIS D 721 4.34 14.66 -36.74
CA HIS D 721 4.35 15.45 -37.95
C HIS D 721 4.09 14.49 -39.13
N PRO D 722 3.17 14.84 -40.03
CA PRO D 722 2.84 13.90 -41.13
C PRO D 722 3.99 13.55 -42.09
N ASP D 723 5.03 14.37 -42.14
CA ASP D 723 6.16 14.14 -43.03
C ASP D 723 7.29 13.34 -42.37
N SER D 724 7.06 12.85 -41.15
CA SER D 724 7.99 11.98 -40.47
C SER D 724 8.14 10.68 -41.27
N THR D 725 9.38 10.17 -41.35
CA THR D 725 9.63 8.87 -42.00
C THR D 725 9.42 7.71 -41.04
N PHE D 726 9.49 7.97 -39.73
CA PHE D 726 9.20 6.99 -38.68
C PHE D 726 7.82 7.32 -38.11
N LYS D 727 6.94 6.32 -38.11
CA LYS D 727 5.50 6.54 -37.91
C LYS D 727 4.90 5.96 -36.62
N ASP D 728 5.71 5.37 -35.75
CA ASP D 728 5.16 4.66 -34.57
C ASP D 728 4.89 5.60 -33.39
N VAL D 729 3.71 6.22 -33.39
CA VAL D 729 3.42 7.26 -32.42
C VAL D 729 3.26 6.72 -31.00
N ASP D 730 2.91 5.43 -30.87
CA ASP D 730 2.87 4.80 -29.55
C ASP D 730 4.27 4.69 -28.93
N TYR D 731 5.27 4.30 -29.74
CA TYR D 731 6.66 4.27 -29.24
C TYR D 731 7.07 5.70 -28.83
N LEU D 732 6.81 6.66 -29.70
CA LEU D 732 7.17 8.06 -29.44
C LEU D 732 6.51 8.61 -28.18
N ALA D 733 5.26 8.27 -27.92
CA ALA D 733 4.56 8.71 -26.71
C ALA D 733 5.11 8.09 -25.44
N GLU D 734 5.46 6.81 -25.49
CA GLU D 734 6.14 6.18 -24.36
C GLU D 734 7.51 6.82 -24.09
N GLN D 735 8.22 7.18 -25.16
CA GLN D 735 9.55 7.82 -25.05
C GLN D 735 9.40 9.19 -24.36
N ALA D 736 8.42 9.99 -24.77
CA ALA D 736 8.09 11.26 -24.07
C ALA D 736 7.87 11.05 -22.59
N LEU D 737 7.13 10.01 -22.24
CA LEU D 737 6.89 9.74 -20.84
C LEU D 737 8.19 9.42 -20.07
N LYS D 738 9.05 8.60 -20.67
CA LYS D 738 10.36 8.26 -20.09
C LYS D 738 11.15 9.54 -19.81
N PHE D 739 11.11 10.45 -20.76
CA PHE D 739 11.91 11.70 -20.65
C PHE D 739 11.33 12.65 -19.59
N THR D 740 10.10 12.43 -19.10
CA THR D 740 9.64 13.21 -17.92
C THR D 740 10.37 12.82 -16.64
N SER D 741 10.81 11.55 -16.58
CA SER D 741 11.55 11.00 -15.43
C SER D 741 13.03 11.31 -15.44
N LEU D 742 13.53 11.89 -16.53
CA LEU D 742 14.93 12.20 -16.71
C LEU D 742 15.29 13.55 -16.05
N SER D 743 14.32 14.26 -15.51
CA SER D 743 14.59 15.60 -14.96
C SER D 743 15.44 15.53 -13.70
N TRP D 744 16.57 16.24 -13.70
CA TRP D 744 17.35 16.43 -12.45
C TRP D 744 17.11 17.73 -11.68
N ARG D 745 15.95 18.37 -11.90
CA ARG D 745 15.49 19.47 -11.04
C ARG D 745 14.84 18.97 -9.77
N SER D 746 14.40 17.71 -9.79
CA SER D 746 13.59 17.16 -8.71
C SER D 746 13.61 15.64 -8.74
N THR D 747 13.25 15.03 -7.61
CA THR D 747 13.04 13.57 -7.55
C THR D 747 11.74 13.17 -8.26
N LEU D 748 10.70 14.01 -8.18
CA LEU D 748 9.44 13.78 -8.89
C LEU D 748 9.59 14.10 -10.39
N PRO D 749 8.80 13.46 -11.27
CA PRO D 749 8.92 13.70 -12.70
C PRO D 749 8.43 15.07 -13.09
N ALA D 750 8.88 15.51 -14.24
CA ALA D 750 8.51 16.82 -14.75
C ALA D 750 7.21 16.76 -15.55
N ALA D 751 6.63 17.93 -15.83
CA ALA D 751 5.37 18.05 -16.58
C ALA D 751 5.48 17.81 -18.10
N THR D 752 6.68 17.83 -18.65
CA THR D 752 6.92 17.70 -20.08
C THR D 752 8.30 17.05 -20.21
N PRO D 753 8.58 16.34 -21.30
CA PRO D 753 9.91 15.70 -21.40
C PRO D 753 11.06 16.72 -21.29
N VAL D 754 12.19 16.28 -20.76
CA VAL D 754 13.32 17.21 -20.49
C VAL D 754 13.88 17.83 -21.75
N THR D 755 13.73 17.15 -22.88
CA THR D 755 14.12 17.70 -24.17
C THR D 755 13.50 19.07 -24.42
N ILE D 756 12.26 19.26 -23.99
CA ILE D 756 11.60 20.54 -24.12
C ILE D 756 11.82 21.39 -22.84
N PHE D 757 11.63 20.78 -21.68
CA PHE D 757 11.69 21.47 -20.39
C PHE D 757 13.03 22.16 -20.16
N TYR D 758 14.09 21.42 -20.39
CA TYR D 758 15.44 21.96 -20.18
C TYR D 758 15.71 23.09 -21.16
N SER D 759 15.30 22.90 -22.42
CA SER D 759 15.41 23.92 -23.44
C SER D 759 14.73 25.25 -23.06
N GLU D 760 13.56 25.16 -22.45
CA GLU D 760 12.87 26.34 -21.97
C GLU D 760 13.66 27.04 -20.86
N ARG D 761 14.20 26.26 -19.94
CA ARG D 761 14.95 26.85 -18.80
C ARG D 761 16.20 27.57 -19.32
N ILE D 762 16.87 26.92 -20.29
CA ILE D 762 18.07 27.48 -20.96
C ILE D 762 17.73 28.77 -21.72
N ALA D 763 16.62 28.76 -22.48
CA ALA D 763 16.26 29.92 -23.26
C ALA D 763 15.98 31.11 -22.37
N GLU D 764 15.31 30.84 -21.26
CA GLU D 764 14.88 31.91 -20.38
C GLU D 764 16.11 32.53 -19.73
N LEU D 765 16.98 31.69 -19.24
CA LEU D 765 18.20 32.15 -18.57
C LEU D 765 19.13 32.87 -19.52
N LEU D 766 19.38 32.29 -20.70
CA LEU D 766 20.24 32.94 -21.66
C LEU D 766 19.67 34.21 -22.23
N GLY D 767 18.35 34.27 -22.42
CA GLY D 767 17.71 35.45 -22.87
C GLY D 767 17.81 36.58 -21.83
N ARG D 768 17.66 36.25 -20.55
CA ARG D 768 17.82 37.26 -19.49
C ARG D 768 19.26 37.73 -19.41
N LEU D 769 20.18 36.79 -19.48
CA LEU D 769 21.63 37.08 -19.43
C LEU D 769 22.13 37.97 -20.54
N LYS D 770 21.55 37.88 -21.74
CA LYS D 770 21.97 38.72 -22.87
C LYS D 770 21.95 40.24 -22.56
N SER D 771 21.07 40.66 -21.64
CA SER D 771 20.94 42.08 -21.26
C SER D 771 21.69 42.47 -20.00
N ILE D 772 22.43 41.54 -19.38
CA ILE D 772 23.18 41.84 -18.18
C ILE D 772 24.59 42.35 -18.52
N PRO D 773 24.98 43.53 -17.98
CA PRO D 773 26.38 43.94 -18.23
C PRO D 773 27.42 42.95 -17.75
N ASN D 774 28.45 42.77 -18.57
CA ASN D 774 29.61 41.99 -18.22
C ASN D 774 29.35 40.49 -18.30
N TRP D 775 28.15 40.09 -18.74
CA TRP D 775 27.87 38.67 -19.06
C TRP D 775 28.73 38.23 -20.24
N SER D 776 29.32 37.05 -20.14
CA SER D 776 29.89 36.36 -21.31
C SER D 776 29.56 34.87 -21.30
N SER D 777 29.18 34.33 -22.46
CA SER D 777 28.97 32.90 -22.60
C SER D 777 30.22 32.08 -22.85
N ALA D 778 31.42 32.68 -22.80
CA ALA D 778 32.68 31.94 -23.09
C ALA D 778 32.88 30.63 -22.34
N ASN D 779 32.45 30.54 -21.07
CA ASN D 779 32.67 29.33 -20.31
C ASN D 779 31.61 28.23 -20.45
N LEU D 780 30.51 28.52 -21.15
CA LEU D 780 29.38 27.58 -21.24
C LEU D 780 29.82 26.28 -21.89
N ASN D 781 30.74 26.40 -22.86
CA ASN D 781 31.28 25.23 -23.58
C ASN D 781 32.75 24.93 -23.23
N ILE D 782 33.24 25.47 -22.11
CA ILE D 782 34.55 25.15 -21.57
C ILE D 782 34.35 24.63 -20.15
N LYS D 783 34.44 25.49 -19.12
CA LYS D 783 34.31 24.98 -17.77
C LYS D 783 32.95 24.33 -17.44
N LEU D 784 31.92 24.78 -18.11
CA LEU D 784 30.53 24.40 -17.85
C LEU D 784 29.99 23.39 -18.87
N LYS D 785 30.88 22.86 -19.70
CA LYS D 785 30.41 22.04 -20.83
C LYS D 785 29.57 20.85 -20.36
N TRP D 786 29.93 20.26 -19.22
CA TRP D 786 29.26 19.07 -18.67
C TRP D 786 28.41 19.40 -17.45
N SER D 787 28.31 20.69 -17.13
CA SER D 787 27.57 21.13 -15.97
C SER D 787 26.13 21.35 -16.37
N ARG D 788 25.20 20.82 -15.59
CA ARG D 788 23.78 21.09 -15.87
C ARG D 788 23.36 22.39 -15.21
N TRP D 789 23.92 23.48 -15.72
CA TRP D 789 23.90 24.80 -15.03
C TRP D 789 22.57 25.48 -15.01
N PHE D 790 21.64 24.99 -15.85
CA PHE D 790 20.36 25.56 -16.14
C PHE D 790 19.24 24.97 -15.26
N LEU D 791 19.51 23.99 -14.41
CA LEU D 791 18.44 23.35 -13.61
C LEU D 791 17.91 24.26 -12.49
C ACT G . -31.31 -18.84 16.41
O ACT G . -30.52 -17.87 16.53
OXT ACT G . -32.37 -18.72 15.77
CH3 ACT G . -30.95 -20.16 17.05
C ACT H . -20.70 -5.94 7.15
O ACT H . -20.23 -4.94 7.73
OXT ACT H . -21.41 -5.86 6.12
CH3 ACT H . -20.41 -7.30 7.71
MG MG I . 9.66 -23.61 30.14
C ACT J . -5.79 41.68 7.53
O ACT J . -5.30 40.94 8.42
OXT ACT J . -7.03 41.78 7.37
CH3 ACT J . -4.88 42.46 6.62
C ACT K . 29.29 24.97 8.22
O ACT K . 30.41 24.73 8.71
OXT ACT K . 28.36 24.13 8.28
CH3 ACT K . 29.06 26.28 7.55
MG MG L . 17.05 25.39 -10.39
C1 MPD M . -7.74 34.46 -25.94
C2 MPD M . -6.58 34.48 -26.93
O2 MPD M . -7.11 34.51 -28.25
CM MPD M . -5.78 35.76 -26.79
C3 MPD M . -5.66 33.26 -26.83
C4 MPD M . -6.31 31.98 -26.26
O4 MPD M . -7.58 31.73 -26.85
C5 MPD M . -5.44 30.76 -26.50
#